data_3HU8
# 
_entry.id   3HU8 
# 
_audit_conform.dict_name       mmcif_pdbx.dic 
_audit_conform.dict_version    5.378 
_audit_conform.dict_location   http://mmcif.pdb.org/dictionaries/ascii/mmcif_pdbx.dic 
# 
loop_
_database_2.database_id 
_database_2.database_code 
_database_2.pdbx_database_accession 
_database_2.pdbx_DOI 
PDB   3HU8         pdb_00003hu8 10.2210/pdb3hu8/pdb 
RCSB  RCSB053588   ?            ?                   
WWPDB D_1000053588 ?            ?                   
# 
loop_
_pdbx_database_related.db_name 
_pdbx_database_related.db_id 
_pdbx_database_related.details 
_pdbx_database_related.content_type 
PDB 1LGU . unspecified 
PDB 3HT6 . unspecified 
PDB 3HT7 . unspecified 
PDB 3HT8 . unspecified 
PDB 3HT9 . unspecified 
PDB 3HTB . unspecified 
PDB 3HTD . unspecified 
PDB 3HTF . unspecified 
PDB 3HUG . unspecified 
PDB 3HU9 . unspecified 
PDB 3HUA . unspecified 
PDB 3HUK . unspecified 
PDB 3HUQ . unspecified 
# 
_pdbx_database_status.entry_id                        3HU8 
_pdbx_database_status.status_code                     REL 
_pdbx_database_status.deposit_site                    RCSB 
_pdbx_database_status.process_site                    RCSB 
_pdbx_database_status.recvd_initial_deposition_date   2009-06-13 
_pdbx_database_status.status_code_sf                  REL 
_pdbx_database_status.status_code_mr                  ? 
_pdbx_database_status.SG_entry                        ? 
_pdbx_database_status.pdb_format_compatible           Y 
_pdbx_database_status.status_code_cs                  ? 
_pdbx_database_status.status_code_nmr_data            ? 
_pdbx_database_status.methods_development_category    ? 
# 
loop_
_audit_author.name 
_audit_author.pdbx_ordinal 
'Boyce, S.E.'    1 
'Mobley, D.L.'   2 
'Rocklin, G.J.'  3 
'Graves, A.P.'   4 
'Dill, K.A.'     5 
'Shoichet, B.K.' 6 
# 
_citation.id                        primary 
_citation.title                     
'Predicting ligand binding affinity with alchemical free energy methods in a polar model binding site.' 
_citation.journal_abbrev            J.Mol.Biol. 
_citation.journal_volume            394 
_citation.page_first                747 
_citation.page_last                 763 
_citation.year                      2009 
_citation.journal_id_ASTM           JMOBAK 
_citation.country                   UK 
_citation.journal_id_ISSN           0022-2836 
_citation.journal_id_CSD            0070 
_citation.book_publisher            ? 
_citation.pdbx_database_id_PubMed   19782087 
_citation.pdbx_database_id_DOI      10.1016/j.jmb.2009.09.049 
# 
loop_
_citation_author.citation_id 
_citation_author.name 
_citation_author.ordinal 
_citation_author.identifier_ORCID 
primary 'Boyce, S.E.'    1 ? 
primary 'Mobley, D.L.'   2 ? 
primary 'Rocklin, G.J.'  3 ? 
primary 'Graves, A.P.'   4 ? 
primary 'Dill, K.A.'     5 ? 
primary 'Shoichet, B.K.' 6 ? 
# 
_cell.length_a           60.140 
_cell.length_b           60.140 
_cell.length_c           96.160 
_cell.angle_alpha        90.000 
_cell.angle_beta         90.000 
_cell.angle_gamma        120.000 
_cell.entry_id           3HU8 
_cell.pdbx_unique_axis   ? 
_cell.Z_PDB              6 
_cell.length_a_esd       ? 
_cell.length_b_esd       ? 
_cell.length_c_esd       ? 
_cell.angle_alpha_esd    ? 
_cell.angle_beta_esd     ? 
_cell.angle_gamma_esd    ? 
# 
_symmetry.space_group_name_H-M             'P 32 2 1' 
_symmetry.entry_id                         3HU8 
_symmetry.Int_Tables_number                154 
_symmetry.pdbx_full_space_group_name_H-M   ? 
_symmetry.cell_setting                     ? 
_symmetry.space_group_name_Hall            ? 
# 
loop_
_entity.id 
_entity.type 
_entity.src_method 
_entity.pdbx_description 
_entity.formula_weight 
_entity.pdbx_number_of_molecules 
_entity.pdbx_ec 
_entity.pdbx_mutation 
_entity.pdbx_fragment 
_entity.details 
1 polymer     man Lysozyme        18646.316 1   3.2.1.17 S38D,L99A,M102Q,N144D ? ? 
2 non-polymer syn 'PHOSPHATE ION' 94.971    2   ?        ?                     ? ? 
3 non-polymer syn 2-ethoxyphenol  138.164   1   ?        ?                     ? ? 
4 water       nat water           18.015    203 ?        ?                     ? ? 
# 
_entity_name_com.entity_id   1 
_entity_name_com.name        'Lysis protein, Muramidase, Endolysin' 
# 
_entity_poly.entity_id                      1 
_entity_poly.type                           'polypeptide(L)' 
_entity_poly.nstd_linkage                   no 
_entity_poly.nstd_monomer                   no 
_entity_poly.pdbx_seq_one_letter_code       
;MNIFEMLRIDEGLRLKIYKDTEGYYTIGIGHLLTKSPDLNAAKSELDKAIGRNCNGVITKDEAEKLFNQDVDAAVRGILR
NAKLKPVYDSLDAVRRCAAINQVFQMGETGVAGFTNSLRMLQQKRWDEAAVNLAKSRWYNQTPDRAKRVITTFRTGTWDA
YKNL
;
_entity_poly.pdbx_seq_one_letter_code_can   
;MNIFEMLRIDEGLRLKIYKDTEGYYTIGIGHLLTKSPDLNAAKSELDKAIGRNCNGVITKDEAEKLFNQDVDAAVRGILR
NAKLKPVYDSLDAVRRCAAINQVFQMGETGVAGFTNSLRMLQQKRWDEAAVNLAKSRWYNQTPDRAKRVITTFRTGTWDA
YKNL
;
_entity_poly.pdbx_strand_id                 A 
_entity_poly.pdbx_target_identifier         ? 
# 
loop_
_entity_poly_seq.entity_id 
_entity_poly_seq.num 
_entity_poly_seq.mon_id 
_entity_poly_seq.hetero 
1 1   MET n 
1 2   ASN n 
1 3   ILE n 
1 4   PHE n 
1 5   GLU n 
1 6   MET n 
1 7   LEU n 
1 8   ARG n 
1 9   ILE n 
1 10  ASP n 
1 11  GLU n 
1 12  GLY n 
1 13  LEU n 
1 14  ARG n 
1 15  LEU n 
1 16  LYS n 
1 17  ILE n 
1 18  TYR n 
1 19  LYS n 
1 20  ASP n 
1 21  THR n 
1 22  GLU n 
1 23  GLY n 
1 24  TYR n 
1 25  TYR n 
1 26  THR n 
1 27  ILE n 
1 28  GLY n 
1 29  ILE n 
1 30  GLY n 
1 31  HIS n 
1 32  LEU n 
1 33  LEU n 
1 34  THR n 
1 35  LYS n 
1 36  SER n 
1 37  PRO n 
1 38  ASP n 
1 39  LEU n 
1 40  ASN n 
1 41  ALA n 
1 42  ALA n 
1 43  LYS n 
1 44  SER n 
1 45  GLU n 
1 46  LEU n 
1 47  ASP n 
1 48  LYS n 
1 49  ALA n 
1 50  ILE n 
1 51  GLY n 
1 52  ARG n 
1 53  ASN n 
1 54  CYS n 
1 55  ASN n 
1 56  GLY n 
1 57  VAL n 
1 58  ILE n 
1 59  THR n 
1 60  LYS n 
1 61  ASP n 
1 62  GLU n 
1 63  ALA n 
1 64  GLU n 
1 65  LYS n 
1 66  LEU n 
1 67  PHE n 
1 68  ASN n 
1 69  GLN n 
1 70  ASP n 
1 71  VAL n 
1 72  ASP n 
1 73  ALA n 
1 74  ALA n 
1 75  VAL n 
1 76  ARG n 
1 77  GLY n 
1 78  ILE n 
1 79  LEU n 
1 80  ARG n 
1 81  ASN n 
1 82  ALA n 
1 83  LYS n 
1 84  LEU n 
1 85  LYS n 
1 86  PRO n 
1 87  VAL n 
1 88  TYR n 
1 89  ASP n 
1 90  SER n 
1 91  LEU n 
1 92  ASP n 
1 93  ALA n 
1 94  VAL n 
1 95  ARG n 
1 96  ARG n 
1 97  CYS n 
1 98  ALA n 
1 99  ALA n 
1 100 ILE n 
1 101 ASN n 
1 102 GLN n 
1 103 VAL n 
1 104 PHE n 
1 105 GLN n 
1 106 MET n 
1 107 GLY n 
1 108 GLU n 
1 109 THR n 
1 110 GLY n 
1 111 VAL n 
1 112 ALA n 
1 113 GLY n 
1 114 PHE n 
1 115 THR n 
1 116 ASN n 
1 117 SER n 
1 118 LEU n 
1 119 ARG n 
1 120 MET n 
1 121 LEU n 
1 122 GLN n 
1 123 GLN n 
1 124 LYS n 
1 125 ARG n 
1 126 TRP n 
1 127 ASP n 
1 128 GLU n 
1 129 ALA n 
1 130 ALA n 
1 131 VAL n 
1 132 ASN n 
1 133 LEU n 
1 134 ALA n 
1 135 LYS n 
1 136 SER n 
1 137 ARG n 
1 138 TRP n 
1 139 TYR n 
1 140 ASN n 
1 141 GLN n 
1 142 THR n 
1 143 PRO n 
1 144 ASP n 
1 145 ARG n 
1 146 ALA n 
1 147 LYS n 
1 148 ARG n 
1 149 VAL n 
1 150 ILE n 
1 151 THR n 
1 152 THR n 
1 153 PHE n 
1 154 ARG n 
1 155 THR n 
1 156 GLY n 
1 157 THR n 
1 158 TRP n 
1 159 ASP n 
1 160 ALA n 
1 161 TYR n 
1 162 LYS n 
1 163 ASN n 
1 164 LEU n 
# 
_entity_src_gen.entity_id                          1 
_entity_src_gen.pdbx_src_id                        1 
_entity_src_gen.pdbx_alt_source_flag               sample 
_entity_src_gen.pdbx_seq_type                      ? 
_entity_src_gen.pdbx_beg_seq_num                   ? 
_entity_src_gen.pdbx_end_seq_num                   ? 
_entity_src_gen.gene_src_common_name               'Bacteriophage T4' 
_entity_src_gen.gene_src_genus                     ? 
_entity_src_gen.pdbx_gene_src_gene                 E 
_entity_src_gen.gene_src_species                   ? 
_entity_src_gen.gene_src_strain                    'Enterobacteria Phage T4 Sensu Lato' 
_entity_src_gen.gene_src_tissue                    ? 
_entity_src_gen.gene_src_tissue_fraction           ? 
_entity_src_gen.gene_src_details                   ? 
_entity_src_gen.pdbx_gene_src_fragment             ? 
_entity_src_gen.pdbx_gene_src_scientific_name      'Enterobacteria phage T4' 
_entity_src_gen.pdbx_gene_src_ncbi_taxonomy_id     10665 
_entity_src_gen.pdbx_gene_src_variant              ? 
_entity_src_gen.pdbx_gene_src_cell_line            ? 
_entity_src_gen.pdbx_gene_src_atcc                 ? 
_entity_src_gen.pdbx_gene_src_organ                ? 
_entity_src_gen.pdbx_gene_src_organelle            ? 
_entity_src_gen.pdbx_gene_src_cell                 ? 
_entity_src_gen.pdbx_gene_src_cellular_location    ? 
_entity_src_gen.host_org_common_name               ? 
_entity_src_gen.pdbx_host_org_scientific_name      'Escherichia coli' 
_entity_src_gen.pdbx_host_org_ncbi_taxonomy_id     562 
_entity_src_gen.host_org_genus                     ? 
_entity_src_gen.pdbx_host_org_gene                 ? 
_entity_src_gen.pdbx_host_org_organ                ? 
_entity_src_gen.host_org_species                   ? 
_entity_src_gen.pdbx_host_org_tissue               ? 
_entity_src_gen.pdbx_host_org_tissue_fraction      ? 
_entity_src_gen.pdbx_host_org_strain               ? 
_entity_src_gen.pdbx_host_org_variant              ? 
_entity_src_gen.pdbx_host_org_cell_line            ? 
_entity_src_gen.pdbx_host_org_atcc                 ? 
_entity_src_gen.pdbx_host_org_culture_collection   ? 
_entity_src_gen.pdbx_host_org_cell                 ? 
_entity_src_gen.pdbx_host_org_organelle            ? 
_entity_src_gen.pdbx_host_org_cellular_location    ? 
_entity_src_gen.pdbx_host_org_vector_type          plasmid 
_entity_src_gen.pdbx_host_org_vector               ? 
_entity_src_gen.host_org_details                   ? 
_entity_src_gen.expression_system_id               ? 
_entity_src_gen.plasmid_name                       M13 
_entity_src_gen.plasmid_details                    ? 
_entity_src_gen.pdbx_description                   ? 
# 
_struct_ref.id                         1 
_struct_ref.db_name                    UNP 
_struct_ref.db_code                    LYS_BPT4 
_struct_ref.pdbx_db_accession          P00720 
_struct_ref.entity_id                  1 
_struct_ref.pdbx_seq_one_letter_code   
;MNIFEMLRIDEGLRLKIYKDTEGYYTIGIGHLLTKSPSLNAAKSELDKAIGRNCNGVITKDEAEKLFNQDVDAAVRGILR
NAKLKPVYDSLDAVRRCALINMVFQMGETGVAGFTNSLRMLQQKRWDEAAVNLAKSRWYNQTPNRAKRVITTFRTGTWDA
YKNL
;
_struct_ref.pdbx_align_begin           1 
_struct_ref.pdbx_db_isoform            ? 
# 
_struct_ref_seq.align_id                      1 
_struct_ref_seq.ref_id                        1 
_struct_ref_seq.pdbx_PDB_id_code              3HU8 
_struct_ref_seq.pdbx_strand_id                A 
_struct_ref_seq.seq_align_beg                 1 
_struct_ref_seq.pdbx_seq_align_beg_ins_code   ? 
_struct_ref_seq.seq_align_end                 164 
_struct_ref_seq.pdbx_seq_align_end_ins_code   ? 
_struct_ref_seq.pdbx_db_accession             P00720 
_struct_ref_seq.db_align_beg                  1 
_struct_ref_seq.pdbx_db_align_beg_ins_code    ? 
_struct_ref_seq.db_align_end                  164 
_struct_ref_seq.pdbx_db_align_end_ins_code    ? 
_struct_ref_seq.pdbx_auth_seq_align_beg       1 
_struct_ref_seq.pdbx_auth_seq_align_end       164 
# 
loop_
_struct_ref_seq_dif.align_id 
_struct_ref_seq_dif.pdbx_pdb_id_code 
_struct_ref_seq_dif.mon_id 
_struct_ref_seq_dif.pdbx_pdb_strand_id 
_struct_ref_seq_dif.seq_num 
_struct_ref_seq_dif.pdbx_pdb_ins_code 
_struct_ref_seq_dif.pdbx_seq_db_name 
_struct_ref_seq_dif.pdbx_seq_db_accession_code 
_struct_ref_seq_dif.db_mon_id 
_struct_ref_seq_dif.pdbx_seq_db_seq_num 
_struct_ref_seq_dif.details 
_struct_ref_seq_dif.pdbx_auth_seq_num 
_struct_ref_seq_dif.pdbx_ordinal 
1 3HU8 ASP A 38  ? UNP P00720 SER 38  'engineered mutation' 38  1 
1 3HU8 ALA A 99  ? UNP P00720 LEU 99  'engineered mutation' 99  2 
1 3HU8 GLN A 102 ? UNP P00720 MET 102 'engineered mutation' 102 3 
1 3HU8 ASP A 144 ? UNP P00720 ASN 144 'engineered mutation' 144 4 
# 
loop_
_chem_comp.id 
_chem_comp.type 
_chem_comp.mon_nstd_flag 
_chem_comp.name 
_chem_comp.pdbx_synonyms 
_chem_comp.formula 
_chem_comp.formula_weight 
261 non-polymer         . 2-ethoxyphenol  ? 'C8 H10 O2'      138.164 
ALA 'L-peptide linking' y ALANINE         ? 'C3 H7 N O2'     89.093  
ARG 'L-peptide linking' y ARGININE        ? 'C6 H15 N4 O2 1' 175.209 
ASN 'L-peptide linking' y ASPARAGINE      ? 'C4 H8 N2 O3'    132.118 
ASP 'L-peptide linking' y 'ASPARTIC ACID' ? 'C4 H7 N O4'     133.103 
CYS 'L-peptide linking' y CYSTEINE        ? 'C3 H7 N O2 S'   121.158 
GLN 'L-peptide linking' y GLUTAMINE       ? 'C5 H10 N2 O3'   146.144 
GLU 'L-peptide linking' y 'GLUTAMIC ACID' ? 'C5 H9 N O4'     147.129 
GLY 'peptide linking'   y GLYCINE         ? 'C2 H5 N O2'     75.067  
HIS 'L-peptide linking' y HISTIDINE       ? 'C6 H10 N3 O2 1' 156.162 
HOH non-polymer         . WATER           ? 'H2 O'           18.015  
ILE 'L-peptide linking' y ISOLEUCINE      ? 'C6 H13 N O2'    131.173 
LEU 'L-peptide linking' y LEUCINE         ? 'C6 H13 N O2'    131.173 
LYS 'L-peptide linking' y LYSINE          ? 'C6 H15 N2 O2 1' 147.195 
MET 'L-peptide linking' y METHIONINE      ? 'C5 H11 N O2 S'  149.211 
PHE 'L-peptide linking' y PHENYLALANINE   ? 'C9 H11 N O2'    165.189 
PO4 non-polymer         . 'PHOSPHATE ION' ? 'O4 P -3'        94.971  
PRO 'L-peptide linking' y PROLINE         ? 'C5 H9 N O2'     115.130 
SER 'L-peptide linking' y SERINE          ? 'C3 H7 N O3'     105.093 
THR 'L-peptide linking' y THREONINE       ? 'C4 H9 N O3'     119.119 
TRP 'L-peptide linking' y TRYPTOPHAN      ? 'C11 H12 N2 O2'  204.225 
TYR 'L-peptide linking' y TYROSINE        ? 'C9 H11 N O3'    181.189 
VAL 'L-peptide linking' y VALINE          ? 'C5 H11 N O2'    117.146 
# 
_exptl.crystals_number   1 
_exptl.entry_id          3HU8 
_exptl.method            'X-RAY DIFFRACTION' 
# 
_exptl_crystal.id                    1 
_exptl_crystal.density_Matthews      2.69 
_exptl_crystal.density_meas          ? 
_exptl_crystal.density_percent_sol   54.31 
_exptl_crystal.description           ? 
_exptl_crystal.F_000                 ? 
_exptl_crystal.preparation           ? 
# 
_exptl_crystal_grow.crystal_id      1 
_exptl_crystal_grow.method          'VAPOR DIFFUSION, HANGING DROP' 
_exptl_crystal_grow.pH              6.5 
_exptl_crystal_grow.temp            277 
_exptl_crystal_grow.pdbx_details    
;2.2M sodium-potassium phosphate, 0.05M beta-mercaptoethanol, 0.05M 2-hydroxyethyldisulfide, pH 6.5, vapor diffusion, hanging drop, temperature 277K
;
_exptl_crystal_grow.temp_details    ? 
_exptl_crystal_grow.pdbx_pH_range   ? 
# 
_diffrn.id                     1 
_diffrn.ambient_temp           296 
_diffrn.ambient_temp_details   ? 
_diffrn.crystal_id             1 
# 
_diffrn_detector.diffrn_id              1 
_diffrn_detector.detector               CCD 
_diffrn_detector.type                   'ADSC QUANTUM 315r' 
_diffrn_detector.pdbx_collection_date   2008-07-01 
_diffrn_detector.details                ? 
# 
_diffrn_radiation.diffrn_id                        1 
_diffrn_radiation.pdbx_diffrn_protocol             'SINGLE WAVELENGTH' 
_diffrn_radiation.monochromator                    ? 
_diffrn_radiation.wavelength_id                    1 
_diffrn_radiation.pdbx_monochromatic_or_laue_m_l   M 
_diffrn_radiation.pdbx_scattering_type             x-ray 
# 
_diffrn_radiation_wavelength.id           1 
_diffrn_radiation_wavelength.wavelength   1.11589 
_diffrn_radiation_wavelength.wt           1.0 
# 
_diffrn_source.diffrn_id                   1 
_diffrn_source.source                      SYNCHROTRON 
_diffrn_source.type                        'ALS BEAMLINE 8.3.1' 
_diffrn_source.pdbx_wavelength             ? 
_diffrn_source.pdbx_wavelength_list        1.11589 
_diffrn_source.pdbx_synchrotron_site       ALS 
_diffrn_source.pdbx_synchrotron_beamline   8.3.1 
# 
_reflns.entry_id                     3HU8 
_reflns.d_resolution_high            1.800 
_reflns.number_obs                   19222 
_reflns.pdbx_Rmerge_I_obs            0.089 
_reflns.percent_possible_obs         99.900 
_reflns.B_iso_Wilson_estimate        23.221 
_reflns.observed_criterion_sigma_I   0 
_reflns.observed_criterion_sigma_F   0 
_reflns.d_resolution_low             30 
_reflns.number_all                   19222 
_reflns.pdbx_Rsym_value              ? 
_reflns.pdbx_netI_over_sigmaI        17.37 
_reflns.pdbx_redundancy              8.71 
_reflns.R_free_details               ? 
_reflns.limit_h_max                  ? 
_reflns.limit_h_min                  ? 
_reflns.limit_k_max                  ? 
_reflns.limit_k_min                  ? 
_reflns.limit_l_max                  ? 
_reflns.limit_l_min                  ? 
_reflns.observed_criterion_F_max     ? 
_reflns.observed_criterion_F_min     ? 
_reflns.pdbx_chi_squared             ? 
_reflns.pdbx_scaling_rejects         ? 
_reflns.pdbx_diffrn_id               1 
_reflns.pdbx_ordinal                 1 
# 
_reflns_shell.d_res_high             1.80 
_reflns_shell.d_res_low              1.93 
_reflns_shell.number_measured_obs    32151 
_reflns_shell.number_measured_all    ? 
_reflns_shell.number_unique_obs      3565 
_reflns_shell.Rmerge_I_obs           0.425 
_reflns_shell.meanI_over_sigI_obs    4.7 
_reflns_shell.pdbx_Rsym_value        ? 
_reflns_shell.pdbx_chi_squared       ? 
_reflns_shell.pdbx_redundancy        9.02 
_reflns_shell.percent_possible_obs   ? 
_reflns_shell.number_unique_all      3565 
_reflns_shell.percent_possible_all   100.00 
_reflns_shell.pdbx_diffrn_id         ? 
_reflns_shell.pdbx_ordinal           1 
# 
_refine.entry_id                                 3HU8 
_refine.ls_d_res_high                            1.800 
_refine.ls_d_res_low                             28.700 
_refine.pdbx_ls_sigma_F                          0.00 
_refine.pdbx_data_cutoff_high_absF               ? 
_refine.pdbx_data_cutoff_low_absF                ? 
_refine.ls_percent_reflns_obs                    100.000 
_refine.ls_number_reflns_obs                     19222 
_refine.ls_number_reflns_all                     19222 
_refine.pdbx_ls_cross_valid_method               THROUGHOUT 
_refine.pdbx_R_Free_selection_details            RANDOM 
_refine.details                                  'HYDROGENS HAVE BEEN ADDED IN THE RIDING POSITIONS' 
_refine.ls_R_factor_all                          0.182 
_refine.ls_R_factor_obs                          0.182 
_refine.ls_R_factor_R_work                       0.181 
_refine.ls_wR_factor_R_work                      ? 
_refine.ls_R_factor_R_free                       0.213 
_refine.ls_wR_factor_R_free                      ? 
_refine.ls_percent_reflns_R_free                 2.000 
_refine.ls_number_reflns_R_free                  385 
_refine.ls_R_factor_R_free_error                 ? 
_refine.B_iso_mean                               16.156 
_refine.solvent_model_param_bsol                 ? 
_refine.solvent_model_param_ksol                 ? 
_refine.pdbx_isotropic_thermal_model             ? 
_refine.aniso_B[1][1]                            0.550 
_refine.aniso_B[2][2]                            0.550 
_refine.aniso_B[3][3]                            -0.820 
_refine.aniso_B[1][2]                            0.270 
_refine.aniso_B[1][3]                            0.000 
_refine.aniso_B[2][3]                            0.000 
_refine.correlation_coeff_Fo_to_Fc               0.948 
_refine.correlation_coeff_Fo_to_Fc_free          0.931 
_refine.overall_SU_R_Cruickshank_DPI             ? 
_refine.overall_SU_R_free                        ? 
_refine.pdbx_overall_ESU_R                       0.115 
_refine.pdbx_overall_ESU_R_Free                  0.111 
_refine.overall_SU_ML                            0.078 
_refine.overall_SU_B                             2.430 
_refine.solvent_model_details                    MASK 
_refine.pdbx_solvent_vdw_probe_radii             1.200 
_refine.pdbx_solvent_ion_probe_radii             0.800 
_refine.pdbx_solvent_shrinkage_radii             0.800 
_refine.ls_number_parameters                     ? 
_refine.ls_number_restraints                     ? 
_refine.pdbx_starting_model                      'PDB ENTRY 1LGU' 
_refine.pdbx_method_to_determine_struct          REFMAC 
_refine.pdbx_stereochemistry_target_values       'MAXIMUM LIKELIHOOD' 
_refine.pdbx_stereochem_target_val_spec_case     ? 
_refine.overall_FOM_work_R_set                   ? 
_refine.B_iso_max                                61.01 
_refine.B_iso_min                                6.75 
_refine.occupancy_max                            1.00 
_refine.occupancy_min                            0.50 
_refine.pdbx_ls_sigma_I                          ? 
_refine.ls_redundancy_reflns_obs                 ? 
_refine.ls_R_factor_R_free_error_details         ? 
_refine.pdbx_data_cutoff_high_rms_absF           ? 
_refine.overall_FOM_free_R_set                   ? 
_refine.pdbx_overall_phase_error                 ? 
_refine.pdbx_refine_id                           'X-RAY DIFFRACTION' 
_refine.pdbx_diffrn_id                           1 
_refine.pdbx_TLS_residual_ADP_flag               ? 
_refine.pdbx_overall_SU_R_free_Cruickshank_DPI   ? 
_refine.pdbx_overall_SU_R_Blow_DPI               ? 
_refine.pdbx_overall_SU_R_free_Blow_DPI          ? 
# 
_refine_hist.pdbx_refine_id                   'X-RAY DIFFRACTION' 
_refine_hist.cycle_id                         LAST 
_refine_hist.pdbx_number_atoms_protein        1331 
_refine_hist.pdbx_number_atoms_nucleic_acid   0 
_refine_hist.pdbx_number_atoms_ligand         20 
_refine_hist.number_atoms_solvent             203 
_refine_hist.number_atoms_total               1554 
_refine_hist.d_res_high                       1.800 
_refine_hist.d_res_low                        28.700 
# 
loop_
_refine_ls_restr.type 
_refine_ls_restr.number 
_refine_ls_restr.dev_ideal 
_refine_ls_restr.dev_ideal_target 
_refine_ls_restr.weight 
_refine_ls_restr.pdbx_refine_id 
_refine_ls_restr.pdbx_restraint_function 
r_bond_refined_d         1375 0.012  0.022  ? 'X-RAY DIFFRACTION' ? 
r_angle_refined_deg      1857 1.273  1.967  ? 'X-RAY DIFFRACTION' ? 
r_dihedral_angle_1_deg   172  5.380  5.000  ? 'X-RAY DIFFRACTION' ? 
r_dihedral_angle_2_deg   68   33.782 23.088 ? 'X-RAY DIFFRACTION' ? 
r_dihedral_angle_3_deg   259  11.222 15.000 ? 'X-RAY DIFFRACTION' ? 
r_dihedral_angle_4_deg   16   14.594 15.000 ? 'X-RAY DIFFRACTION' ? 
r_chiral_restr           201  0.079  0.200  ? 'X-RAY DIFFRACTION' ? 
r_gen_planes_refined     1035 0.005  0.020  ? 'X-RAY DIFFRACTION' ? 
r_nbd_refined            746  0.203  0.200  ? 'X-RAY DIFFRACTION' ? 
r_nbtor_refined          949  0.308  0.200  ? 'X-RAY DIFFRACTION' ? 
r_xyhbond_nbd_refined    185  0.160  0.200  ? 'X-RAY DIFFRACTION' ? 
r_symmetry_vdw_refined   43   0.151  0.200  ? 'X-RAY DIFFRACTION' ? 
r_symmetry_hbond_refined 26   0.246  0.200  ? 'X-RAY DIFFRACTION' ? 
r_mcbond_it              844  0.711  1.500  ? 'X-RAY DIFFRACTION' ? 
r_mcangle_it             1318 1.132  2.000  ? 'X-RAY DIFFRACTION' ? 
r_scbond_it              603  2.210  3.000  ? 'X-RAY DIFFRACTION' ? 
r_scangle_it             533  3.258  4.500  ? 'X-RAY DIFFRACTION' ? 
# 
_refine_ls_shell.d_res_high                       1.800 
_refine_ls_shell.d_res_low                        1.847 
_refine_ls_shell.pdbx_total_number_of_bins_used   20 
_refine_ls_shell.percent_reflns_obs               100.000 
_refine_ls_shell.number_reflns_R_work             1360 
_refine_ls_shell.R_factor_all                     ? 
_refine_ls_shell.R_factor_R_work                  0.223 
_refine_ls_shell.R_factor_R_free                  0.362 
_refine_ls_shell.percent_reflns_R_free            ? 
_refine_ls_shell.number_reflns_R_free             28 
_refine_ls_shell.R_factor_R_free_error            ? 
_refine_ls_shell.number_reflns_all                1388 
_refine_ls_shell.number_reflns_obs                1360 
_refine_ls_shell.redundancy_reflns_obs            ? 
_refine_ls_shell.pdbx_refine_id                   'X-RAY DIFFRACTION' 
# 
_struct.entry_id                  3HU8 
_struct.title                     '2-ethoxyphenol in complex with T4 lysozyme L99A/M102Q' 
_struct.pdbx_model_details        ? 
_struct.pdbx_CASP_flag            ? 
_struct.pdbx_model_type_details   ? 
# 
_struct_keywords.entry_id        3HU8 
_struct_keywords.text            'HYDROLASE, GLYCOSIDASE, BACTERIOLYTIC ENZYME, Antimicrobial' 
_struct_keywords.pdbx_keywords   HYDROLASE 
# 
loop_
_struct_asym.id 
_struct_asym.pdbx_blank_PDB_chainid_flag 
_struct_asym.pdbx_modified 
_struct_asym.entity_id 
_struct_asym.details 
A N N 1 ? 
B N N 2 ? 
C N N 2 ? 
D N N 3 ? 
E N N 4 ? 
# 
_struct_biol.id        1 
_struct_biol.details   ? 
# 
loop_
_struct_conf.conf_type_id 
_struct_conf.id 
_struct_conf.pdbx_PDB_helix_id 
_struct_conf.beg_label_comp_id 
_struct_conf.beg_label_asym_id 
_struct_conf.beg_label_seq_id 
_struct_conf.pdbx_beg_PDB_ins_code 
_struct_conf.end_label_comp_id 
_struct_conf.end_label_asym_id 
_struct_conf.end_label_seq_id 
_struct_conf.pdbx_end_PDB_ins_code 
_struct_conf.beg_auth_comp_id 
_struct_conf.beg_auth_asym_id 
_struct_conf.beg_auth_seq_id 
_struct_conf.end_auth_comp_id 
_struct_conf.end_auth_asym_id 
_struct_conf.end_auth_seq_id 
_struct_conf.pdbx_PDB_helix_class 
_struct_conf.details 
_struct_conf.pdbx_PDB_helix_length 
HELX_P HELX_P1  1  ASN A 2   ? GLY A 12  ? ASN A 2   GLY A 12  1 ? 11 
HELX_P HELX_P2  2  ASP A 38  ? GLY A 51  ? ASP A 38  GLY A 51  1 ? 14 
HELX_P HELX_P3  3  THR A 59  ? ASN A 81  ? THR A 59  ASN A 81  1 ? 23 
HELX_P HELX_P4  4  LEU A 84  ? LEU A 91  ? LEU A 84  LEU A 91  1 ? 8  
HELX_P HELX_P5  5  ASP A 92  ? VAL A 111 ? ASP A 92  VAL A 111 1 ? 20 
HELX_P HELX_P6  6  PHE A 114 ? GLN A 123 ? PHE A 114 GLN A 123 1 ? 10 
HELX_P HELX_P7  7  ARG A 125 ? LYS A 135 ? ARG A 125 LYS A 135 1 ? 11 
HELX_P HELX_P8  8  SER A 136 ? THR A 142 ? SER A 136 THR A 142 1 ? 7  
HELX_P HELX_P9  9  THR A 142 ? GLY A 156 ? THR A 142 GLY A 156 1 ? 15 
HELX_P HELX_P10 10 TRP A 158 ? LYS A 162 ? TRP A 158 LYS A 162 5 ? 5  
# 
_struct_conf_type.id          HELX_P 
_struct_conf_type.criteria    ? 
_struct_conf_type.reference   ? 
# 
_struct_sheet.id               A 
_struct_sheet.type             ? 
_struct_sheet.number_strands   3 
_struct_sheet.details          ? 
# 
loop_
_struct_sheet_order.sheet_id 
_struct_sheet_order.range_id_1 
_struct_sheet_order.range_id_2 
_struct_sheet_order.offset 
_struct_sheet_order.sense 
A 1 2 ? anti-parallel 
A 2 3 ? anti-parallel 
# 
loop_
_struct_sheet_range.sheet_id 
_struct_sheet_range.id 
_struct_sheet_range.beg_label_comp_id 
_struct_sheet_range.beg_label_asym_id 
_struct_sheet_range.beg_label_seq_id 
_struct_sheet_range.pdbx_beg_PDB_ins_code 
_struct_sheet_range.end_label_comp_id 
_struct_sheet_range.end_label_asym_id 
_struct_sheet_range.end_label_seq_id 
_struct_sheet_range.pdbx_end_PDB_ins_code 
_struct_sheet_range.beg_auth_comp_id 
_struct_sheet_range.beg_auth_asym_id 
_struct_sheet_range.beg_auth_seq_id 
_struct_sheet_range.end_auth_comp_id 
_struct_sheet_range.end_auth_asym_id 
_struct_sheet_range.end_auth_seq_id 
A 1 ARG A 14 ? LYS A 19 ? ARG A 14 LYS A 19 
A 2 TYR A 25 ? GLY A 28 ? TYR A 25 GLY A 28 
A 3 HIS A 31 ? LEU A 32 ? HIS A 31 LEU A 32 
# 
loop_
_pdbx_struct_sheet_hbond.sheet_id 
_pdbx_struct_sheet_hbond.range_id_1 
_pdbx_struct_sheet_hbond.range_id_2 
_pdbx_struct_sheet_hbond.range_1_label_atom_id 
_pdbx_struct_sheet_hbond.range_1_label_comp_id 
_pdbx_struct_sheet_hbond.range_1_label_asym_id 
_pdbx_struct_sheet_hbond.range_1_label_seq_id 
_pdbx_struct_sheet_hbond.range_1_PDB_ins_code 
_pdbx_struct_sheet_hbond.range_1_auth_atom_id 
_pdbx_struct_sheet_hbond.range_1_auth_comp_id 
_pdbx_struct_sheet_hbond.range_1_auth_asym_id 
_pdbx_struct_sheet_hbond.range_1_auth_seq_id 
_pdbx_struct_sheet_hbond.range_2_label_atom_id 
_pdbx_struct_sheet_hbond.range_2_label_comp_id 
_pdbx_struct_sheet_hbond.range_2_label_asym_id 
_pdbx_struct_sheet_hbond.range_2_label_seq_id 
_pdbx_struct_sheet_hbond.range_2_PDB_ins_code 
_pdbx_struct_sheet_hbond.range_2_auth_atom_id 
_pdbx_struct_sheet_hbond.range_2_auth_comp_id 
_pdbx_struct_sheet_hbond.range_2_auth_asym_id 
_pdbx_struct_sheet_hbond.range_2_auth_seq_id 
A 1 2 N TYR A 18 ? N TYR A 18 O THR A 26 ? O THR A 26 
A 2 3 N ILE A 27 ? N ILE A 27 O HIS A 31 ? O HIS A 31 
# 
loop_
_struct_site.id 
_struct_site.pdbx_evidence_code 
_struct_site.pdbx_auth_asym_id 
_struct_site.pdbx_auth_comp_id 
_struct_site.pdbx_auth_seq_id 
_struct_site.pdbx_auth_ins_code 
_struct_site.pdbx_num_residues 
_struct_site.details 
AC1 Software A PO4 165 ? 9 'BINDING SITE FOR RESIDUE PO4 A 165' 
AC2 Software A PO4 166 ? 4 'BINDING SITE FOR RESIDUE PO4 A 166' 
AC3 Software A 261 167 ? 7 'BINDING SITE FOR RESIDUE 261 A 167' 
# 
loop_
_struct_site_gen.id 
_struct_site_gen.site_id 
_struct_site_gen.pdbx_num_res 
_struct_site_gen.label_comp_id 
_struct_site_gen.label_asym_id 
_struct_site_gen.label_seq_id 
_struct_site_gen.pdbx_auth_ins_code 
_struct_site_gen.auth_comp_id 
_struct_site_gen.auth_asym_id 
_struct_site_gen.auth_seq_id 
_struct_site_gen.label_atom_id 
_struct_site_gen.label_alt_id 
_struct_site_gen.symmetry 
_struct_site_gen.details 
1  AC1 9 ARG A 14  ? ARG A 14  . ? 4_545 ? 
2  AC1 9 LYS A 19  ? LYS A 19  . ? 4_545 ? 
3  AC1 9 ARG A 125 ? ARG A 125 . ? 1_555 ? 
4  AC1 9 TRP A 126 ? TRP A 126 . ? 1_555 ? 
5  AC1 9 ASP A 127 ? ASP A 127 . ? 1_555 ? 
6  AC1 9 GLU A 128 ? GLU A 128 . ? 1_555 ? 
7  AC1 9 HOH E .   ? HOH A 198 . ? 1_555 ? 
8  AC1 9 HOH E .   ? HOH A 247 . ? 1_555 ? 
9  AC1 9 HOH E .   ? HOH A 264 . ? 1_555 ? 
10 AC2 4 ARG A 14  ? ARG A 14  . ? 1_555 ? 
11 AC2 4 LEU A 15  ? LEU A 15  . ? 1_555 ? 
12 AC2 4 LYS A 16  ? LYS A 16  . ? 1_555 ? 
13 AC2 4 HOH E .   ? HOH A 199 . ? 1_555 ? 
14 AC3 7 VAL A 87  ? VAL A 87  . ? 1_555 ? 
15 AC3 7 ALA A 99  ? ALA A 99  . ? 1_555 ? 
16 AC3 7 GLN A 102 ? GLN A 102 . ? 1_555 ? 
17 AC3 7 LEU A 118 ? LEU A 118 . ? 1_555 ? 
18 AC3 7 LEU A 121 ? LEU A 121 . ? 1_555 ? 
19 AC3 7 LEU A 133 ? LEU A 133 . ? 1_555 ? 
20 AC3 7 PHE A 153 ? PHE A 153 . ? 1_555 ? 
# 
_atom_sites.entry_id                    3HU8 
_atom_sites.fract_transf_matrix[1][1]   -0.00743584 
_atom_sites.fract_transf_matrix[1][2]   0.01301607 
_atom_sites.fract_transf_matrix[1][3]   0.01199753 
_atom_sites.fract_transf_matrix[2][1]   -0.01782424 
_atom_sites.fract_transf_matrix[2][2]   -0.00226127 
_atom_sites.fract_transf_matrix[2][3]   0.00676929 
_atom_sites.fract_transf_matrix[3][1]   0.00375362 
_atom_sites.fract_transf_matrix[3][2]   -0.00532597 
_atom_sites.fract_transf_matrix[3][3]   0.00810454 
_atom_sites.fract_transf_vector[1]      0.215176 
_atom_sites.fract_transf_vector[2]      -0.324947 
_atom_sites.fract_transf_vector[3]      -0.098961 
# 
loop_
_atom_type.symbol 
C 
N 
O 
P 
S 
# 
loop_
_atom_site.group_PDB 
_atom_site.id 
_atom_site.type_symbol 
_atom_site.label_atom_id 
_atom_site.label_alt_id 
_atom_site.label_comp_id 
_atom_site.label_asym_id 
_atom_site.label_entity_id 
_atom_site.label_seq_id 
_atom_site.pdbx_PDB_ins_code 
_atom_site.Cartn_x 
_atom_site.Cartn_y 
_atom_site.Cartn_z 
_atom_site.occupancy 
_atom_site.B_iso_or_equiv 
_atom_site.pdbx_formal_charge 
_atom_site.auth_seq_id 
_atom_site.auth_comp_id 
_atom_site.auth_asym_id 
_atom_site.auth_atom_id 
_atom_site.pdbx_PDB_model_num 
ATOM   1    N N   . MET A 1 1   ? -2.213  -14.881 -8.062  1.00 15.27 ? 1   MET A N   1 
ATOM   2    C CA  A MET A 1 1   ? -2.070  -13.608 -7.311  0.50 14.53 ? 1   MET A CA  1 
ATOM   3    C CA  B MET A 1 1   ? -2.029  -13.614 -7.289  0.50 14.87 ? 1   MET A CA  1 
ATOM   4    C C   . MET A 1 1   ? -1.009  -12.701 -7.945  1.00 14.70 ? 1   MET A C   1 
ATOM   5    O O   . MET A 1 1   ? -0.036  -13.170 -8.560  1.00 14.85 ? 1   MET A O   1 
ATOM   6    C CB  A MET A 1 1   ? -1.736  -13.925 -5.851  0.50 14.93 ? 1   MET A CB  1 
ATOM   7    C CB  B MET A 1 1   ? -1.557  -13.903 -5.863  0.50 15.51 ? 1   MET A CB  1 
ATOM   8    C CG  A MET A 1 1   ? -1.846  -12.770 -4.869  0.50 14.45 ? 1   MET A CG  1 
ATOM   9    C CG  B MET A 1 1   ? -2.610  -14.418 -4.896  0.50 16.14 ? 1   MET A CG  1 
ATOM   10   S SD  A MET A 1 1   ? -3.459  -12.008 -4.659  0.50 13.31 ? 1   MET A SD  1 
ATOM   11   S SD  B MET A 1 1   ? -4.025  -13.331 -4.671  0.50 20.23 ? 1   MET A SD  1 
ATOM   12   C CE  A MET A 1 1   ? -4.507  -13.440 -4.378  0.50 15.06 ? 1   MET A CE  1 
ATOM   13   C CE  B MET A 1 1   ? -3.229  -11.834 -4.095  0.50 18.77 ? 1   MET A CE  1 
ATOM   14   N N   . ASN A 1 2   ? -1.220  -11.401 -7.789  1.00 13.45 ? 2   ASN A N   1 
ATOM   15   C CA  . ASN A 1 2   ? -0.320  -10.376 -8.238  1.00 12.47 ? 2   ASN A CA  1 
ATOM   16   C C   . ASN A 1 2   ? -0.620  -9.142  -7.380  1.00 11.82 ? 2   ASN A C   1 
ATOM   17   O O   . ASN A 1 2   ? -1.567  -9.144  -6.564  1.00 10.75 ? 2   ASN A O   1 
ATOM   18   C CB  . ASN A 1 2   ? -0.516  -10.076 -9.739  1.00 12.42 ? 2   ASN A CB  1 
ATOM   19   C CG  . ASN A 1 2   ? -1.928  -9.647  -10.066 1.00 13.60 ? 2   ASN A CG  1 
ATOM   20   O OD1 . ASN A 1 2   ? -2.452  -8.691  -9.486  1.00 11.27 ? 2   ASN A OD1 1 
ATOM   21   N ND2 . ASN A 1 2   ? -2.555  -10.350 -11.008 1.00 13.66 ? 2   ASN A ND2 1 
ATOM   22   N N   . ILE A 1 3   ? 0.169   -8.095  -7.561  1.00 11.21 ? 3   ILE A N   1 
ATOM   23   C CA  . ILE A 1 3   ? 0.067   -6.912  -6.713  1.00 11.06 ? 3   ILE A CA  1 
ATOM   24   C C   . ILE A 1 3   ? -1.336  -6.278  -6.755  1.00 10.81 ? 3   ILE A C   1 
ATOM   25   O O   . ILE A 1 3   ? -1.811  -5.758  -5.757  1.00 10.49 ? 3   ILE A O   1 
ATOM   26   C CB  . ILE A 1 3   ? 1.184   -5.861  -7.042  1.00 10.76 ? 3   ILE A CB  1 
ATOM   27   C CG1 . ILE A 1 3   ? 1.195   -4.695  -6.024  1.00 11.10 ? 3   ILE A CG1 1 
ATOM   28   C CG2 . ILE A 1 3   ? 1.119   -5.385  -8.530  1.00 11.81 ? 3   ILE A CG2 1 
ATOM   29   C CD1 . ILE A 1 3   ? 1.239   -5.148  -4.549  1.00 9.69  ? 3   ILE A CD1 1 
ATOM   30   N N   . PHE A 1 4   ? -1.985  -6.332  -7.918  1.00 10.21 ? 4   PHE A N   1 
ATOM   31   C CA  . PHE A 1 4   ? -3.327  -5.780  -8.036  1.00 10.40 ? 4   PHE A CA  1 
ATOM   32   C C   . PHE A 1 4   ? -4.339  -6.565  -7.231  1.00 10.52 ? 4   PHE A C   1 
ATOM   33   O O   . PHE A 1 4   ? -5.128  -5.987  -6.480  1.00 10.55 ? 4   PHE A O   1 
ATOM   34   C CB  . PHE A 1 4   ? -3.730  -5.663  -9.506  1.00 10.26 ? 4   PHE A CB  1 
ATOM   35   C CG  . PHE A 1 4   ? -2.934  -4.639  -10.228 1.00 11.83 ? 4   PHE A CG  1 
ATOM   36   C CD1 . PHE A 1 4   ? -1.720  -4.976  -10.821 1.00 13.44 ? 4   PHE A CD1 1 
ATOM   37   C CD2 . PHE A 1 4   ? -3.376  -3.313  -10.284 1.00 14.15 ? 4   PHE A CD2 1 
ATOM   38   C CE1 . PHE A 1 4   ? -0.956  -4.022  -11.469 1.00 14.63 ? 4   PHE A CE1 1 
ATOM   39   C CE2 . PHE A 1 4   ? -2.615  -2.359  -10.941 1.00 16.69 ? 4   PHE A CE2 1 
ATOM   40   C CZ  . PHE A 1 4   ? -1.400  -2.727  -11.536 1.00 16.25 ? 4   PHE A CZ  1 
ATOM   41   N N   . GLU A 1 5   ? -4.327  -7.880  -7.387  1.00 10.51 ? 5   GLU A N   1 
ATOM   42   C CA  . GLU A 1 5   ? -5.277  -8.714  -6.665  1.00 10.96 ? 5   GLU A CA  1 
ATOM   43   C C   . GLU A 1 5   ? -4.990  -8.609  -5.163  1.00 10.73 ? 5   GLU A C   1 
ATOM   44   O O   . GLU A 1 5   ? -5.907  -8.648  -4.330  1.00 10.73 ? 5   GLU A O   1 
ATOM   45   C CB  . GLU A 1 5   ? -5.171  -10.152 -7.125  1.00 11.10 ? 5   GLU A CB  1 
ATOM   46   C CG  . GLU A 1 5   ? -5.509  -10.341 -8.588  1.00 13.09 ? 5   GLU A CG  1 
ATOM   47   C CD  . GLU A 1 5   ? -5.453  -11.791 -8.990  1.00 19.56 ? 5   GLU A CD  1 
ATOM   48   O OE1 . GLU A 1 5   ? -5.197  -12.642 -8.114  1.00 22.04 ? 5   GLU A OE1 1 
ATOM   49   O OE2 . GLU A 1 5   ? -5.705  -12.086 -10.168 1.00 20.50 ? 5   GLU A OE2 1 
ATOM   50   N N   . MET A 1 6   ? -3.706  -8.501  -4.834  1.00 10.62 ? 6   MET A N   1 
ATOM   51   C CA  . MET A 1 6   ? -3.277  -8.446  -3.437  1.00 10.86 ? 6   MET A CA  1 
ATOM   52   C C   . MET A 1 6   ? -3.791  -7.173  -2.815  1.00 10.73 ? 6   MET A C   1 
ATOM   53   O O   . MET A 1 6   ? -4.475  -7.202  -1.774  1.00 11.50 ? 6   MET A O   1 
ATOM   54   C CB  . MET A 1 6   ? -1.758  -8.485  -3.357  1.00 10.92 ? 6   MET A CB  1 
ATOM   55   C CG  . MET A 1 6   ? -1.215  -8.501  -1.944  1.00 10.68 ? 6   MET A CG  1 
ATOM   56   S SD  . MET A 1 6   ? 0.461   -7.893  -1.993  1.00 11.08 ? 6   MET A SD  1 
ATOM   57   C CE  . MET A 1 6   ? 1.076   -8.481  -0.407  1.00 10.03 ? 6   MET A CE  1 
ATOM   58   N N   . LEU A 1 7   ? -3.480  -6.045  -3.443  1.00 10.19 ? 7   LEU A N   1 
ATOM   59   C CA  . LEU A 1 7   ? -3.958  -4.772  -2.892  1.00 9.73  ? 7   LEU A CA  1 
ATOM   60   C C   . LEU A 1 7   ? -5.475  -4.634  -2.943  1.00 10.15 ? 7   LEU A C   1 
ATOM   61   O O   . LEU A 1 7   ? -6.044  -3.996  -2.063  1.00 10.60 ? 7   LEU A O   1 
ATOM   62   C CB  . LEU A 1 7   ? -3.284  -3.583  -3.550  1.00 9.31  ? 7   LEU A CB  1 
ATOM   63   C CG  . LEU A 1 7   ? -1.934  -3.250  -2.915  1.00 9.93  ? 7   LEU A CG  1 
ATOM   64   C CD1 . LEU A 1 7   ? -1.116  -2.381  -3.836  1.00 12.95 ? 7   LEU A CD1 1 
ATOM   65   C CD2 . LEU A 1 7   ? -2.138  -2.573  -1.529  1.00 10.24 ? 7   LEU A CD2 1 
ATOM   66   N N   . ARG A 1 8   ? -6.120  -5.237  -3.942  1.00 10.19 ? 8   ARG A N   1 
ATOM   67   C CA  . ARG A 1 8   ? -7.600  -5.224  -4.020  1.00 11.33 ? 8   ARG A CA  1 
ATOM   68   C C   . ARG A 1 8   ? -8.238  -5.909  -2.798  1.00 11.29 ? 8   ARG A C   1 
ATOM   69   O O   . ARG A 1 8   ? -9.232  -5.433  -2.249  1.00 11.46 ? 8   ARG A O   1 
ATOM   70   C CB  . ARG A 1 8   ? -8.097  -5.881  -5.314  1.00 11.62 ? 8   ARG A CB  1 
ATOM   71   C CG  . ARG A 1 8   ? -9.590  -6.155  -5.336  1.00 11.08 ? 8   ARG A CG  1 
ATOM   72   C CD  . ARG A 1 8   ? -10.412 -4.860  -5.372  1.00 15.47 ? 8   ARG A CD  1 
ATOM   73   N NE  . ARG A 1 8   ? -11.857 -5.139  -5.412  1.00 16.24 ? 8   ARG A NE  1 
ATOM   74   C CZ  . ARG A 1 8   ? -12.578 -5.543  -4.365  1.00 19.25 ? 8   ARG A CZ  1 
ATOM   75   N NH1 . ARG A 1 8   ? -12.022 -5.717  -3.167  1.00 19.22 ? 8   ARG A NH1 1 
ATOM   76   N NH2 . ARG A 1 8   ? -13.869 -5.772  -4.516  1.00 18.59 ? 8   ARG A NH2 1 
ATOM   77   N N   . ILE A 1 9   ? -7.646  -7.025  -2.373  1.00 11.09 ? 9   ILE A N   1 
ATOM   78   C CA  . ILE A 1 9   ? -8.062  -7.676  -1.148  1.00 11.35 ? 9   ILE A CA  1 
ATOM   79   C C   . ILE A 1 9   ? -7.837  -6.776  0.071   1.00 11.55 ? 9   ILE A C   1 
ATOM   80   O O   . ILE A 1 9   ? -8.741  -6.608  0.914   1.00 11.51 ? 9   ILE A O   1 
ATOM   81   C CB  . ILE A 1 9   ? -7.332  -9.030  -0.994  1.00 11.35 ? 9   ILE A CB  1 
ATOM   82   C CG1 . ILE A 1 9   ? -7.932  -10.036 -1.984  1.00 10.99 ? 9   ILE A CG1 1 
ATOM   83   C CG2 . ILE A 1 9   ? -7.383  -9.543  0.474   1.00 11.80 ? 9   ILE A CG2 1 
ATOM   84   C CD1 . ILE A 1 9   ? -7.026  -11.250 -2.265  1.00 14.33 ? 9   ILE A CD1 1 
ATOM   85   N N   . ASP A 1 10  ? -6.656  -6.172  0.154   1.00 10.21 ? 10  ASP A N   1 
ATOM   86   C CA  . ASP A 1 10  ? -6.302  -5.413  1.348   1.00 10.82 ? 10  ASP A CA  1 
ATOM   87   C C   . ASP A 1 10  ? -7.072  -4.093  1.472   1.00 11.76 ? 10  ASP A C   1 
ATOM   88   O O   . ASP A 1 10  ? -7.393  -3.656  2.579   1.00 11.58 ? 10  ASP A O   1 
ATOM   89   C CB  . ASP A 1 10  ? -4.802  -5.191  1.405   1.00 10.70 ? 10  ASP A CB  1 
ATOM   90   C CG  . ASP A 1 10  ? -4.050  -6.444  1.833   1.00 12.36 ? 10  ASP A CG  1 
ATOM   91   O OD1 . ASP A 1 10  ? -4.674  -7.330  2.440   1.00 11.82 ? 10  ASP A OD1 1 
ATOM   92   O OD2 . ASP A 1 10  ? -2.837  -6.542  1.539   1.00 12.26 ? 10  ASP A OD2 1 
ATOM   93   N N   . GLU A 1 11  ? -7.403  -3.505  0.333   1.00 11.16 ? 11  GLU A N   1 
ATOM   94   C CA  . GLU A 1 11  ? -7.932  -2.139  0.325   1.00 11.37 ? 11  GLU A CA  1 
ATOM   95   C C   . GLU A 1 11  ? -9.426  -2.129  0.112   1.00 12.19 ? 11  GLU A C   1 
ATOM   96   O O   . GLU A 1 11  ? -10.100 -1.167  0.471   1.00 12.61 ? 11  GLU A O   1 
ATOM   97   C CB  . GLU A 1 11  ? -7.227  -1.300  -0.746  1.00 11.39 ? 11  GLU A CB  1 
ATOM   98   C CG  . GLU A 1 11  ? -5.738  -1.061  -0.481  1.00 10.71 ? 11  GLU A CG  1 
ATOM   99   C CD  . GLU A 1 11  ? -5.456  -0.190  0.758   1.00 13.87 ? 11  GLU A CD  1 
ATOM   100  O OE1 . GLU A 1 11  ? -6.415  0.376   1.356   1.00 14.18 ? 11  GLU A OE1 1 
ATOM   101  O OE2 . GLU A 1 11  ? -4.269  -0.050  1.131   1.00 14.37 ? 11  GLU A OE2 1 
ATOM   102  N N   . GLY A 1 12  ? -9.948  -3.195  -0.484  1.00 11.78 ? 12  GLY A N   1 
ATOM   103  C CA  . GLY A 1 12  ? -11.379 -3.251  -0.806  1.00 11.80 ? 12  GLY A CA  1 
ATOM   104  C C   . GLY A 1 12  ? -11.681 -2.376  -2.008  1.00 12.48 ? 12  GLY A C   1 
ATOM   105  O O   . GLY A 1 12  ? -10.763 -1.851  -2.659  1.00 12.18 ? 12  GLY A O   1 
ATOM   106  N N   . LEU A 1 13  ? -12.970 -2.248  -2.315  1.00 12.71 ? 13  LEU A N   1 
ATOM   107  C CA  . LEU A 1 13  ? -13.424 -1.395  -3.400  1.00 13.06 ? 13  LEU A CA  1 
ATOM   108  C C   . LEU A 1 13  ? -14.696 -0.713  -2.936  1.00 12.75 ? 13  LEU A C   1 
ATOM   109  O O   . LEU A 1 13  ? -15.698 -1.370  -2.640  1.00 12.41 ? 13  LEU A O   1 
ATOM   110  C CB  . LEU A 1 13  ? -13.668 -2.209  -4.682  1.00 13.27 ? 13  LEU A CB  1 
ATOM   111  C CG  . LEU A 1 13  ? -14.396 -1.535  -5.858  1.00 14.70 ? 13  LEU A CG  1 
ATOM   112  C CD1 . LEU A 1 13  ? -13.591 -0.343  -6.381  1.00 16.02 ? 13  LEU A CD1 1 
ATOM   113  C CD2 . LEU A 1 13  ? -14.685 -2.549  -6.997  1.00 15.45 ? 13  LEU A CD2 1 
ATOM   114  N N   . ARG A 1 14  ? -14.636 0.606   -2.835  1.00 12.86 ? 14  ARG A N   1 
ATOM   115  C CA  . ARG A 1 14  ? -15.824 1.388   -2.496  1.00 13.04 ? 14  ARG A CA  1 
ATOM   116  C C   . ARG A 1 14  ? -15.938 2.541   -3.465  1.00 12.87 ? 14  ARG A C   1 
ATOM   117  O O   . ARG A 1 14  ? -14.969 3.246   -3.720  1.00 13.23 ? 14  ARG A O   1 
ATOM   118  C CB  . ARG A 1 14  ? -15.775 1.870   -1.041  1.00 13.16 ? 14  ARG A CB  1 
ATOM   119  C CG  . ARG A 1 14  ? -15.666 0.686   -0.047  1.00 12.66 ? 14  ARG A CG  1 
ATOM   120  C CD  . ARG A 1 14  ? -15.805 1.096   1.409   1.00 14.63 ? 14  ARG A CD  1 
ATOM   121  N NE  . ARG A 1 14  ? -17.138 1.611   1.710   1.00 18.97 ? 14  ARG A NE  1 
ATOM   122  C CZ  . ARG A 1 14  ? -17.505 2.049   2.914   1.00 19.86 ? 14  ARG A CZ  1 
ATOM   123  N NH1 . ARG A 1 14  ? -16.636 2.037   3.917   1.00 19.99 ? 14  ARG A NH1 1 
ATOM   124  N NH2 . ARG A 1 14  ? -18.727 2.520   3.103   1.00 20.06 ? 14  ARG A NH2 1 
ATOM   125  N N   . LEU A 1 15  ? -17.143 2.738   -3.982  1.00 13.09 ? 15  LEU A N   1 
ATOM   126  C CA  . LEU A 1 15  ? -17.325 3.706   -5.059  1.00 14.07 ? 15  LEU A CA  1 
ATOM   127  C C   . LEU A 1 15  ? -17.712 5.090   -4.548  1.00 14.26 ? 15  LEU A C   1 
ATOM   128  O O   . LEU A 1 15  ? -17.671 6.051   -5.306  1.00 15.96 ? 15  LEU A O   1 
ATOM   129  C CB  . LEU A 1 15  ? -18.320 3.150   -6.087  1.00 13.41 ? 15  LEU A CB  1 
ATOM   130  C CG  . LEU A 1 15  ? -17.873 1.855   -6.761  1.00 14.27 ? 15  LEU A CG  1 
ATOM   131  C CD1 . LEU A 1 15  ? -18.851 1.397   -7.861  1.00 16.74 ? 15  LEU A CD1 1 
ATOM   132  C CD2 . LEU A 1 15  ? -16.456 2.002   -7.317  1.00 14.88 ? 15  LEU A CD2 1 
ATOM   133  N N   . LYS A 1 16  ? -18.046 5.196   -3.261  1.00 14.13 ? 16  LYS A N   1 
ATOM   134  C CA  . LYS A 1 16  ? -18.367 6.493   -2.657  1.00 15.18 ? 16  LYS A CA  1 
ATOM   135  C C   . LYS A 1 16  ? -17.267 6.893   -1.683  1.00 14.30 ? 16  LYS A C   1 
ATOM   136  O O   . LYS A 1 16  ? -16.682 6.015   -1.039  1.00 13.99 ? 16  LYS A O   1 
ATOM   137  C CB  . LYS A 1 16  ? -19.693 6.434   -1.899  1.00 15.53 ? 16  LYS A CB  1 
ATOM   138  C CG  . LYS A 1 16  ? -20.913 6.075   -2.738  1.00 17.67 ? 16  LYS A CG  1 
ATOM   139  C CD  . LYS A 1 16  ? -22.127 5.856   -1.814  1.00 18.14 ? 16  LYS A CD  1 
ATOM   140  C CE  . LYS A 1 16  ? -23.353 5.395   -2.591  0.50 20.02 ? 16  LYS A CE  1 
ATOM   141  N NZ  . LYS A 1 16  ? -24.618 5.584   -1.792  0.50 21.51 ? 16  LYS A NZ  1 
ATOM   142  N N   . ILE A 1 17  ? -16.995 8.191   -1.545  1.00 13.33 ? 17  ILE A N   1 
ATOM   143  C CA  . ILE A 1 17  ? -16.008 8.641   -0.551  1.00 12.61 ? 17  ILE A CA  1 
ATOM   144  C C   . ILE A 1 17  ? -16.283 8.010   0.814   1.00 13.35 ? 17  ILE A C   1 
ATOM   145  O O   . ILE A 1 17  ? -17.417 8.037   1.324   1.00 12.87 ? 17  ILE A O   1 
ATOM   146  C CB  . ILE A 1 17  ? -15.949 10.178  -0.396  1.00 12.29 ? 17  ILE A CB  1 
ATOM   147  C CG1 . ILE A 1 17  ? -15.447 10.834  -1.695  1.00 11.63 ? 17  ILE A CG1 1 
ATOM   148  C CG2 . ILE A 1 17  ? -15.061 10.571  0.798   1.00 13.15 ? 17  ILE A CG2 1 
ATOM   149  C CD1 . ILE A 1 17  ? -15.566 12.369  -1.690  1.00 13.65 ? 17  ILE A CD1 1 
ATOM   150  N N   . TYR A 1 18  ? -15.244 7.418   1.387   1.00 12.76 ? 18  TYR A N   1 
ATOM   151  C CA  . TYR A 1 18  ? -15.359 6.808   2.711   1.00 13.16 ? 18  TYR A CA  1 
ATOM   152  C C   . TYR A 1 18  ? -14.103 7.185   3.498   1.00 12.83 ? 18  TYR A C   1 
ATOM   153  O O   . TYR A 1 18  ? -13.142 7.699   2.922   1.00 12.62 ? 18  TYR A O   1 
ATOM   154  C CB  . TYR A 1 18  ? -15.524 5.287   2.603   1.00 13.67 ? 18  TYR A CB  1 
ATOM   155  C CG  . TYR A 1 18  ? -14.290 4.576   2.093   1.00 13.97 ? 18  TYR A CG  1 
ATOM   156  C CD1 . TYR A 1 18  ? -13.388 3.979   2.984   1.00 14.49 ? 18  TYR A CD1 1 
ATOM   157  C CD2 . TYR A 1 18  ? -14.025 4.482   0.718   1.00 13.73 ? 18  TYR A CD2 1 
ATOM   158  C CE1 . TYR A 1 18  ? -12.238 3.333   2.525   1.00 16.33 ? 18  TYR A CE1 1 
ATOM   159  C CE2 . TYR A 1 18  ? -12.868 3.831   0.247   1.00 13.84 ? 18  TYR A CE2 1 
ATOM   160  C CZ  . TYR A 1 18  ? -11.990 3.252   1.171   1.00 15.60 ? 18  TYR A CZ  1 
ATOM   161  O OH  . TYR A 1 18  ? -10.853 2.603   0.716   1.00 16.82 ? 18  TYR A OH  1 
ATOM   162  N N   . LYS A 1 19  ? -14.101 6.927   4.796   1.00 11.74 ? 19  LYS A N   1 
ATOM   163  C CA  . LYS A 1 19  ? -12.924 7.206   5.589   1.00 12.15 ? 19  LYS A CA  1 
ATOM   164  C C   . LYS A 1 19  ? -12.135 5.915   5.754   1.00 12.19 ? 19  LYS A C   1 
ATOM   165  O O   . LYS A 1 19  ? -12.708 4.853   6.041   1.00 11.91 ? 19  LYS A O   1 
ATOM   166  C CB  . LYS A 1 19  ? -13.317 7.773   6.949   1.00 12.96 ? 19  LYS A CB  1 
ATOM   167  C CG  . LYS A 1 19  ? -13.771 9.224   6.896   1.00 12.41 ? 19  LYS A CG  1 
ATOM   168  C CD  . LYS A 1 19  ? -14.101 9.707   8.286   1.00 15.49 ? 19  LYS A CD  1 
ATOM   169  C CE  . LYS A 1 19  ? -14.702 11.105  8.284   1.00 16.10 ? 19  LYS A CE  1 
ATOM   170  N NZ  . LYS A 1 19  ? -14.970 11.537  9.711   1.00 17.24 ? 19  LYS A NZ  1 
ATOM   171  N N   . ASP A 1 20  ? -10.825 6.000   5.556   1.00 11.81 ? 20  ASP A N   1 
ATOM   172  C CA  . ASP A 1 20  ? -9.987  4.804   5.664   1.00 11.81 ? 20  ASP A CA  1 
ATOM   173  C C   . ASP A 1 20  ? -9.793  4.456   7.140   1.00 11.91 ? 20  ASP A C   1 
ATOM   174  O O   . ASP A 1 20  ? -10.458 5.022   8.005   1.00 12.28 ? 20  ASP A O   1 
ATOM   175  C CB  . ASP A 1 20  ? -8.645  4.970   4.928   1.00 12.09 ? 20  ASP A CB  1 
ATOM   176  C CG  . ASP A 1 20  ? -7.713  5.998   5.566   1.00 13.18 ? 20  ASP A CG  1 
ATOM   177  O OD1 . ASP A 1 20  ? -7.963  6.502   6.676   1.00 10.98 ? 20  ASP A OD1 1 
ATOM   178  O OD2 . ASP A 1 20  ? -6.680  6.322   4.933   1.00 15.38 ? 20  ASP A OD2 1 
ATOM   179  N N   . THR A 1 21  ? -8.882  3.529   7.409   1.00 12.20 ? 21  THR A N   1 
ATOM   180  C CA  . THR A 1 21  ? -8.695  3.033   8.773   1.00 12.60 ? 21  THR A CA  1 
ATOM   181  C C   . THR A 1 21  ? -8.158  4.146   9.669   1.00 12.63 ? 21  THR A C   1 
ATOM   182  O O   . THR A 1 21  ? -8.301  4.086   10.880  1.00 12.79 ? 21  THR A O   1 
ATOM   183  C CB  . THR A 1 21  ? -7.719  1.821   8.800   1.00 13.42 ? 21  THR A CB  1 
ATOM   184  O OG1 . THR A 1 21  ? -6.415  2.268   8.423   1.00 12.19 ? 21  THR A OG1 1 
ATOM   185  C CG2 . THR A 1 21  ? -8.161  0.720   7.809   1.00 14.74 ? 21  THR A CG2 1 
ATOM   186  N N   . GLU A 1 22  ? -7.544  5.167   9.072   1.00 12.92 ? 22  GLU A N   1 
ATOM   187  C CA  . GLU A 1 22  ? -6.988  6.288   9.825   1.00 13.87 ? 22  GLU A CA  1 
ATOM   188  C C   . GLU A 1 22  ? -7.954  7.467   9.930   1.00 13.35 ? 22  GLU A C   1 
ATOM   189  O O   . GLU A 1 22  ? -7.610  8.507   10.515  1.00 14.54 ? 22  GLU A O   1 
ATOM   190  C CB  . GLU A 1 22  ? -5.677  6.769   9.190   1.00 13.85 ? 22  GLU A CB  1 
ATOM   191  C CG  . GLU A 1 22  ? -4.524  5.777   9.273   1.00 17.05 ? 22  GLU A CG  1 
ATOM   192  C CD  . GLU A 1 22  ? -4.097  5.484   10.705  1.00 21.22 ? 22  GLU A CD  1 
ATOM   193  O OE1 . GLU A 1 22  ? -4.274  6.343   11.598  1.00 21.79 ? 22  GLU A OE1 1 
ATOM   194  O OE2 . GLU A 1 22  ? -3.598  4.371   10.947  1.00 22.25 ? 22  GLU A OE2 1 
ATOM   195  N N   . GLY A 1 23  ? -9.151  7.296   9.378   1.00 13.39 ? 23  GLY A N   1 
ATOM   196  C CA  . GLY A 1 23  ? -10.191 8.342   9.346   1.00 13.17 ? 23  GLY A CA  1 
ATOM   197  C C   . GLY A 1 23  ? -10.063 9.325   8.195   1.00 13.85 ? 23  GLY A C   1 
ATOM   198  O O   . GLY A 1 23  ? -10.698 10.376  8.188   1.00 13.83 ? 23  GLY A O   1 
ATOM   199  N N   . TYR A 1 24  ? -9.253  8.976   7.201   1.00 14.31 ? 24  TYR A N   1 
ATOM   200  C CA  . TYR A 1 24  ? -9.003  9.888   6.084   1.00 14.51 ? 24  TYR A CA  1 
ATOM   201  C C   . TYR A 1 24  ? -9.852  9.580   4.882   1.00 13.02 ? 24  TYR A C   1 
ATOM   202  O O   . TYR A 1 24  ? -9.963  8.426   4.501   1.00 12.23 ? 24  TYR A O   1 
ATOM   203  C CB  . TYR A 1 24  ? -7.554  9.830   5.632   1.00 16.51 ? 24  TYR A CB  1 
ATOM   204  C CG  . TYR A 1 24  ? -6.569  10.233  6.675   1.00 18.96 ? 24  TYR A CG  1 
ATOM   205  C CD1 . TYR A 1 24  ? -6.830  11.296  7.541   1.00 20.93 ? 24  TYR A CD1 1 
ATOM   206  C CD2 . TYR A 1 24  ? -5.372  9.542   6.809   1.00 20.96 ? 24  TYR A CD2 1 
ATOM   207  C CE1 . TYR A 1 24  ? -5.903  11.656  8.521   1.00 23.42 ? 24  TYR A CE1 1 
ATOM   208  C CE2 . TYR A 1 24  ? -4.448  9.892   7.767   1.00 23.21 ? 24  TYR A CE2 1 
ATOM   209  C CZ  . TYR A 1 24  ? -4.713  10.944  8.618   1.00 23.10 ? 24  TYR A CZ  1 
ATOM   210  O OH  . TYR A 1 24  ? -3.774  11.285  9.563   1.00 24.54 ? 24  TYR A OH  1 
ATOM   211  N N   . TYR A 1 25  ? -10.396 10.636  4.268   1.00 12.29 ? 25  TYR A N   1 
ATOM   212  C CA  . TYR A 1 25  ? -11.253 10.467  3.104   1.00 12.11 ? 25  TYR A CA  1 
ATOM   213  C C   . TYR A 1 25  ? -10.507 9.789   1.970   1.00 10.87 ? 25  TYR A C   1 
ATOM   214  O O   . TYR A 1 25  ? -9.392  10.176  1.600   1.00 10.98 ? 25  TYR A O   1 
ATOM   215  C CB  . TYR A 1 25  ? -11.811 11.788  2.623   1.00 13.28 ? 25  TYR A CB  1 
ATOM   216  C CG  . TYR A 1 25  ? -12.756 12.402  3.614   1.00 14.13 ? 25  TYR A CG  1 
ATOM   217  C CD1 . TYR A 1 25  ? -12.443 13.601  4.222   1.00 16.43 ? 25  TYR A CD1 1 
ATOM   218  C CD2 . TYR A 1 25  ? -13.958 11.774  3.941   1.00 15.69 ? 25  TYR A CD2 1 
ATOM   219  C CE1 . TYR A 1 25  ? -13.307 14.189  5.135   1.00 17.38 ? 25  TYR A CE1 1 
ATOM   220  C CE2 . TYR A 1 25  ? -14.838 12.358  4.860   1.00 17.92 ? 25  TYR A CE2 1 
ATOM   221  C CZ  . TYR A 1 25  ? -14.493 13.572  5.443   1.00 17.79 ? 25  TYR A CZ  1 
ATOM   222  O OH  . TYR A 1 25  ? -15.337 14.166  6.351   1.00 19.45 ? 25  TYR A OH  1 
ATOM   223  N N   . THR A 1 26  ? -11.179 8.789   1.436   1.00 10.71 ? 26  THR A N   1 
ATOM   224  C CA  . THR A 1 26  ? -10.593 7.833   0.525   1.00 10.69 ? 26  THR A CA  1 
ATOM   225  C C   . THR A 1 26  ? -11.679 7.424   -0.433  1.00 10.41 ? 26  THR A C   1 
ATOM   226  O O   . THR A 1 26  ? -12.873 7.588   -0.146  1.00 10.94 ? 26  THR A O   1 
ATOM   227  C CB  . THR A 1 26  ? -10.052 6.612   1.350   1.00 10.79 ? 26  THR A CB  1 
ATOM   228  O OG1 . THR A 1 26  ? -9.030  7.082   2.228   1.00 10.60 ? 26  THR A OG1 1 
ATOM   229  C CG2 . THR A 1 26  ? -9.489  5.496   0.450   1.00 11.40 ? 26  THR A CG2 1 
ATOM   230  N N   . ILE A 1 27  ? -11.301 6.895   -1.588  1.00 10.49 ? 27  ILE A N   1 
ATOM   231  C CA  . ILE A 1 27  ? -12.294 6.329   -2.488  1.00 10.90 ? 27  ILE A CA  1 
ATOM   232  C C   . ILE A 1 27  ? -11.669 5.197   -3.283  1.00 10.69 ? 27  ILE A C   1 
ATOM   233  O O   . ILE A 1 27  ? -10.450 5.058   -3.300  1.00 10.21 ? 27  ILE A O   1 
ATOM   234  C CB  . ILE A 1 27  ? -12.876 7.425   -3.437  1.00 10.16 ? 27  ILE A CB  1 
ATOM   235  C CG1 . ILE A 1 27  ? -14.221 6.971   -4.025  1.00 12.18 ? 27  ILE A CG1 1 
ATOM   236  C CG2 . ILE A 1 27  ? -11.844 7.806   -4.532  1.00 11.09 ? 27  ILE A CG2 1 
ATOM   237  C CD1 . ILE A 1 27  ? -15.085 8.137   -4.528  1.00 11.34 ? 27  ILE A CD1 1 
ATOM   238  N N   . GLY A 1 28  ? -12.500 4.386   -3.920  1.00 10.05 ? 28  GLY A N   1 
ATOM   239  C CA  . GLY A 1 28  ? -12.018 3.374   -4.860  1.00 11.55 ? 28  GLY A CA  1 
ATOM   240  C C   . GLY A 1 28  ? -11.339 2.239   -4.138  1.00 11.08 ? 28  GLY A C   1 
ATOM   241  O O   . GLY A 1 28  ? -11.871 1.670   -3.169  1.00 11.57 ? 28  GLY A O   1 
ATOM   242  N N   . ILE A 1 29  ? -10.133 1.943   -4.608  1.00 10.91 ? 29  ILE A N   1 
ATOM   243  C CA  . ILE A 1 29  ? -9.304  0.880   -4.046  1.00 11.39 ? 29  ILE A CA  1 
ATOM   244  C C   . ILE A 1 29  ? -8.175  1.537   -3.241  1.00 10.86 ? 29  ILE A C   1 
ATOM   245  O O   . ILE A 1 29  ? -7.047  1.663   -3.702  1.00 11.50 ? 29  ILE A O   1 
ATOM   246  C CB  . ILE A 1 29  ? -8.781  -0.078  -5.153  1.00 11.42 ? 29  ILE A CB  1 
ATOM   247  C CG1 . ILE A 1 29  ? -9.943  -0.615  -6.008  1.00 12.40 ? 29  ILE A CG1 1 
ATOM   248  C CG2 . ILE A 1 29  ? -8.036  -1.265  -4.523  1.00 11.48 ? 29  ILE A CG2 1 
ATOM   249  C CD1 . ILE A 1 29  ? -9.536  -1.233  -7.393  1.00 12.75 ? 29  ILE A CD1 1 
ATOM   250  N N   . GLY A 1 30  ? -8.516  2.043   -2.050  1.00 10.97 ? 30  GLY A N   1 
ATOM   251  C CA  . GLY A 1 30  ? -7.554  2.747   -1.203  1.00 11.01 ? 30  GLY A CA  1 
ATOM   252  C C   . GLY A 1 30  ? -6.896  3.973   -1.824  1.00 11.22 ? 30  GLY A C   1 
ATOM   253  O O   . GLY A 1 30  ? -5.701  4.252   -1.589  1.00 11.92 ? 30  GLY A O   1 
ATOM   254  N N   . HIS A 1 31  ? -7.660  4.711   -2.620  1.00 10.19 ? 31  HIS A N   1 
ATOM   255  C CA  . HIS A 1 31  ? -7.123  5.969   -3.132  1.00 10.36 ? 31  HIS A CA  1 
ATOM   256  C C   . HIS A 1 31  ? -7.367  7.085   -2.114  1.00 10.21 ? 31  HIS A C   1 
ATOM   257  O O   . HIS A 1 31  ? -8.506  7.567   -1.972  1.00 10.39 ? 31  HIS A O   1 
ATOM   258  C CB  . HIS A 1 31  ? -7.730  6.372   -4.474  1.00 9.39  ? 31  HIS A CB  1 
ATOM   259  C CG  . HIS A 1 31  ? -7.171  7.668   -4.964  1.00 10.41 ? 31  HIS A CG  1 
ATOM   260  N ND1 . HIS A 1 31  ? -5.950  7.744   -5.595  1.00 11.73 ? 31  HIS A ND1 1 
ATOM   261  C CD2 . HIS A 1 31  ? -7.607  8.943   -4.818  1.00 11.16 ? 31  HIS A CD2 1 
ATOM   262  C CE1 . HIS A 1 31  ? -5.684  9.012   -5.869  1.00 14.34 ? 31  HIS A CE1 1 
ATOM   263  N NE2 . HIS A 1 31  ? -6.666  9.760   -5.393  1.00 11.33 ? 31  HIS A NE2 1 
ATOM   264  N N   . LEU A 1 32  ? -6.308  7.467   -1.407  1.00 11.00 ? 32  LEU A N   1 
ATOM   265  C CA  . LEU A 1 32  ? -6.372  8.517   -0.402  1.00 12.50 ? 32  LEU A CA  1 
ATOM   266  C C   . LEU A 1 32  ? -6.623  9.869   -1.090  1.00 13.20 ? 32  LEU A C   1 
ATOM   267  O O   . LEU A 1 32  ? -5.920  10.240  -2.041  1.00 12.97 ? 32  LEU A O   1 
ATOM   268  C CB  . LEU A 1 32  ? -5.071  8.547   0.402   1.00 13.01 ? 32  LEU A CB  1 
ATOM   269  C CG  . LEU A 1 32  ? -4.993  9.702   1.387   1.00 15.29 ? 32  LEU A CG  1 
ATOM   270  C CD1 . LEU A 1 32  ? -5.980  9.451   2.518   1.00 15.60 ? 32  LEU A CD1 1 
ATOM   271  C CD2 . LEU A 1 32  ? -3.558  9.874   1.908   1.00 17.94 ? 32  LEU A CD2 1 
ATOM   272  N N   . LEU A 1 33  ? -7.658  10.564  -0.655  1.00 13.29 ? 33  LEU A N   1 
ATOM   273  C CA  . LEU A 1 33  ? -8.023  11.831  -1.294  1.00 14.16 ? 33  LEU A CA  1 
ATOM   274  C C   . LEU A 1 33  ? -7.361  12.967  -0.556  1.00 14.94 ? 33  LEU A C   1 
ATOM   275  O O   . LEU A 1 33  ? -6.795  13.855  -1.175  1.00 15.51 ? 33  LEU A O   1 
ATOM   276  C CB  . LEU A 1 33  ? -9.531  12.018  -1.280  1.00 13.36 ? 33  LEU A CB  1 
ATOM   277  C CG  . LEU A 1 33  ? -10.261 11.109  -2.264  1.00 13.39 ? 33  LEU A CG  1 
ATOM   278  C CD1 . LEU A 1 33  ? -11.742 11.101  -1.923  1.00 14.09 ? 33  LEU A CD1 1 
ATOM   279  C CD2 . LEU A 1 33  ? -10.021 11.587  -3.715  1.00 12.54 ? 33  LEU A CD2 1 
ATOM   280  N N   . THR A 1 34  ? -7.447  12.941  0.773   1.00 16.01 ? 34  THR A N   1 
ATOM   281  C CA  . THR A 1 34  ? -6.832  13.987  1.586   1.00 17.73 ? 34  THR A CA  1 
ATOM   282  C C   . THR A 1 34  ? -6.817  13.581  3.046   1.00 18.52 ? 34  THR A C   1 
ATOM   283  O O   . THR A 1 34  ? -7.654  12.786  3.478   1.00 18.37 ? 34  THR A O   1 
ATOM   284  C CB  . THR A 1 34  ? -7.604  15.330  1.469   1.00 17.46 ? 34  THR A CB  1 
ATOM   285  O OG1 . THR A 1 34  ? -6.938  16.328  2.256   1.00 19.13 ? 34  THR A OG1 1 
ATOM   286  C CG2 . THR A 1 34  ? -9.054  15.188  1.940   1.00 17.03 ? 34  THR A CG2 1 
ATOM   287  N N   . LYS A 1 35  ? -5.894  14.158  3.810   1.00 19.64 ? 35  LYS A N   1 
ATOM   288  C CA  . LYS A 1 35  ? -5.920  14.003  5.262   1.00 21.42 ? 35  LYS A CA  1 
ATOM   289  C C   . LYS A 1 35  ? -6.778  15.059  5.964   1.00 21.86 ? 35  LYS A C   1 
ATOM   290  O O   . LYS A 1 35  ? -7.011  14.969  7.176   1.00 22.20 ? 35  LYS A O   1 
ATOM   291  C CB  . LYS A 1 35  ? -4.497  13.946  5.827   1.00 21.91 ? 35  LYS A CB  1 
ATOM   292  C CG  . LYS A 1 35  ? -3.779  12.708  5.342   1.00 23.33 ? 35  LYS A CG  1 
ATOM   293  C CD  . LYS A 1 35  ? -2.436  12.461  6.006   1.00 27.07 ? 35  LYS A CD  1 
ATOM   294  C CE  . LYS A 1 35  ? -1.822  11.221  5.379   1.00 28.78 ? 35  LYS A CE  1 
ATOM   295  N NZ  . LYS A 1 35  ? -0.424  10.991  5.815   1.00 31.24 ? 35  LYS A NZ  1 
ATOM   296  N N   . SER A 1 36  ? -7.267  16.033  5.198   1.00 22.13 ? 36  SER A N   1 
ATOM   297  C CA  . SER A 1 36  ? -8.175  17.068  5.697   1.00 22.18 ? 36  SER A CA  1 
ATOM   298  C C   . SER A 1 36  ? -9.481  16.467  6.204   1.00 21.95 ? 36  SER A C   1 
ATOM   299  O O   . SER A 1 36  ? -10.076 15.621  5.523   1.00 20.52 ? 36  SER A O   1 
ATOM   300  C CB  . SER A 1 36  ? -8.484  18.082  4.580   1.00 22.42 ? 36  SER A CB  1 
ATOM   301  O OG  . SER A 1 36  ? -9.519  18.990  4.962   1.00 22.95 ? 36  SER A OG  1 
ATOM   302  N N   . PRO A 1 37  ? -9.941  16.905  7.401   1.00 22.44 ? 37  PRO A N   1 
ATOM   303  C CA  . PRO A 1 37  ? -11.255 16.524  7.950   1.00 22.83 ? 37  PRO A CA  1 
ATOM   304  C C   . PRO A 1 37  ? -12.417 17.135  7.165   1.00 22.97 ? 37  PRO A C   1 
ATOM   305  O O   . PRO A 1 37  ? -13.586 16.844  7.425   1.00 23.63 ? 37  PRO A O   1 
ATOM   306  C CB  . PRO A 1 37  ? -11.230 17.126  9.365   1.00 23.18 ? 37  PRO A CB  1 
ATOM   307  C CG  . PRO A 1 37  ? -10.295 18.295  9.258   1.00 23.26 ? 37  PRO A CG  1 
ATOM   308  C CD  . PRO A 1 37  ? -9.211  17.818  8.304   1.00 23.12 ? 37  PRO A CD  1 
ATOM   309  N N   . ASP A 1 38  ? -12.082 17.975  6.201   1.00 23.01 ? 38  ASP A N   1 
ATOM   310  C CA  . ASP A 1 38  ? -13.059 18.722  5.426   1.00 22.79 ? 38  ASP A CA  1 
ATOM   311  C C   . ASP A 1 38  ? -13.501 17.882  4.232   1.00 21.82 ? 38  ASP A C   1 
ATOM   312  O O   . ASP A 1 38  ? -12.698 17.629  3.315   1.00 21.50 ? 38  ASP A O   1 
ATOM   313  C CB  . ASP A 1 38  ? -12.367 20.009  4.968   1.00 23.56 ? 38  ASP A CB  1 
ATOM   314  C CG  . ASP A 1 38  ? -13.236 20.889  4.115   1.00 27.00 ? 38  ASP A CG  1 
ATOM   315  O OD1 . ASP A 1 38  ? -14.411 20.561  3.846   1.00 30.01 ? 38  ASP A OD1 1 
ATOM   316  O OD2 . ASP A 1 38  ? -12.715 21.956  3.716   1.00 32.99 ? 38  ASP A OD2 1 
ATOM   317  N N   . LEU A 1 39  ? -14.766 17.457  4.241   1.00 20.51 ? 39  LEU A N   1 
ATOM   318  C CA  . LEU A 1 39  ? -15.323 16.629  3.165   1.00 20.10 ? 39  LEU A CA  1 
ATOM   319  C C   . LEU A 1 39  ? -15.315 17.325  1.815   1.00 19.38 ? 39  LEU A C   1 
ATOM   320  O O   . LEU A 1 39  ? -15.139 16.687  0.768   1.00 18.17 ? 39  LEU A O   1 
ATOM   321  C CB  . LEU A 1 39  ? -16.725 16.125  3.499   1.00 20.11 ? 39  LEU A CB  1 
ATOM   322  C CG  . LEU A 1 39  ? -17.459 15.271  2.452   1.00 20.54 ? 39  LEU A CG  1 
ATOM   323  C CD1 . LEU A 1 39  ? -16.750 13.926  2.133   1.00 21.72 ? 39  LEU A CD1 1 
ATOM   324  C CD2 . LEU A 1 39  ? -18.881 15.030  2.903   1.00 20.92 ? 39  LEU A CD2 1 
ATOM   325  N N   . ASN A 1 40  ? -15.488 18.640  1.834   1.00 18.83 ? 40  ASN A N   1 
ATOM   326  C CA  . ASN A 1 40  ? -15.436 19.392  0.597   1.00 18.84 ? 40  ASN A CA  1 
ATOM   327  C C   . ASN A 1 40  ? -14.042 19.379  -0.029  1.00 17.71 ? 40  ASN A C   1 
ATOM   328  O O   . ASN A 1 40  ? -13.923 19.378  -1.247  1.00 17.15 ? 40  ASN A O   1 
ATOM   329  C CB  . ASN A 1 40  ? -15.919 20.831  0.821   1.00 20.10 ? 40  ASN A CB  1 
ATOM   330  C CG  . ASN A 1 40  ? -17.412 20.907  1.082   1.00 23.28 ? 40  ASN A CG  1 
ATOM   331  O OD1 . ASN A 1 40  ? -18.205 20.161  0.494   1.00 27.95 ? 40  ASN A OD1 1 
ATOM   332  N ND2 . ASN A 1 40  ? -17.810 21.835  1.952   1.00 27.92 ? 40  ASN A ND2 1 
ATOM   333  N N   . ALA A 1 41  ? -13.003 19.393  0.803   1.00 17.16 ? 41  ALA A N   1 
ATOM   334  C CA  . ALA A 1 41  ? -11.627 19.345  0.312   1.00 16.67 ? 41  ALA A CA  1 
ATOM   335  C C   . ALA A 1 41  ? -11.385 18.000  -0.356  1.00 16.12 ? 41  ALA A C   1 
ATOM   336  O O   . ALA A 1 41  ? -10.709 17.923  -1.398  1.00 16.05 ? 41  ALA A O   1 
ATOM   337  C CB  . ALA A 1 41  ? -10.640 19.574  1.426   1.00 17.36 ? 41  ALA A CB  1 
ATOM   338  N N   . ALA A 1 42  ? -11.947 16.945  0.236   1.00 15.23 ? 42  ALA A N   1 
ATOM   339  C CA  . ALA A 1 42  ? -11.867 15.581  -0.332  1.00 14.95 ? 42  ALA A CA  1 
ATOM   340  C C   . ALA A 1 42  ? -12.606 15.479  -1.654  1.00 14.75 ? 42  ALA A C   1 
ATOM   341  O O   . ALA A 1 42  ? -12.114 14.863  -2.617  1.00 14.97 ? 42  ALA A O   1 
ATOM   342  C CB  . ALA A 1 42  ? -12.419 14.544  0.686   1.00 15.47 ? 42  ALA A CB  1 
ATOM   343  N N   . LYS A 1 43  ? -13.792 16.078  -1.709  1.00 14.32 ? 43  LYS A N   1 
ATOM   344  C CA  . LYS A 1 43  ? -14.582 16.085  -2.937  1.00 14.01 ? 43  LYS A CA  1 
ATOM   345  C C   . LYS A 1 43  ? -13.854 16.853  -4.028  1.00 13.32 ? 43  LYS A C   1 
ATOM   346  O O   . LYS A 1 43  ? -13.870 16.432  -5.182  1.00 14.00 ? 43  LYS A O   1 
ATOM   347  C CB  . LYS A 1 43  ? -15.971 16.684  -2.702  1.00 14.38 ? 43  LYS A CB  1 
ATOM   348  C CG  . LYS A 1 43  ? -16.940 15.699  -2.064  1.00 15.48 ? 43  LYS A CG  1 
ATOM   349  C CD  . LYS A 1 43  ? -18.192 16.394  -1.554  1.00 19.69 ? 43  LYS A CD  1 
ATOM   350  C CE  . LYS A 1 43  ? -19.251 15.368  -1.186  1.00 22.76 ? 43  LYS A CE  1 
ATOM   351  N NZ  . LYS A 1 43  ? -20.453 16.045  -0.625  1.00 25.63 ? 43  LYS A NZ  1 
ATOM   352  N N   . SER A 1 44  ? -13.204 17.957  -3.660  1.00 13.08 ? 44  SER A N   1 
ATOM   353  C CA  . SER A 1 44  ? -12.414 18.718  -4.628  1.00 13.85 ? 44  SER A CA  1 
ATOM   354  C C   . SER A 1 44  ? -11.265 17.862  -5.188  1.00 13.24 ? 44  SER A C   1 
ATOM   355  O O   . SER A 1 44  ? -11.058 17.821  -6.409  1.00 13.18 ? 44  SER A O   1 
ATOM   356  C CB  . SER A 1 44  ? -11.884 20.022  -4.018  1.00 14.94 ? 44  SER A CB  1 
ATOM   357  O OG  . SER A 1 44  ? -11.331 20.830  -5.021  1.00 17.36 ? 44  SER A OG  1 
ATOM   358  N N   . GLU A 1 45  ? -10.532 17.182  -4.296  1.00 12.38 ? 45  GLU A N   1 
ATOM   359  C CA  . GLU A 1 45  ? -9.424  16.290  -4.694  1.00 12.05 ? 45  GLU A CA  1 
ATOM   360  C C   . GLU A 1 45  ? -9.937  15.200  -5.612  1.00 11.69 ? 45  GLU A C   1 
ATOM   361  O O   . GLU A 1 45  ? -9.263  14.825  -6.584  1.00 11.57 ? 45  GLU A O   1 
ATOM   362  C CB  . GLU A 1 45  ? -8.761  15.668  -3.469  1.00 12.43 ? 45  GLU A CB  1 
ATOM   363  C CG  . GLU A 1 45  ? -7.916  16.660  -2.672  1.00 12.76 ? 45  GLU A CG  1 
ATOM   364  C CD  . GLU A 1 45  ? -6.847  17.339  -3.535  1.00 15.54 ? 45  GLU A CD  1 
ATOM   365  O OE1 . GLU A 1 45  ? -6.079  16.634  -4.242  1.00 15.73 ? 45  GLU A OE1 1 
ATOM   366  O OE2 . GLU A 1 45  ? -6.786  18.586  -3.519  1.00 16.94 ? 45  GLU A OE2 1 
ATOM   367  N N   . LEU A 1 46  ? -11.128 14.689  -5.304  1.00 10.82 ? 46  LEU A N   1 
ATOM   368  C CA  . LEU A 1 46  ? -11.723 13.618  -6.100  1.00 10.81 ? 46  LEU A CA  1 
ATOM   369  C C   . LEU A 1 46  ? -11.953 14.106  -7.516  1.00 11.24 ? 46  LEU A C   1 
ATOM   370  O O   . LEU A 1 46  ? -11.577 13.441  -8.475  1.00 10.78 ? 46  LEU A O   1 
ATOM   371  C CB  . LEU A 1 46  ? -13.032 13.075  -5.501  1.00 9.89  ? 46  LEU A CB  1 
ATOM   372  C CG  . LEU A 1 46  ? -13.776 11.993  -6.311  1.00 10.51 ? 46  LEU A CG  1 
ATOM   373  C CD1 . LEU A 1 46  ? -12.863 10.775  -6.672  1.00 11.75 ? 46  LEU A CD1 1 
ATOM   374  C CD2 . LEU A 1 46  ? -15.043 11.498  -5.601  1.00 11.17 ? 46  LEU A CD2 1 
ATOM   375  N N   . ASP A 1 47  ? -12.575 15.275  -7.637  1.00 11.06 ? 47  ASP A N   1 
ATOM   376  C CA  . ASP A 1 47  ? -12.874 15.837  -8.944  1.00 12.50 ? 47  ASP A CA  1 
ATOM   377  C C   . ASP A 1 47  ? -11.615 16.107  -9.742  1.00 11.96 ? 47  ASP A C   1 
ATOM   378  O O   . ASP A 1 47  ? -11.586 15.889  -10.958 1.00 13.18 ? 47  ASP A O   1 
ATOM   379  C CB  . ASP A 1 47  ? -13.672 17.128  -8.767  1.00 11.84 ? 47  ASP A CB  1 
ATOM   380  C CG  . ASP A 1 47  ? -15.032 16.883  -8.125  1.00 13.58 ? 47  ASP A CG  1 
ATOM   381  O OD1 . ASP A 1 47  ? -15.493 15.721  -8.034  1.00 13.14 ? 47  ASP A OD1 1 
ATOM   382  O OD2 . ASP A 1 47  ? -15.668 17.890  -7.739  1.00 16.88 ? 47  ASP A OD2 1 
ATOM   383  N N   . LYS A 1 48  ? -10.588 16.580  -9.058  1.00 12.18 ? 48  LYS A N   1 
ATOM   384  C CA  . LYS A 1 48  ? -9.300  16.876  -9.673  1.00 11.84 ? 48  LYS A CA  1 
ATOM   385  C C   . LYS A 1 48  ? -8.696  15.558  -10.186 1.00 11.83 ? 48  LYS A C   1 
ATOM   386  O O   . LYS A 1 48  ? -8.162  15.494  -11.292 1.00 13.14 ? 48  LYS A O   1 
ATOM   387  C CB  . LYS A 1 48  ? -8.383  17.571  -8.661  1.00 11.72 ? 48  LYS A CB  1 
ATOM   388  C CG  . LYS A 1 48  ? -6.965  17.849  -9.159  1.00 12.65 ? 48  LYS A CG  1 
ATOM   389  C CD  . LYS A 1 48  ? -6.252  18.947  -8.342  1.00 11.68 ? 48  LYS A CD  1 
ATOM   390  C CE  . LYS A 1 48  ? -6.218  18.641  -6.869  1.00 13.28 ? 48  LYS A CE  1 
ATOM   391  N NZ  . LYS A 1 48  ? -5.183  17.656  -6.499  1.00 13.20 ? 48  LYS A NZ  1 
ATOM   392  N N   . ALA A 1 49  ? -8.841  14.501  -9.402  1.00 12.48 ? 49  ALA A N   1 
ATOM   393  C CA  . ALA A 1 49  ? -8.228  13.205  -9.746  1.00 13.42 ? 49  ALA A CA  1 
ATOM   394  C C   . ALA A 1 49  ? -8.902  12.530  -10.940 1.00 13.44 ? 49  ALA A C   1 
ATOM   395  O O   . ALA A 1 49  ? -8.241  11.883  -11.769 1.00 13.43 ? 49  ALA A O   1 
ATOM   396  C CB  . ALA A 1 49  ? -8.240  12.282  -8.502  1.00 13.54 ? 49  ALA A CB  1 
ATOM   397  N N   . ILE A 1 50  ? -10.221 12.678  -11.019 1.00 12.76 ? 50  ILE A N   1 
ATOM   398  C CA  . ILE A 1 50  ? -11.017 11.993  -12.032 1.00 14.08 ? 50  ILE A CA  1 
ATOM   399  C C   . ILE A 1 50  ? -11.177 12.847  -13.282 1.00 14.63 ? 50  ILE A C   1 
ATOM   400  O O   . ILE A 1 50  ? -11.291 12.321  -14.399 1.00 14.83 ? 50  ILE A O   1 
ATOM   401  C CB  . ILE A 1 50  ? -12.405 11.617  -11.462 1.00 12.87 ? 50  ILE A CB  1 
ATOM   402  C CG1 . ILE A 1 50  ? -12.219 10.662  -10.268 1.00 15.34 ? 50  ILE A CG1 1 
ATOM   403  C CG2 . ILE A 1 50  ? -13.322 10.984  -12.520 1.00 13.48 ? 50  ILE A CG2 1 
ATOM   404  C CD1 . ILE A 1 50  ? -11.593 9.333   -10.636 1.00 16.09 ? 50  ILE A CD1 1 
ATOM   405  N N   . GLY A 1 51  ? -11.138 14.159  -13.092 1.00 15.73 ? 51  GLY A N   1 
ATOM   406  C CA  . GLY A 1 51  ? -11.301 15.089  -14.209 1.00 17.12 ? 51  GLY A CA  1 
ATOM   407  C C   . GLY A 1 51  ? -12.754 15.409  -14.530 1.00 18.65 ? 51  GLY A C   1 
ATOM   408  O O   . GLY A 1 51  ? -13.077 15.832  -15.654 1.00 19.37 ? 51  GLY A O   1 
ATOM   409  N N   . ARG A 1 52  ? -13.642 15.222  -13.558 1.00 18.68 ? 52  ARG A N   1 
ATOM   410  C CA  . ARG A 1 52  ? -15.050 15.593  -13.733 1.00 18.97 ? 52  ARG A CA  1 
ATOM   411  C C   . ARG A 1 52  ? -15.634 15.899  -12.362 1.00 18.91 ? 52  ARG A C   1 
ATOM   412  O O   . ARG A 1 52  ? -14.991 15.630  -11.349 1.00 17.37 ? 52  ARG A O   1 
ATOM   413  C CB  . ARG A 1 52  ? -15.856 14.487  -14.454 1.00 19.43 ? 52  ARG A CB  1 
ATOM   414  C CG  . ARG A 1 52  ? -15.969 13.165  -13.685 1.00 19.28 ? 52  ARG A CG  1 
ATOM   415  C CD  . ARG A 1 52  ? -16.834 12.113  -14.379 1.00 20.00 ? 52  ARG A CD  1 
ATOM   416  N NE  . ARG A 1 52  ? -16.930 10.942  -13.512 1.00 20.25 ? 52  ARG A NE  1 
ATOM   417  C CZ  . ARG A 1 52  ? -17.859 10.762  -12.576 1.00 20.66 ? 52  ARG A CZ  1 
ATOM   418  N NH1 . ARG A 1 52  ? -18.831 11.655  -12.405 1.00 23.12 ? 52  ARG A NH1 1 
ATOM   419  N NH2 . ARG A 1 52  ? -17.830 9.676   -11.815 1.00 20.41 ? 52  ARG A NH2 1 
ATOM   420  N N   . ASN A 1 53  ? -16.837 16.473  -12.346 1.00 18.60 ? 53  ASN A N   1 
ATOM   421  C CA  . ASN A 1 53  ? -17.584 16.674  -11.114 1.00 19.04 ? 53  ASN A CA  1 
ATOM   422  C C   . ASN A 1 53  ? -18.231 15.374  -10.653 1.00 18.06 ? 53  ASN A C   1 
ATOM   423  O O   . ASN A 1 53  ? -19.244 14.960  -11.197 1.00 18.57 ? 53  ASN A O   1 
ATOM   424  C CB  . ASN A 1 53  ? -18.652 17.756  -11.326 1.00 19.23 ? 53  ASN A CB  1 
ATOM   425  C CG  . ASN A 1 53  ? -18.196 19.109  -10.853 0.50 21.14 ? 53  ASN A CG  1 
ATOM   426  O OD1 . ASN A 1 53  ? -17.170 19.625  -11.299 0.50 21.68 ? 53  ASN A OD1 1 
ATOM   427  N ND2 . ASN A 1 53  ? -18.952 19.695  -9.927  0.50 23.86 ? 53  ASN A ND2 1 
ATOM   428  N N   . CYS A 1 54  ? -17.633 14.721  -9.658  1.00 17.69 ? 54  CYS A N   1 
ATOM   429  C CA  . CYS A 1 54  ? -18.072 13.392  -9.249  1.00 17.44 ? 54  CYS A CA  1 
ATOM   430  C C   . CYS A 1 54  ? -19.130 13.371  -8.169  1.00 17.41 ? 54  CYS A C   1 
ATOM   431  O O   . CYS A 1 54  ? -19.794 12.346  -7.985  1.00 18.73 ? 54  CYS A O   1 
ATOM   432  C CB  . CYS A 1 54  ? -16.879 12.558  -8.757  1.00 16.86 ? 54  CYS A CB  1 
ATOM   433  S SG  . CYS A 1 54  ? -15.682 12.287  -10.045 1.00 17.20 ? 54  CYS A SG  1 
ATOM   434  N N   . ASN A 1 55  ? -19.252 14.468  -7.427  1.00 18.09 ? 55  ASN A N   1 
ATOM   435  C CA  . ASN A 1 55  ? -20.188 14.522  -6.299  1.00 18.41 ? 55  ASN A CA  1 
ATOM   436  C C   . ASN A 1 55  ? -19.990 13.335  -5.348  1.00 17.93 ? 55  ASN A C   1 
ATOM   437  O O   . ASN A 1 55  ? -20.953 12.668  -4.937  1.00 17.72 ? 55  ASN A O   1 
ATOM   438  C CB  . ASN A 1 55  ? -21.625 14.636  -6.834  1.00 19.15 ? 55  ASN A CB  1 
ATOM   439  C CG  . ASN A 1 55  ? -21.806 15.877  -7.693  0.50 19.00 ? 55  ASN A CG  1 
ATOM   440  O OD1 . ASN A 1 55  ? -21.725 16.997  -7.193  0.50 20.72 ? 55  ASN A OD1 1 
ATOM   441  N ND2 . ASN A 1 55  ? -22.016 15.686  -8.988  0.50 22.86 ? 55  ASN A ND2 1 
ATOM   442  N N   . GLY A 1 56  ? -18.711 13.069  -5.056  1.00 17.25 ? 56  GLY A N   1 
ATOM   443  C CA  . GLY A 1 56  ? -18.303 12.034  -4.094  1.00 16.40 ? 56  GLY A CA  1 
ATOM   444  C C   . GLY A 1 56  ? -18.526 10.597  -4.507  1.00 15.52 ? 56  GLY A C   1 
ATOM   445  O O   . GLY A 1 56  ? -18.482 9.695   -3.661  1.00 14.72 ? 56  GLY A O   1 
ATOM   446  N N   . VAL A 1 57  ? -18.761 10.367  -5.804  1.00 15.05 ? 57  VAL A N   1 
ATOM   447  C CA  . VAL A 1 57  ? -19.048 9.029   -6.317  1.00 15.77 ? 57  VAL A CA  1 
ATOM   448  C C   . VAL A 1 57  ? -18.324 8.768   -7.636  1.00 15.16 ? 57  VAL A C   1 
ATOM   449  O O   . VAL A 1 57  ? -18.272 9.624   -8.516  1.00 14.82 ? 57  VAL A O   1 
ATOM   450  C CB  . VAL A 1 57  ? -20.563 8.782   -6.532  1.00 16.79 ? 57  VAL A CB  1 
ATOM   451  C CG1 . VAL A 1 57  ? -20.799 7.350   -6.940  1.00 17.23 ? 57  VAL A CG1 1 
ATOM   452  C CG2 . VAL A 1 57  ? -21.322 9.072   -5.251  1.00 17.78 ? 57  VAL A CG2 1 
ATOM   453  N N   . ILE A 1 58  ? -17.738 7.586   -7.745  1.00 14.66 ? 58  ILE A N   1 
ATOM   454  C CA  . ILE A 1 58  ? -17.073 7.177   -8.974  1.00 13.91 ? 58  ILE A CA  1 
ATOM   455  C C   . ILE A 1 58  ? -17.542 5.788   -9.432  1.00 14.06 ? 58  ILE A C   1 
ATOM   456  O O   . ILE A 1 58  ? -18.250 5.078   -8.713  1.00 14.66 ? 58  ILE A O   1 
ATOM   457  C CB  . ILE A 1 58  ? -15.516 7.213   -8.851  1.00 13.09 ? 58  ILE A CB  1 
ATOM   458  C CG1 . ILE A 1 58  ? -15.011 6.199   -7.792  1.00 14.22 ? 58  ILE A CG1 1 
ATOM   459  C CG2 . ILE A 1 58  ? -15.021 8.636   -8.527  1.00 13.76 ? 58  ILE A CG2 1 
ATOM   460  C CD1 . ILE A 1 58  ? -13.456 6.075   -7.760  1.00 12.24 ? 58  ILE A CD1 1 
ATOM   461  N N   . THR A 1 59  ? -17.144 5.416   -10.646 1.00 14.15 ? 59  THR A N   1 
ATOM   462  C CA  . THR A 1 59  ? -17.481 4.118   -11.202 1.00 14.79 ? 59  THR A CA  1 
ATOM   463  C C   . THR A 1 59  ? -16.351 3.138   -10.912 1.00 14.71 ? 59  THR A C   1 
ATOM   464  O O   . THR A 1 59  ? -15.253 3.544   -10.520 1.00 14.33 ? 59  THR A O   1 
ATOM   465  C CB  . THR A 1 59  ? -17.667 4.215   -12.724 1.00 15.56 ? 59  THR A CB  1 
ATOM   466  O OG1 . THR A 1 59  ? -16.401 4.515   -13.334 1.00 15.04 ? 59  THR A OG1 1 
ATOM   467  C CG2 . THR A 1 59  ? -18.678 5.319   -13.067 1.00 15.93 ? 59  THR A CG2 1 
ATOM   468  N N   . LYS A 1 60  ? -16.611 1.853   -11.129 1.00 14.98 ? 60  LYS A N   1 
ATOM   469  C CA  . LYS A 1 60  ? -15.573 0.839   -10.961 1.00 14.84 ? 60  LYS A CA  1 
ATOM   470  C C   . LYS A 1 60  ? -14.378 1.085   -11.876 1.00 14.57 ? 60  LYS A C   1 
ATOM   471  O O   . LYS A 1 60  ? -13.220 0.923   -11.467 1.00 14.13 ? 60  LYS A O   1 
ATOM   472  C CB  . LYS A 1 60  ? -16.145 -0.541  -11.217 1.00 15.70 ? 60  LYS A CB  1 
ATOM   473  C CG  . LYS A 1 60  ? -15.182 -1.658  -10.855 1.00 16.59 ? 60  LYS A CG  1 
ATOM   474  C CD  . LYS A 1 60  ? -15.899 -2.981  -10.889 1.00 21.20 ? 60  LYS A CD  1 
ATOM   475  C CE  . LYS A 1 60  ? -14.965 -4.119  -10.539 1.00 25.89 ? 60  LYS A CE  1 
ATOM   476  N NZ  . LYS A 1 60  ? -14.243 -4.624  -11.756 1.00 28.76 ? 60  LYS A NZ  1 
ATOM   477  N N   . ASP A 1 61  ? -14.658 1.471   -13.122 1.00 14.40 ? 61  ASP A N   1 
ATOM   478  C CA  . ASP A 1 61  ? -13.594 1.746   -14.069 1.00 14.71 ? 61  ASP A CA  1 
ATOM   479  C C   . ASP A 1 61  ? -12.702 2.877   -13.564 1.00 13.54 ? 61  ASP A C   1 
ATOM   480  O O   . ASP A 1 61  ? -11.477 2.793   -13.644 1.00 12.56 ? 61  ASP A O   1 
ATOM   481  C CB  . ASP A 1 61  ? -14.154 2.071   -15.460 1.00 15.40 ? 61  ASP A CB  1 
ATOM   482  C CG  . ASP A 1 61  ? -14.731 0.849   -16.161 1.00 20.92 ? 61  ASP A CG  1 
ATOM   483  O OD1 . ASP A 1 61  ? -14.779 -0.254  -15.560 1.00 24.68 ? 61  ASP A OD1 1 
ATOM   484  O OD2 . ASP A 1 61  ? -15.152 0.992   -17.326 1.00 24.54 ? 61  ASP A OD2 1 
ATOM   485  N N   . GLU A 1 62  ? -13.324 3.937   -13.058 1.00 12.48 ? 62  GLU A N   1 
ATOM   486  C CA  . GLU A 1 62  ? -12.576 5.074   -12.537 1.00 12.49 ? 62  GLU A CA  1 
ATOM   487  C C   . GLU A 1 62  ? -11.761 4.638   -11.321 1.00 11.39 ? 62  GLU A C   1 
ATOM   488  O O   . GLU A 1 62  ? -10.619 5.061   -11.178 1.00 11.33 ? 62  GLU A O   1 
ATOM   489  C CB  . GLU A 1 62  ? -13.517 6.206   -12.187 1.00 12.38 ? 62  GLU A CB  1 
ATOM   490  C CG  . GLU A 1 62  ? -14.169 6.788   -13.430 1.00 14.93 ? 62  GLU A CG  1 
ATOM   491  C CD  . GLU A 1 62  ? -15.257 7.796   -13.128 1.00 17.26 ? 62  GLU A CD  1 
ATOM   492  O OE1 . GLU A 1 62  ? -15.918 7.712   -12.063 1.00 16.12 ? 62  GLU A OE1 1 
ATOM   493  O OE2 . GLU A 1 62  ? -15.442 8.692   -13.974 1.00 16.93 ? 62  GLU A OE2 1 
ATOM   494  N N   . ALA A 1 63  ? -12.343 3.790   -10.470 1.00 10.78 ? 63  ALA A N   1 
ATOM   495  C CA  . ALA A 1 63  ? -11.620 3.307   -9.287  1.00 10.91 ? 63  ALA A CA  1 
ATOM   496  C C   . ALA A 1 63  ? -10.373 2.563   -9.723  1.00 10.59 ? 63  ALA A C   1 
ATOM   497  O O   . ALA A 1 63  ? -9.280  2.760   -9.168  1.00 11.06 ? 63  ALA A O   1 
ATOM   498  C CB  . ALA A 1 63  ? -12.485 2.414   -8.438  1.00 11.13 ? 63  ALA A CB  1 
ATOM   499  N N   . GLU A 1 64  ? -10.536 1.701   -10.723 1.00 10.34 ? 64  GLU A N   1 
ATOM   500  C CA  . GLU A 1 64  ? -9.435  0.880   -11.189 1.00 10.47 ? 64  GLU A CA  1 
ATOM   501  C C   . GLU A 1 64  ? -8.374  1.710   -11.912 1.00 10.38 ? 64  GLU A C   1 
ATOM   502  O O   . GLU A 1 64  ? -7.186  1.411   -11.828 1.00 10.21 ? 64  GLU A O   1 
ATOM   503  C CB  . GLU A 1 64  ? -9.970  -0.242  -12.063 1.00 11.00 ? 64  GLU A CB  1 
ATOM   504  C CG  . GLU A 1 64  ? -10.769 -1.275  -11.270 1.00 13.30 ? 64  GLU A CG  1 
ATOM   505  C CD  . GLU A 1 64  ? -11.492 -2.255  -12.166 1.00 17.09 ? 64  GLU A CD  1 
ATOM   506  O OE1 . GLU A 1 64  ? -11.643 -1.960  -13.377 1.00 17.83 ? 64  GLU A OE1 1 
ATOM   507  O OE2 . GLU A 1 64  ? -11.932 -3.311  -11.654 1.00 18.68 ? 64  GLU A OE2 1 
ATOM   508  N N   . LYS A 1 65  ? -8.800  2.780   -12.585 1.00 10.24 ? 65  LYS A N   1 
ATOM   509  C CA  . LYS A 1 65  ? -7.839  3.729   -13.174 1.00 10.74 ? 65  LYS A CA  1 
ATOM   510  C C   . LYS A 1 65  ? -6.937  4.378   -12.122 1.00 9.96  ? 65  LYS A C   1 
ATOM   511  O O   . LYS A 1 65  ? -5.720  4.382   -12.263 1.00 9.68  ? 65  LYS A O   1 
ATOM   512  C CB  . LYS A 1 65  ? -8.559  4.778   -14.044 1.00 10.50 ? 65  LYS A CB  1 
ATOM   513  C CG  . LYS A 1 65  ? -7.610  5.745   -14.685 1.00 12.66 ? 65  LYS A CG  1 
ATOM   514  C CD  . LYS A 1 65  ? -8.249  6.593   -15.751 1.00 15.78 ? 65  LYS A CD  1 
ATOM   515  C CE  . LYS A 1 65  ? -7.106  7.133   -16.617 1.00 19.29 ? 65  LYS A CE  1 
ATOM   516  N NZ  . LYS A 1 65  ? -7.579  7.880   -17.777 1.00 22.35 ? 65  LYS A NZ  1 
ATOM   517  N N   . LEU A 1 66  ? -7.532  4.934   -11.063 1.00 10.39 ? 66  LEU A N   1 
ATOM   518  C CA  . LEU A 1 66  ? -6.772  5.522   -9.967  1.00 9.88  ? 66  LEU A CA  1 
ATOM   519  C C   . LEU A 1 66  ? -5.873  4.469   -9.360  1.00 10.09 ? 66  LEU A C   1 
ATOM   520  O O   . LEU A 1 66  ? -4.726  4.750   -9.006  1.00 10.04 ? 66  LEU A O   1 
ATOM   521  C CB  . LEU A 1 66  ? -7.723  6.049   -8.877  1.00 10.45 ? 66  LEU A CB  1 
ATOM   522  C CG  . LEU A 1 66  ? -8.606  7.233   -9.354  1.00 10.40 ? 66  LEU A CG  1 
ATOM   523  C CD1 . LEU A 1 66  ? -9.504  7.751   -8.220  1.00 16.24 ? 66  LEU A CD1 1 
ATOM   524  C CD2 . LEU A 1 66  ? -7.741  8.365   -9.944  1.00 13.83 ? 66  LEU A CD2 1 
ATOM   525  N N   . PHE A 1 67  ? -6.414  3.266   -9.226  1.00 9.78  ? 67  PHE A N   1 
ATOM   526  C CA  . PHE A 1 67  ? -5.666  2.149   -8.617  1.00 10.45 ? 67  PHE A CA  1 
ATOM   527  C C   . PHE A 1 67  ? -4.401  1.840   -9.420  1.00 10.28 ? 67  PHE A C   1 
ATOM   528  O O   . PHE A 1 67  ? -3.306  1.755   -8.859  1.00 10.95 ? 67  PHE A O   1 
ATOM   529  C CB  . PHE A 1 67  ? -6.588  0.950   -8.473  1.00 10.17 ? 67  PHE A CB  1 
ATOM   530  C CG  . PHE A 1 67  ? -5.978  -0.235  -7.768  1.00 12.10 ? 67  PHE A CG  1 
ATOM   531  C CD1 . PHE A 1 67  ? -5.120  -0.069  -6.673  1.00 11.08 ? 67  PHE A CD1 1 
ATOM   532  C CD2 . PHE A 1 67  ? -6.307  -1.533  -8.196  1.00 12.88 ? 67  PHE A CD2 1 
ATOM   533  C CE1 . PHE A 1 67  ? -4.590  -1.191  -6.006  1.00 11.92 ? 67  PHE A CE1 1 
ATOM   534  C CE2 . PHE A 1 67  ? -5.785  -2.665  -7.540  1.00 12.73 ? 67  PHE A CE2 1 
ATOM   535  C CZ  . PHE A 1 67  ? -4.921  -2.486  -6.453  1.00 12.91 ? 67  PHE A CZ  1 
ATOM   536  N N   . ASN A 1 68  ? -4.534  1.729   -10.736 1.00 11.01 ? 68  ASN A N   1 
ATOM   537  C CA  A ASN A 1 68  ? -3.388  1.558   -11.628 0.50 11.47 ? 68  ASN A CA  1 
ATOM   538  C CA  B ASN A 1 68  ? -3.366  1.538   -11.593 0.50 10.93 ? 68  ASN A CA  1 
ATOM   539  C C   . ASN A 1 68  ? -2.357  2.674   -11.446 1.00 11.26 ? 68  ASN A C   1 
ATOM   540  O O   . ASN A 1 68  ? -1.139  2.430   -11.356 1.00 11.15 ? 68  ASN A O   1 
ATOM   541  C CB  A ASN A 1 68  ? -3.864  1.512   -13.086 0.50 12.02 ? 68  ASN A CB  1 
ATOM   542  C CB  B ASN A 1 68  ? -3.787  1.387   -13.050 0.50 11.10 ? 68  ASN A CB  1 
ATOM   543  C CG  A ASN A 1 68  ? -4.492  0.173   -13.467 0.50 14.00 ? 68  ASN A CG  1 
ATOM   544  C CG  B ASN A 1 68  ? -2.699  0.764   -13.924 0.50 10.58 ? 68  ASN A CG  1 
ATOM   545  O OD1 A ASN A 1 68  ? -4.117  -0.870  -12.943 0.50 16.91 ? 68  ASN A OD1 1 
ATOM   546  O OD1 B ASN A 1 68  ? -1.494  0.869   -13.647 0.50 13.34 ? 68  ASN A OD1 1 
ATOM   547  N ND2 A ASN A 1 68  ? -5.438  0.200   -14.403 0.50 14.70 ? 68  ASN A ND2 1 
ATOM   548  N ND2 B ASN A 1 68  ? -3.127  0.122   -14.996 0.50 9.84  ? 68  ASN A ND2 1 
ATOM   549  N N   . GLN A 1 69  ? -2.832  3.918   -11.411 1.00 10.81 ? 69  GLN A N   1 
ATOM   550  C CA  . GLN A 1 69  ? -1.921  5.040   -11.208 1.00 11.28 ? 69  GLN A CA  1 
ATOM   551  C C   . GLN A 1 69  ? -1.203  4.921   -9.862  1.00 11.38 ? 69  GLN A C   1 
ATOM   552  O O   . GLN A 1 69  ? 0.007   5.144   -9.774  1.00 12.21 ? 69  GLN A O   1 
ATOM   553  C CB  . GLN A 1 69  ? -2.670  6.380   -11.287 1.00 11.02 ? 69  GLN A CB  1 
ATOM   554  C CG  . GLN A 1 69  ? -3.162  6.643   -12.682 1.00 9.78  ? 69  GLN A CG  1 
ATOM   555  C CD  . GLN A 1 69  ? -4.028  7.844   -12.858 1.00 14.10 ? 69  GLN A CD  1 
ATOM   556  O OE1 . GLN A 1 69  ? -4.294  8.228   -14.005 1.00 12.03 ? 69  GLN A OE1 1 
ATOM   557  N NE2 . GLN A 1 69  ? -4.493  8.453   -11.744 1.00 11.46 ? 69  GLN A NE2 1 
ATOM   558  N N   . ASP A 1 70  ? -1.967  4.562   -8.831  1.00 11.60 ? 70  ASP A N   1 
ATOM   559  C CA  . ASP A 1 70  ? -1.469  4.530   -7.454  1.00 11.33 ? 70  ASP A CA  1 
ATOM   560  C C   . ASP A 1 70  ? -0.434  3.427   -7.292  1.00 11.35 ? 70  ASP A C   1 
ATOM   561  O O   . ASP A 1 70  ? 0.654   3.673   -6.751  1.00 12.13 ? 70  ASP A O   1 
ATOM   562  C CB  . ASP A 1 70  ? -2.635  4.347   -6.468  1.00 10.85 ? 70  ASP A CB  1 
ATOM   563  C CG  . ASP A 1 70  ? -3.473  5.614   -6.326  1.00 10.52 ? 70  ASP A CG  1 
ATOM   564  O OD1 . ASP A 1 70  ? -3.089  6.684   -6.871  1.00 9.44  ? 70  ASP A OD1 1 
ATOM   565  O OD2 . ASP A 1 70  ? -4.514  5.518   -5.677  1.00 12.39 ? 70  ASP A OD2 1 
ATOM   566  N N   . VAL A 1 71  ? -0.738  2.256   -7.835  1.00 11.96 ? 71  VAL A N   1 
ATOM   567  C CA  . VAL A 1 71  ? 0.235   1.129   -7.800  1.00 12.76 ? 71  VAL A CA  1 
ATOM   568  C C   . VAL A 1 71  ? 1.512   1.496   -8.555  1.00 13.08 ? 71  VAL A C   1 
ATOM   569  O O   . VAL A 1 71  ? 2.619   1.353   -8.032  1.00 13.40 ? 71  VAL A O   1 
ATOM   570  C CB  . VAL A 1 71  ? -0.367  -0.193  -8.323  1.00 12.63 ? 71  VAL A CB  1 
ATOM   571  C CG1 . VAL A 1 71  ? 0.691   -1.312  -8.343  1.00 13.75 ? 71  VAL A CG1 1 
ATOM   572  C CG2 . VAL A 1 71  ? -1.556  -0.642  -7.479  1.00 13.66 ? 71  VAL A CG2 1 
ATOM   573  N N   . ASP A 1 72  ? 1.364   2.009   -9.776  1.00 13.59 ? 72  ASP A N   1 
ATOM   574  C CA  . ASP A 1 72  ? 2.524   2.409   -10.557 1.00 14.39 ? 72  ASP A CA  1 
ATOM   575  C C   . ASP A 1 72  ? 3.370   3.460   -9.809  1.00 15.48 ? 72  ASP A C   1 
ATOM   576  O O   . ASP A 1 72  ? 4.615   3.379   -9.756  1.00 14.87 ? 72  ASP A O   1 
ATOM   577  C CB  . ASP A 1 72  ? 2.075   2.916   -11.918 1.00 14.66 ? 72  ASP A CB  1 
ATOM   578  C CG  . ASP A 1 72  ? 3.230   3.293   -12.790 0.50 16.11 ? 72  ASP A CG  1 
ATOM   579  O OD1 . ASP A 1 72  ? 3.996   2.396   -13.174 0.50 19.00 ? 72  ASP A OD1 1 
ATOM   580  O OD2 . ASP A 1 72  ? 3.375   4.487   -13.078 0.50 18.69 ? 72  ASP A OD2 1 
ATOM   581  N N   . ALA A 1 73  ? 2.689   4.427   -9.204  1.00 16.49 ? 73  ALA A N   1 
ATOM   582  C CA  . ALA A 1 73  ? 3.361   5.493   -8.481  1.00 17.76 ? 73  ALA A CA  1 
ATOM   583  C C   . ALA A 1 73  ? 4.111   4.969   -7.265  1.00 17.86 ? 73  ALA A C   1 
ATOM   584  O O   . ALA A 1 73  ? 5.208   5.465   -6.967  1.00 18.60 ? 73  ALA A O   1 
ATOM   585  C CB  . ALA A 1 73  ? 2.375   6.573   -8.061  1.00 18.25 ? 73  ALA A CB  1 
ATOM   586  N N   . ALA A 1 74  ? 3.530   3.980   -6.583  1.00 17.22 ? 74  ALA A N   1 
ATOM   587  C CA  . ALA A 1 74  ? 4.170   3.328   -5.443  1.00 17.05 ? 74  ALA A CA  1 
ATOM   588  C C   . ALA A 1 74  ? 5.488   2.675   -5.900  1.00 17.18 ? 74  ALA A C   1 
ATOM   589  O O   . ALA A 1 74  ? 6.519   2.847   -5.259  1.00 17.09 ? 74  ALA A O   1 
ATOM   590  C CB  . ALA A 1 74  ? 3.255   2.292   -4.818  1.00 17.13 ? 74  ALA A CB  1 
ATOM   591  N N   . VAL A 1 75  ? 5.421   1.924   -7.006  1.00 16.41 ? 75  VAL A N   1 
ATOM   592  C CA  . VAL A 1 75  ? 6.599   1.230   -7.544  1.00 16.70 ? 75  VAL A CA  1 
ATOM   593  C C   . VAL A 1 75  ? 7.655   2.256   -7.949  1.00 16.63 ? 75  VAL A C   1 
ATOM   594  O O   . VAL A 1 75  ? 8.821   2.159   -7.547  1.00 16.27 ? 75  VAL A O   1 
ATOM   595  C CB  . VAL A 1 75  ? 6.228   0.357   -8.754  1.00 16.45 ? 75  VAL A CB  1 
ATOM   596  C CG1 . VAL A 1 75  ? 7.517   -0.252  -9.388  1.00 17.15 ? 75  VAL A CG1 1 
ATOM   597  C CG2 . VAL A 1 75  ? 5.281   -0.730  -8.323  1.00 14.81 ? 75  VAL A CG2 1 
ATOM   598  N N   . ARG A 1 76  ? 7.242   3.242   -8.746  1.00 17.04 ? 76  ARG A N   1 
ATOM   599  C CA  . ARG A 1 76  ? 8.174   4.245   -9.240  1.00 17.57 ? 76  ARG A CA  1 
ATOM   600  C C   . ARG A 1 76  ? 8.815   5.010   -8.081  1.00 17.68 ? 76  ARG A C   1 
ATOM   601  O O   . ARG A 1 76  ? 10.001  5.339   -8.144  1.00 17.62 ? 76  ARG A O   1 
ATOM   602  C CB  . ARG A 1 76  ? 7.500   5.191   -10.239 1.00 17.51 ? 76  ARG A CB  1 
ATOM   603  C CG  . ARG A 1 76  ? 7.134   4.504   -11.576 1.00 18.98 ? 76  ARG A CG  1 
ATOM   604  C CD  . ARG A 1 76  ? 8.323   3.809   -12.299 1.00 22.39 ? 76  ARG A CD  1 
ATOM   605  N NE  . ARG A 1 76  ? 9.327   4.739   -12.858 1.00 24.11 ? 76  ARG A NE  1 
ATOM   606  C CZ  . ARG A 1 76  ? 9.146   5.492   -13.947 1.00 23.66 ? 76  ARG A CZ  1 
ATOM   607  N NH1 . ARG A 1 76  ? 10.125  6.280   -14.367 1.00 24.33 ? 76  ARG A NH1 1 
ATOM   608  N NH2 . ARG A 1 76  ? 7.998   5.455   -14.621 1.00 23.27 ? 76  ARG A NH2 1 
ATOM   609  N N   . GLY A 1 77  ? 8.042   5.255   -7.023  1.00 17.52 ? 77  GLY A N   1 
ATOM   610  C CA  . GLY A 1 77  ? 8.565   5.890   -5.808  1.00 18.24 ? 77  GLY A CA  1 
ATOM   611  C C   . GLY A 1 77  ? 9.663   5.090   -5.122  1.00 18.64 ? 77  GLY A C   1 
ATOM   612  O O   . GLY A 1 77  ? 10.733  5.633   -4.791  1.00 18.96 ? 77  GLY A O   1 
ATOM   613  N N   . ILE A 1 78  ? 9.402   3.795   -4.940  1.00 17.64 ? 78  ILE A N   1 
ATOM   614  C CA  . ILE A 1 78  ? 10.389  2.857   -4.403  1.00 17.45 ? 78  ILE A CA  1 
ATOM   615  C C   . ILE A 1 78  ? 11.689  2.946   -5.221  1.00 17.97 ? 78  ILE A C   1 
ATOM   616  O O   . ILE A 1 78  ? 12.775  3.141   -4.659  1.00 17.18 ? 78  ILE A O   1 
ATOM   617  C CB  . ILE A 1 78  ? 9.833   1.414   -4.409  1.00 17.25 ? 78  ILE A CB  1 
ATOM   618  C CG1 . ILE A 1 78  ? 8.804   1.242   -3.287  1.00 15.58 ? 78  ILE A CG1 1 
ATOM   619  C CG2 . ILE A 1 78  ? 10.963  0.378   -4.250  1.00 16.41 ? 78  ILE A CG2 1 
ATOM   620  C CD1 . ILE A 1 78  ? 7.833   0.064   -3.507  1.00 15.14 ? 78  ILE A CD1 1 
ATOM   621  N N   . LEU A 1 79  ? 11.558  2.851   -6.546  1.00 18.35 ? 79  LEU A N   1 
ATOM   622  C CA  . LEU A 1 79  ? 12.726  2.909   -7.440  1.00 19.58 ? 79  LEU A CA  1 
ATOM   623  C C   . LEU A 1 79  ? 13.515  4.206   -7.363  1.00 20.57 ? 79  LEU A C   1 
ATOM   624  O O   . LEU A 1 79  ? 14.719  4.191   -7.599  1.00 21.32 ? 79  LEU A O   1 
ATOM   625  C CB  . LEU A 1 79  ? 12.337  2.581   -8.888  1.00 18.77 ? 79  LEU A CB  1 
ATOM   626  C CG  . LEU A 1 79  ? 11.716  1.192   -9.069  1.00 20.38 ? 79  LEU A CG  1 
ATOM   627  C CD1 . LEU A 1 79  ? 11.306  0.962   -10.518 1.00 21.82 ? 79  LEU A CD1 1 
ATOM   628  C CD2 . LEU A 1 79  ? 12.655  0.065   -8.596  1.00 20.58 ? 79  LEU A CD2 1 
ATOM   629  N N   . ARG A 1 80  ? 12.849  5.312   -7.019  1.00 21.05 ? 80  ARG A N   1 
ATOM   630  C CA  A ARG A 1 80  ? 13.529  6.601   -6.871  0.50 21.84 ? 80  ARG A CA  1 
ATOM   631  C CA  B ARG A 1 80  ? 13.500  6.619   -6.866  0.50 21.96 ? 80  ARG A CA  1 
ATOM   632  C C   . ARG A 1 80  ? 14.094  6.816   -5.471  1.00 22.07 ? 80  ARG A C   1 
ATOM   633  O O   . ARG A 1 80  ? 14.822  7.777   -5.228  1.00 22.24 ? 80  ARG A O   1 
ATOM   634  C CB  A ARG A 1 80  ? 12.595  7.757   -7.242  0.50 22.09 ? 80  ARG A CB  1 
ATOM   635  C CB  B ARG A 1 80  ? 12.507  7.755   -7.161  0.50 21.91 ? 80  ARG A CB  1 
ATOM   636  C CG  A ARG A 1 80  ? 12.683  8.155   -8.707  0.50 23.95 ? 80  ARG A CG  1 
ATOM   637  C CG  B ARG A 1 80  ? 11.916  7.720   -8.563  0.50 23.00 ? 80  ARG A CG  1 
ATOM   638  C CD  A ARG A 1 80  ? 11.833  9.387   -9.008  0.50 25.29 ? 80  ARG A CD  1 
ATOM   639  C CD  B ARG A 1 80  ? 11.128  8.986   -8.878  0.50 23.29 ? 80  ARG A CD  1 
ATOM   640  N NE  A ARG A 1 80  ? 10.423  9.050   -9.208  0.50 26.86 ? 80  ARG A NE  1 
ATOM   641  N NE  B ARG A 1 80  ? 9.993   8.722   -9.769  0.50 26.50 ? 80  ARG A NE  1 
ATOM   642  C CZ  A ARG A 1 80  ? 9.474   9.160   -8.278  0.50 25.52 ? 80  ARG A CZ  1 
ATOM   643  C CZ  B ARG A 1 80  ? 10.062  8.670   -11.095 0.50 26.79 ? 80  ARG A CZ  1 
ATOM   644  N NH1 A ARG A 1 80  ? 9.761   9.611   -7.064  0.50 26.16 ? 80  ARG A NH1 1 
ATOM   645  N NH1 B ARG A 1 80  ? 11.218  8.862   -11.720 0.50 28.70 ? 80  ARG A NH1 1 
ATOM   646  N NH2 A ARG A 1 80  ? 8.231   8.824   -8.570  0.50 23.80 ? 80  ARG A NH2 1 
ATOM   647  N NH2 B ARG A 1 80  ? 8.965   8.423   -11.800 0.50 29.33 ? 80  ARG A NH2 1 
ATOM   648  N N   . ASN A 1 81  ? 13.773  5.916   -4.550  1.00 21.61 ? 81  ASN A N   1 
ATOM   649  C CA  . ASN A 1 81  ? 14.199  6.075   -3.178  1.00 21.48 ? 81  ASN A CA  1 
ATOM   650  C C   . ASN A 1 81  ? 15.499  5.320   -2.917  1.00 21.80 ? 81  ASN A C   1 
ATOM   651  O O   . ASN A 1 81  ? 15.550  4.092   -2.997  1.00 21.37 ? 81  ASN A O   1 
ATOM   652  C CB  . ASN A 1 81  ? 13.080  5.658   -2.224  1.00 21.77 ? 81  ASN A CB  1 
ATOM   653  C CG  . ASN A 1 81  ? 13.387  5.981   -0.776  1.00 21.80 ? 81  ASN A CG  1 
ATOM   654  O OD1 . ASN A 1 81  ? 14.415  5.579   -0.239  1.00 24.71 ? 81  ASN A OD1 1 
ATOM   655  N ND2 . ASN A 1 81  ? 12.475  6.678   -0.124  1.00 20.16 ? 81  ASN A ND2 1 
ATOM   656  N N   . ALA A 1 82  ? 16.558  6.073   -2.636  1.00 21.45 ? 82  ALA A N   1 
ATOM   657  C CA  . ALA A 1 82  ? 17.894  5.494   -2.478  1.00 21.80 ? 82  ALA A CA  1 
ATOM   658  C C   . ALA A 1 82  ? 17.960  4.475   -1.348  1.00 22.04 ? 82  ALA A C   1 
ATOM   659  O O   . ALA A 1 82  ? 18.827  3.603   -1.363  1.00 22.34 ? 82  ALA A O   1 
ATOM   660  C CB  . ALA A 1 82  ? 18.930  6.586   -2.255  1.00 21.55 ? 82  ALA A CB  1 
ATOM   661  N N   . LYS A 1 83  ? 17.064  4.579   -0.368  1.00 22.04 ? 83  LYS A N   1 
ATOM   662  C CA  . LYS A 1 83  ? 17.035  3.594   0.717   1.00 22.44 ? 83  LYS A CA  1 
ATOM   663  C C   . LYS A 1 83  ? 16.215  2.356   0.360   1.00 20.90 ? 83  LYS A C   1 
ATOM   664  O O   . LYS A 1 83  ? 16.545  1.244   0.784   1.00 21.69 ? 83  LYS A O   1 
ATOM   665  C CB  . LYS A 1 83  ? 16.508  4.198   2.019   1.00 23.57 ? 83  LYS A CB  1 
ATOM   666  C CG  . LYS A 1 83  ? 17.341  5.356   2.548   1.00 26.18 ? 83  LYS A CG  1 
ATOM   667  C CD  . LYS A 1 83  ? 16.791  5.895   3.856   1.00 29.01 ? 83  LYS A CD  1 
ATOM   668  C CE  . LYS A 1 83  ? 17.288  7.332   4.098   1.00 31.86 ? 83  LYS A CE  1 
ATOM   669  N NZ  . LYS A 1 83  ? 18.770  7.452   3.889   0.50 31.96 ? 83  LYS A NZ  1 
ATOM   670  N N   . LEU A 1 84  ? 15.159  2.536   -0.418  1.00 18.82 ? 84  LEU A N   1 
ATOM   671  C CA  . LEU A 1 84  ? 14.263  1.426   -0.718  1.00 16.98 ? 84  LEU A CA  1 
ATOM   672  C C   . LEU A 1 84  ? 14.683  0.619   -1.933  1.00 15.83 ? 84  LEU A C   1 
ATOM   673  O O   . LEU A 1 84  ? 14.517  -0.592  -1.963  1.00 14.70 ? 84  LEU A O   1 
ATOM   674  C CB  . LEU A 1 84  ? 12.822  1.911   -0.903  1.00 17.27 ? 84  LEU A CB  1 
ATOM   675  C CG  . LEU A 1 84  ? 12.284  2.737   0.265   1.00 18.00 ? 84  LEU A CG  1 
ATOM   676  C CD1 . LEU A 1 84  ? 10.854  3.160   -0.005  1.00 17.46 ? 84  LEU A CD1 1 
ATOM   677  C CD2 . LEU A 1 84  ? 12.403  1.982   1.600   1.00 20.26 ? 84  LEU A CD2 1 
ATOM   678  N N   . LYS A 1 85  ? 15.212  1.296   -2.943  1.00 15.28 ? 85  LYS A N   1 
ATOM   679  C CA  . LYS A 1 85  ? 15.510  0.625   -4.198  1.00 15.17 ? 85  LYS A CA  1 
ATOM   680  C C   . LYS A 1 85  ? 16.447  -0.600  -4.058  1.00 14.62 ? 85  LYS A C   1 
ATOM   681  O O   . LYS A 1 85  ? 16.159  -1.653  -4.624  1.00 14.23 ? 85  LYS A O   1 
ATOM   682  C CB  . LYS A 1 85  ? 16.074  1.616   -5.219  1.00 15.25 ? 85  LYS A CB  1 
ATOM   683  C CG  . LYS A 1 85  ? 16.332  0.971   -6.577  1.00 16.07 ? 85  LYS A CG  1 
ATOM   684  C CD  . LYS A 1 85  ? 16.945  1.956   -7.519  1.00 19.87 ? 85  LYS A CD  1 
ATOM   685  C CE  . LYS A 1 85  ? 16.865  1.499   -8.970  1.00 22.73 ? 85  LYS A CE  1 
ATOM   686  N NZ  . LYS A 1 85  ? 17.368  0.125   -9.155  1.00 26.95 ? 85  LYS A NZ  1 
ATOM   687  N N   . PRO A 1 86  ? 17.580  -0.460  -3.350  1.00 15.50 ? 86  PRO A N   1 
ATOM   688  C CA  . PRO A 1 86  ? 18.468  -1.641  -3.288  1.00 15.70 ? 86  PRO A CA  1 
ATOM   689  C C   . PRO A 1 86  ? 17.813  -2.828  -2.582  1.00 15.00 ? 86  PRO A C   1 
ATOM   690  O O   . PRO A 1 86  ? 18.036  -3.983  -2.973  1.00 14.28 ? 86  PRO A O   1 
ATOM   691  C CB  . PRO A 1 86  ? 19.674  -1.144  -2.485  1.00 16.15 ? 86  PRO A CB  1 
ATOM   692  C CG  . PRO A 1 86  ? 19.185  0.045   -1.752  1.00 17.32 ? 86  PRO A CG  1 
ATOM   693  C CD  . PRO A 1 86  ? 18.131  0.678   -2.597  1.00 15.76 ? 86  PRO A CD  1 
ATOM   694  N N   . VAL A 1 87  ? 16.988  -2.550  -1.572  1.00 13.55 ? 87  VAL A N   1 
ATOM   695  C CA  . VAL A 1 87  ? 16.279  -3.631  -0.887  1.00 13.20 ? 87  VAL A CA  1 
ATOM   696  C C   . VAL A 1 87  ? 15.229  -4.268  -1.819  1.00 12.68 ? 87  VAL A C   1 
ATOM   697  O O   . VAL A 1 87  ? 15.167  -5.491  -2.003  1.00 12.64 ? 87  VAL A O   1 
ATOM   698  C CB  . VAL A 1 87  ? 15.651  -3.151  0.464   1.00 12.56 ? 87  VAL A CB  1 
ATOM   699  C CG1 . VAL A 1 87  ? 15.111  -4.337  1.211   1.00 12.61 ? 87  VAL A CG1 1 
ATOM   700  C CG2 . VAL A 1 87  ? 16.725  -2.440  1.327   1.00 12.76 ? 87  VAL A CG2 1 
ATOM   701  N N   . TYR A 1 88  ? 14.442  -3.413  -2.455  1.00 13.07 ? 88  TYR A N   1 
ATOM   702  C CA  . TYR A 1 88  ? 13.457  -3.853  -3.399  1.00 13.07 ? 88  TYR A CA  1 
ATOM   703  C C   . TYR A 1 88  ? 14.110  -4.706  -4.492  1.00 13.02 ? 88  TYR A C   1 
ATOM   704  O O   . TYR A 1 88  ? 13.629  -5.802  -4.810  1.00 12.32 ? 88  TYR A O   1 
ATOM   705  C CB  . TYR A 1 88  ? 12.779  -2.625  -3.999  1.00 13.59 ? 88  TYR A CB  1 
ATOM   706  C CG  . TYR A 1 88  ? 11.708  -2.916  -4.997  1.00 15.40 ? 88  TYR A CG  1 
ATOM   707  C CD1 . TYR A 1 88  ? 10.389  -3.189  -4.587  1.00 15.39 ? 88  TYR A CD1 1 
ATOM   708  C CD2 . TYR A 1 88  ? 11.980  -2.885  -6.362  1.00 16.54 ? 88  TYR A CD2 1 
ATOM   709  C CE1 . TYR A 1 88  ? 9.395   -3.426  -5.498  1.00 15.91 ? 88  TYR A CE1 1 
ATOM   710  C CE2 . TYR A 1 88  ? 10.993  -3.138  -7.286  1.00 18.28 ? 88  TYR A CE2 1 
ATOM   711  C CZ  . TYR A 1 88  ? 9.693   -3.414  -6.848  1.00 18.17 ? 88  TYR A CZ  1 
ATOM   712  O OH  . TYR A 1 88  ? 8.686   -3.669  -7.755  1.00 18.33 ? 88  TYR A OH  1 
ATOM   713  N N   . ASP A 1 89  ? 15.226  -4.221  -5.029  1.00 13.23 ? 89  ASP A N   1 
ATOM   714  C CA  . ASP A 1 89  ? 15.891  -4.947  -6.133  1.00 14.74 ? 89  ASP A CA  1 
ATOM   715  C C   . ASP A 1 89  ? 16.523  -6.262  -5.698  1.00 14.22 ? 89  ASP A C   1 
ATOM   716  O O   . ASP A 1 89  ? 16.709  -7.164  -6.512  1.00 14.24 ? 89  ASP A O   1 
ATOM   717  C CB  . ASP A 1 89  ? 16.889  -4.049  -6.844  1.00 15.14 ? 89  ASP A CB  1 
ATOM   718  C CG  . ASP A 1 89  ? 16.216  -3.156  -7.878  1.00 17.47 ? 89  ASP A CG  1 
ATOM   719  O OD1 . ASP A 1 89  ? 15.003  -3.320  -8.138  1.00 18.26 ? 89  ASP A OD1 1 
ATOM   720  O OD2 . ASP A 1 89  ? 16.907  -2.305  -8.442  1.00 21.92 ? 89  ASP A OD2 1 
ATOM   721  N N   . SER A 1 90  ? 16.790  -6.394  -4.399  1.00 13.44 ? 90  SER A N   1 
ATOM   722  C CA  . SER A 1 90  ? 17.316  -7.643  -3.856  1.00 13.02 ? 90  SER A CA  1 
ATOM   723  C C   . SER A 1 90  ? 16.263  -8.745  -3.718  1.00 12.93 ? 90  SER A C   1 
ATOM   724  O O   . SER A 1 90  ? 16.584  -9.928  -3.600  1.00 11.80 ? 90  SER A O   1 
ATOM   725  C CB  . SER A 1 90  ? 18.018  -7.387  -2.516  1.00 13.57 ? 90  SER A CB  1 
ATOM   726  O OG  . SER A 1 90  ? 17.089  -7.204  -1.466  1.00 13.72 ? 90  SER A OG  1 
ATOM   727  N N   . LEU A 1 91  ? 15.002  -8.341  -3.673  1.00 11.61 ? 91  LEU A N   1 
ATOM   728  C CA  . LEU A 1 91  ? 13.897  -9.254  -3.408  1.00 11.68 ? 91  LEU A CA  1 
ATOM   729  C C   . LEU A 1 91  ? 13.474  -9.963  -4.666  1.00 11.99 ? 91  LEU A C   1 
ATOM   730  O O   . LEU A 1 91  ? 13.683  -9.450  -5.759  1.00 12.34 ? 91  LEU A O   1 
ATOM   731  C CB  . LEU A 1 91  ? 12.692  -8.474  -2.870  1.00 11.71 ? 91  LEU A CB  1 
ATOM   732  C CG  . LEU A 1 91  ? 12.878  -7.790  -1.509  1.00 12.09 ? 91  LEU A CG  1 
ATOM   733  C CD1 . LEU A 1 91  ? 11.629  -6.935  -1.249  1.00 10.22 ? 91  LEU A CD1 1 
ATOM   734  C CD2 . LEU A 1 91  ? 13.052  -8.817  -0.404  1.00 10.90 ? 91  LEU A CD2 1 
ATOM   735  N N   . ASP A 1 92  ? 12.884  -11.135 -4.489  1.00 11.20 ? 92  ASP A N   1 
ATOM   736  C CA  . ASP A 1 92  ? 12.138  -11.840 -5.516  1.00 11.80 ? 92  ASP A CA  1 
ATOM   737  C C   . ASP A 1 92  ? 10.786  -11.140 -5.768  1.00 11.99 ? 92  ASP A C   1 
ATOM   738  O O   . ASP A 1 92  ? 10.341  -10.311 -4.970  1.00 11.14 ? 92  ASP A O   1 
ATOM   739  C CB  . ASP A 1 92  ? 11.858  -13.248 -5.013  1.00 11.97 ? 92  ASP A CB  1 
ATOM   740  C CG  . ASP A 1 92  ? 11.080  -13.226 -3.716  1.00 12.04 ? 92  ASP A CG  1 
ATOM   741  O OD1 . ASP A 1 92  ? 9.842   -13.283 -3.779  1.00 12.97 ? 92  ASP A OD1 1 
ATOM   742  O OD2 . ASP A 1 92  ? 11.719  -13.088 -2.655  1.00 12.16 ? 92  ASP A OD2 1 
ATOM   743  N N   . ALA A 1 93  ? 10.104  -11.537 -6.836  1.00 12.83 ? 93  ALA A N   1 
ATOM   744  C CA  . ALA A 1 93  ? 8.893   -10.841 -7.275  1.00 12.91 ? 93  ALA A CA  1 
ATOM   745  C C   . ALA A 1 93  ? 7.753   -10.870 -6.238  1.00 12.79 ? 93  ALA A C   1 
ATOM   746  O O   . ALA A 1 93  ? 6.992   -9.894  -6.128  1.00 13.38 ? 93  ALA A O   1 
ATOM   747  C CB  . ALA A 1 93  ? 8.414   -11.429 -8.613  1.00 13.32 ? 93  ALA A CB  1 
ATOM   748  N N   . VAL A 1 94  ? 7.628   -11.965 -5.495  1.00 11.65 ? 94  VAL A N   1 
ATOM   749  C CA  . VAL A 1 94  ? 6.501   -12.071 -4.555  1.00 11.91 ? 94  VAL A CA  1 
ATOM   750  C C   . VAL A 1 94  ? 6.776   -11.114 -3.395  1.00 11.33 ? 94  VAL A C   1 
ATOM   751  O O   . VAL A 1 94  ? 5.895   -10.321 -2.986  1.00 10.46 ? 94  VAL A O   1 
ATOM   752  C CB  . VAL A 1 94  ? 6.222   -13.509 -4.064  1.00 11.81 ? 94  VAL A CB  1 
ATOM   753  C CG1 . VAL A 1 94  ? 5.070   -13.512 -3.013  1.00 12.73 ? 94  VAL A CG1 1 
ATOM   754  C CG2 . VAL A 1 94  ? 5.852   -14.432 -5.237  1.00 13.10 ? 94  VAL A CG2 1 
ATOM   755  N N   . ARG A 1 95  ? 8.016   -11.127 -2.898  1.00 9.95  ? 95  ARG A N   1 
ATOM   756  C CA  . ARG A 1 95  ? 8.344   -10.218 -1.798  1.00 10.16 ? 95  ARG A CA  1 
ATOM   757  C C   . ARG A 1 95  ? 8.296   -8.754  -2.217  1.00 10.44 ? 95  ARG A C   1 
ATOM   758  O O   . ARG A 1 95  ? 7.928   -7.883  -1.413  1.00 10.05 ? 95  ARG A O   1 
ATOM   759  C CB  . ARG A 1 95  ? 9.682   -10.587 -1.178  1.00 11.11 ? 95  ARG A CB  1 
ATOM   760  C CG  . ARG A 1 95  ? 9.534   -11.856 -0.374  1.00 9.28  ? 95  ARG A CG  1 
ATOM   761  C CD  . ARG A 1 95  ? 10.837  -12.189 0.296   1.00 11.69 ? 95  ARG A CD  1 
ATOM   762  N NE  . ARG A 1 95  ? 10.757  -13.376 1.155   1.00 9.71  ? 95  ARG A NE  1 
ATOM   763  C CZ  . ARG A 1 95  ? 11.092  -14.603 0.756   1.00 12.11 ? 95  ARG A CZ  1 
ATOM   764  N NH1 . ARG A 1 95  ? 11.462  -14.825 -0.501  1.00 11.76 ? 95  ARG A NH1 1 
ATOM   765  N NH2 . ARG A 1 95  ? 11.052  -15.620 1.600   1.00 10.52 ? 95  ARG A NH2 1 
ATOM   766  N N   . ARG A 1 96  ? 8.674   -8.461  -3.467  1.00 10.01 ? 96  ARG A N   1 
ATOM   767  C CA  A ARG A 1 96  ? 8.483   -7.115  -4.008  0.50 9.99  ? 96  ARG A CA  1 
ATOM   768  C CA  B ARG A 1 96  ? 8.488   -7.117  -4.017  0.50 10.30 ? 96  ARG A CA  1 
ATOM   769  C C   . ARG A 1 96  ? 7.028   -6.654  -3.896  1.00 10.03 ? 96  ARG A C   1 
ATOM   770  O O   . ARG A 1 96  ? 6.765   -5.475  -3.643  1.00 9.31  ? 96  ARG A O   1 
ATOM   771  C CB  A ARG A 1 96  ? 8.943   -7.039  -5.459  0.50 10.02 ? 96  ARG A CB  1 
ATOM   772  C CB  B ARG A 1 96  ? 8.956   -7.050  -5.474  0.50 10.50 ? 96  ARG A CB  1 
ATOM   773  C CG  A ARG A 1 96  ? 10.418  -6.787  -5.590  0.50 9.91  ? 96  ARG A CG  1 
ATOM   774  C CG  B ARG A 1 96  ? 10.450  -7.268  -5.629  0.50 11.97 ? 96  ARG A CG  1 
ATOM   775  C CD  A ARG A 1 96  ? 10.837  -6.976  -7.040  0.50 10.33 ? 96  ARG A CD  1 
ATOM   776  C CD  B ARG A 1 96  ? 10.981  -6.734  -6.964  0.50 13.79 ? 96  ARG A CD  1 
ATOM   777  N NE  A ARG A 1 96  ? 12.285  -7.021  -7.178  0.50 9.88  ? 96  ARG A NE  1 
ATOM   778  N NE  B ARG A 1 96  ? 10.346  -7.343  -8.129  0.50 14.50 ? 96  ARG A NE  1 
ATOM   779  C CZ  A ARG A 1 96  ? 12.910  -7.230  -8.333  0.50 11.30 ? 96  ARG A CZ  1 
ATOM   780  C CZ  B ARG A 1 96  ? 10.846  -8.371  -8.812  0.50 16.95 ? 96  ARG A CZ  1 
ATOM   781  N NH1 A ARG A 1 96  ? 12.197  -7.410  -9.434  0.50 11.10 ? 96  ARG A NH1 1 
ATOM   782  N NH1 B ARG A 1 96  ? 11.990  -8.928  -8.436  0.50 18.52 ? 96  ARG A NH1 1 
ATOM   783  N NH2 A ARG A 1 96  ? 14.238  -7.252  -8.390  0.50 10.96 ? 96  ARG A NH2 1 
ATOM   784  N NH2 B ARG A 1 96  ? 10.201  -8.848  -9.874  0.50 17.09 ? 96  ARG A NH2 1 
ATOM   785  N N   . CYS A 1 97  ? 6.083   -7.577  -4.070  1.00 9.83  ? 97  CYS A N   1 
ATOM   786  C CA  . CYS A 1 97  ? 4.658   -7.222  -3.916  1.00 10.25 ? 97  CYS A CA  1 
ATOM   787  C C   . CYS A 1 97  ? 4.338   -6.814  -2.488  1.00 10.59 ? 97  CYS A C   1 
ATOM   788  O O   . CYS A 1 97  ? 3.574   -5.869  -2.257  1.00 9.62  ? 97  CYS A O   1 
ATOM   789  C CB  . CYS A 1 97  ? 3.755   -8.373  -4.309  1.00 10.10 ? 97  CYS A CB  1 
ATOM   790  S SG  . CYS A 1 97  ? 3.776   -8.680  -6.076  1.00 13.52 ? 97  CYS A SG  1 
ATOM   791  N N   . ALA A 1 98  ? 4.947   -7.493  -1.525  1.00 10.33 ? 98  ALA A N   1 
ATOM   792  C CA  . ALA A 1 98  ? 4.763   -7.090  -0.119  1.00 9.92  ? 98  ALA A CA  1 
ATOM   793  C C   . ALA A 1 98  ? 5.284   -5.673  0.103   1.00 10.33 ? 98  ALA A C   1 
ATOM   794  O O   . ALA A 1 98  ? 4.635   -4.855  0.779   1.00 9.93  ? 98  ALA A O   1 
ATOM   795  C CB  . ALA A 1 98  ? 5.450   -8.116  0.832   1.00 9.58  ? 98  ALA A CB  1 
ATOM   796  N N   . ALA A 1 99  ? 6.436   -5.373  -0.500  1.00 9.05  ? 99  ALA A N   1 
ATOM   797  C CA  . ALA A 1 99  ? 7.031   -4.054  -0.404  1.00 9.79  ? 99  ALA A CA  1 
ATOM   798  C C   . ALA A 1 99  ? 6.127   -2.967  -1.003  1.00 10.07 ? 99  ALA A C   1 
ATOM   799  O O   . ALA A 1 99  ? 5.945   -1.880  -0.401  1.00 9.98  ? 99  ALA A O   1 
ATOM   800  C CB  . ALA A 1 99  ? 8.436   -4.047  -1.060  1.00 8.90  ? 99  ALA A CB  1 
ATOM   801  N N   . ILE A 1 100 ? 5.564   -3.249  -2.178  1.00 9.62  ? 100 ILE A N   1 
ATOM   802  C CA  . ILE A 1 100 ? 4.676   -2.278  -2.850  1.00 10.41 ? 100 ILE A CA  1 
ATOM   803  C C   . ILE A 1 100 ? 3.426   -2.062  -2.013  1.00 10.09 ? 100 ILE A C   1 
ATOM   804  O O   . ILE A 1 100 ? 2.990   -0.909  -1.824  1.00 10.77 ? 100 ILE A O   1 
ATOM   805  C CB  . ILE A 1 100 ? 4.277   -2.741  -4.271  1.00 10.39 ? 100 ILE A CB  1 
ATOM   806  C CG1 . ILE A 1 100 ? 5.522   -2.810  -5.173  1.00 10.60 ? 100 ILE A CG1 1 
ATOM   807  C CG2 . ILE A 1 100 ? 3.211   -1.768  -4.901  1.00 9.11  ? 100 ILE A CG2 1 
ATOM   808  C CD1 . ILE A 1 100 ? 5.302   -3.657  -6.400  1.00 9.86  ? 100 ILE A CD1 1 
ATOM   809  N N   . ASN A 1 101 ? 2.888   -3.158  -1.493  1.00 10.05 ? 101 ASN A N   1 
ATOM   810  C CA  . ASN A 1 101 ? 1.701   -3.117  -0.623  1.00 10.26 ? 101 ASN A CA  1 
ATOM   811  C C   . ASN A 1 101 ? 1.963   -2.201  0.571   1.00 10.77 ? 101 ASN A C   1 
ATOM   812  O O   . ASN A 1 101 ? 1.180   -1.270  0.855   1.00 10.00 ? 101 ASN A O   1 
ATOM   813  C CB  . ASN A 1 101 ? 1.330   -4.554  -0.180  1.00 9.94  ? 101 ASN A CB  1 
ATOM   814  C CG  . ASN A 1 101 ? 0.000   -4.618  0.497   1.00 10.45 ? 101 ASN A CG  1 
ATOM   815  O OD1 . ASN A 1 101 ? -0.278  -3.854  1.438   1.00 8.66  ? 101 ASN A OD1 1 
ATOM   816  N ND2 . ASN A 1 101 ? -0.850  -5.508  0.019   1.00 9.58  ? 101 ASN A ND2 1 
ATOM   817  N N   . GLN A 1 102 ? 3.081   -2.416  1.253   1.00 10.33 ? 102 GLN A N   1 
ATOM   818  C CA  . GLN A 1 102 ? 3.390   -1.594  2.427   1.00 11.68 ? 102 GLN A CA  1 
ATOM   819  C C   . GLN A 1 102 ? 3.543   -0.089  2.102   1.00 12.30 ? 102 GLN A C   1 
ATOM   820  O O   . GLN A 1 102 ? 3.011   0.778   2.810   1.00 12.25 ? 102 GLN A O   1 
ATOM   821  C CB  . GLN A 1 102 ? 4.615   -2.124  3.162   1.00 11.61 ? 102 GLN A CB  1 
ATOM   822  C CG  . GLN A 1 102 ? 4.791   -1.448  4.531   1.00 14.32 ? 102 GLN A CG  1 
ATOM   823  C CD  . GLN A 1 102 ? 5.856   -2.108  5.384   1.00 19.26 ? 102 GLN A CD  1 
ATOM   824  O OE1 . GLN A 1 102 ? 6.436   -3.109  4.983   1.00 20.54 ? 102 GLN A OE1 1 
ATOM   825  N NE2 . GLN A 1 102 ? 6.117   -1.542  6.573   1.00 19.62 ? 102 GLN A NE2 1 
ATOM   826  N N   . VAL A 1 103 ? 4.237   0.202   1.005   1.00 12.03 ? 103 VAL A N   1 
ATOM   827  C CA  . VAL A 1 103 ? 4.415   1.584   0.566   1.00 12.64 ? 103 VAL A CA  1 
ATOM   828  C C   . VAL A 1 103 ? 3.087   2.221   0.152   1.00 12.30 ? 103 VAL A C   1 
ATOM   829  O O   . VAL A 1 103 ? 2.840   3.380   0.488   1.00 13.45 ? 103 VAL A O   1 
ATOM   830  C CB  . VAL A 1 103 ? 5.484   1.673   -0.543  1.00 12.70 ? 103 VAL A CB  1 
ATOM   831  C CG1 . VAL A 1 103 ? 5.438   3.010   -1.246  1.00 14.92 ? 103 VAL A CG1 1 
ATOM   832  C CG2 . VAL A 1 103 ? 6.864   1.472   0.078   1.00 12.35 ? 103 VAL A CG2 1 
ATOM   833  N N   . PHE A 1 104 ? 2.256   1.461   -0.560  1.00 11.98 ? 104 PHE A N   1 
ATOM   834  C CA  . PHE A 1 104 ? 0.886   1.849   -0.943  1.00 11.39 ? 104 PHE A CA  1 
ATOM   835  C C   . PHE A 1 104 ? 0.095   2.268   0.300   1.00 12.47 ? 104 PHE A C   1 
ATOM   836  O O   . PHE A 1 104 ? -0.534  3.337   0.326   1.00 11.63 ? 104 PHE A O   1 
ATOM   837  C CB  . PHE A 1 104 ? 0.188   0.675   -1.666  1.00 12.12 ? 104 PHE A CB  1 
ATOM   838  C CG  . PHE A 1 104 ? -1.154  1.017   -2.255  1.00 11.20 ? 104 PHE A CG  1 
ATOM   839  C CD1 . PHE A 1 104 ? -1.274  1.296   -3.617  1.00 14.76 ? 104 PHE A CD1 1 
ATOM   840  C CD2 . PHE A 1 104 ? -2.289  1.075   -1.450  1.00 12.77 ? 104 PHE A CD2 1 
ATOM   841  C CE1 . PHE A 1 104 ? -2.509  1.602   -4.172  1.00 13.53 ? 104 PHE A CE1 1 
ATOM   842  C CE2 . PHE A 1 104 ? -3.531  1.406   -1.988  1.00 13.32 ? 104 PHE A CE2 1 
ATOM   843  C CZ  . PHE A 1 104 ? -3.638  1.666   -3.362  1.00 14.56 ? 104 PHE A CZ  1 
ATOM   844  N N   . GLN A 1 105 ? 0.151   1.447   1.339   1.00 12.87 ? 105 GLN A N   1 
ATOM   845  C CA  . GLN A 1 105 ? -0.577  1.762   2.567   1.00 14.19 ? 105 GLN A CA  1 
ATOM   846  C C   . GLN A 1 105 ? -0.009  2.943   3.359   1.00 15.67 ? 105 GLN A C   1 
ATOM   847  O O   . GLN A 1 105 ? -0.752  3.847   3.787   1.00 15.03 ? 105 GLN A O   1 
ATOM   848  C CB  . GLN A 1 105 ? -0.619  0.533   3.468   1.00 13.95 ? 105 GLN A CB  1 
ATOM   849  C CG  . GLN A 1 105 ? -1.584  0.719   4.667   1.00 14.99 ? 105 GLN A CG  1 
ATOM   850  C CD  . GLN A 1 105 ? -1.563  -0.446  5.632   1.00 14.49 ? 105 GLN A CD  1 
ATOM   851  O OE1 . GLN A 1 105 ? -0.973  -1.481  5.368   1.00 12.59 ? 105 GLN A OE1 1 
ATOM   852  N NE2 . GLN A 1 105 ? -2.222  -0.273  6.771   1.00 14.57 ? 105 GLN A NE2 1 
ATOM   853  N N   . MET A 1 106 ? 1.303   2.930   3.579   1.00 16.12 ? 106 MET A N   1 
ATOM   854  C CA  A MET A 1 106 ? 1.856   3.874   4.542   0.50 17.54 ? 106 MET A CA  1 
ATOM   855  C CA  B MET A 1 106 ? 1.973   3.797   4.552   0.50 17.37 ? 106 MET A CA  1 
ATOM   856  C C   . MET A 1 106 ? 2.701   4.989   3.945   1.00 18.41 ? 106 MET A C   1 
ATOM   857  O O   . MET A 1 106 ? 3.061   5.936   4.661   1.00 18.22 ? 106 MET A O   1 
ATOM   858  C CB  A MET A 1 106 ? 2.583   3.155   5.688   0.50 17.56 ? 106 MET A CB  1 
ATOM   859  C CB  B MET A 1 106 ? 2.998   2.987   5.356   0.50 17.46 ? 106 MET A CB  1 
ATOM   860  C CG  A MET A 1 106 ? 3.946   2.584   5.334   0.50 17.03 ? 106 MET A CG  1 
ATOM   861  C CG  B MET A 1 106 ? 2.420   1.927   6.276   0.50 17.28 ? 106 MET A CG  1 
ATOM   862  S SD  A MET A 1 106 ? 4.669   1.761   6.760   0.50 17.90 ? 106 MET A SD  1 
ATOM   863  S SD  B MET A 1 106 ? 3.720   1.129   7.246   0.50 16.89 ? 106 MET A SD  1 
ATOM   864  C CE  A MET A 1 106 ? 3.455   0.490   7.000   0.50 17.40 ? 106 MET A CE  1 
ATOM   865  C CE  B MET A 1 106 ? 4.073   2.427   8.428   0.50 16.66 ? 106 MET A CE  1 
ATOM   866  N N   . GLY A 1 107 ? 2.978   4.901   2.642   1.00 19.50 ? 107 GLY A N   1 
ATOM   867  C CA  . GLY A 1 107 ? 3.826   5.877   1.949   1.00 21.21 ? 107 GLY A CA  1 
ATOM   868  C C   . GLY A 1 107 ? 5.305   5.626   2.210   1.00 22.53 ? 107 GLY A C   1 
ATOM   869  O O   . GLY A 1 107 ? 5.667   4.890   3.131   1.00 22.40 ? 107 GLY A O   1 
ATOM   870  N N   . GLU A 1 108 ? 6.177   6.241   1.410   1.00 23.46 ? 108 GLU A N   1 
ATOM   871  C CA  . GLU A 1 108 ? 7.629   6.183   1.681   1.00 24.31 ? 108 GLU A CA  1 
ATOM   872  C C   . GLU A 1 108 ? 8.033   6.716   3.060   0.50 24.03 ? 108 GLU A C   1 
ATOM   873  O O   . GLU A 1 108 ? 8.888   6.138   3.722   0.50 24.16 ? 108 GLU A O   1 
ATOM   874  C CB  . GLU A 1 108 ? 8.415   6.911   0.603   1.00 25.06 ? 108 GLU A CB  1 
ATOM   875  C CG  . GLU A 1 108 ? 8.590   6.100   -0.655  1.00 26.27 ? 108 GLU A CG  1 
ATOM   876  C CD  . GLU A 1 108 ? 9.082   6.931   -1.809  1.00 27.55 ? 108 GLU A CD  1 
ATOM   877  O OE1 . GLU A 1 108 ? 8.422   6.876   -2.859  1.00 29.74 ? 108 GLU A OE1 1 
ATOM   878  O OE2 . GLU A 1 108 ? 10.099  7.652   -1.667  1.00 26.37 ? 108 GLU A OE2 1 
ATOM   879  N N   . THR A 1 109 ? 7.417   7.814   3.485   0.50 23.79 ? 109 THR A N   1 
ATOM   880  C CA  . THR A 1 109 ? 7.651   8.359   4.821   0.50 24.15 ? 109 THR A CA  1 
ATOM   881  C C   . THR A 1 109 ? 7.280   7.310   5.867   0.50 23.83 ? 109 THR A C   1 
ATOM   882  O O   . THR A 1 109 ? 8.016   7.083   6.834   0.50 23.67 ? 109 THR A O   1 
ATOM   883  C CB  . THR A 1 109 ? 6.814   9.638   5.057   0.50 24.28 ? 109 THR A CB  1 
ATOM   884  O OG1 . THR A 1 109 ? 7.120   10.603  4.043   0.50 24.68 ? 109 THR A OG1 1 
ATOM   885  C CG2 . THR A 1 109 ? 7.095   10.245  6.442   0.50 24.59 ? 109 THR A CG2 1 
ATOM   886  N N   . GLY A 1 110 ? 6.126   6.683   5.666   0.50 23.78 ? 110 GLY A N   1 
ATOM   887  C CA  . GLY A 1 110 ? 5.661   5.623   6.549   0.50 23.98 ? 110 GLY A CA  1 
ATOM   888  C C   . GLY A 1 110 ? 6.732   4.571   6.703   0.50 24.15 ? 110 GLY A C   1 
ATOM   889  O O   . GLY A 1 110 ? 7.080   4.173   7.814   0.50 24.53 ? 110 GLY A O   1 
ATOM   890  N N   . VAL A 1 111 ? 7.256   4.092   5.584   0.50 23.87 ? 111 VAL A N   1 
ATOM   891  C CA  . VAL A 1 111 ? 8.409   3.233   5.670   0.50 23.88 ? 111 VAL A CA  1 
ATOM   892  C C   . VAL A 1 111 ? 9.497   4.188   6.145   0.50 23.96 ? 111 VAL A C   1 
ATOM   893  O O   . VAL A 1 111 ? 9.202   5.319   6.524   0.50 24.52 ? 111 VAL A O   1 
ATOM   894  C CB  . VAL A 1 111 ? 8.732   2.570   4.325   0.50 23.82 ? 111 VAL A CB  1 
ATOM   895  C CG1 . VAL A 1 111 ? 9.978   1.693   4.447   0.50 25.21 ? 111 VAL A CG1 1 
ATOM   896  C CG2 . VAL A 1 111 ? 7.544   1.756   3.847   0.50 22.93 ? 111 VAL A CG2 1 
ATOM   897  N N   . ALA A 1 112 ? 10.752  3.770   6.151   0.50 23.72 ? 112 ALA A N   1 
ATOM   898  C CA  . ALA A 1 112 ? 11.771  4.715   6.581   0.50 22.58 ? 112 ALA A CA  1 
ATOM   899  C C   . ALA A 1 112 ? 11.914  4.633   8.083   0.50 22.01 ? 112 ALA A C   1 
ATOM   900  O O   . ALA A 1 112 ? 13.008  4.723   8.606   0.50 21.53 ? 112 ALA A O   1 
ATOM   901  C CB  . ALA A 1 112 ? 11.376  6.124   6.180   0.50 23.40 ? 112 ALA A CB  1 
ATOM   902  N N   . GLY A 1 113 ? 10.792  4.494   8.783   0.50 21.55 ? 113 GLY A N   1 
ATOM   903  C CA  . GLY A 1 113 ? 10.843  4.064   10.171  0.50 21.36 ? 113 GLY A CA  1 
ATOM   904  C C   . GLY A 1 113 ? 11.300  2.610   10.215  0.50 21.06 ? 113 GLY A C   1 
ATOM   905  O O   . GLY A 1 113 ? 11.650  2.085   11.276  0.50 20.92 ? 113 GLY A O   1 
ATOM   906  N N   . PHE A 1 114 ? 11.320  1.968   9.043   1.00 21.21 ? 114 PHE A N   1 
ATOM   907  C CA  . PHE A 1 114 ? 11.603  0.539   8.940   1.00 19.98 ? 114 PHE A CA  1 
ATOM   908  C C   . PHE A 1 114 ? 13.040  0.160   8.543   1.00 20.16 ? 114 PHE A C   1 
ATOM   909  O O   . PHE A 1 114 ? 13.268  -0.906  7.980   1.00 19.84 ? 114 PHE A O   1 
ATOM   910  C CB  . PHE A 1 114 ? 10.578  -0.104  8.006   1.00 19.83 ? 114 PHE A CB  1 
ATOM   911  C CG  . PHE A 1 114 ? 9.206   -0.227  8.615   1.00 18.23 ? 114 PHE A CG  1 
ATOM   912  C CD1 . PHE A 1 114 ? 8.405   0.908   8.817   1.00 20.99 ? 114 PHE A CD1 1 
ATOM   913  C CD2 . PHE A 1 114 ? 8.733   -1.468  9.021   1.00 17.86 ? 114 PHE A CD2 1 
ATOM   914  C CE1 . PHE A 1 114 ? 7.135   0.782   9.391   1.00 19.35 ? 114 PHE A CE1 1 
ATOM   915  C CE2 . PHE A 1 114 ? 7.464   -1.610  9.597   1.00 18.97 ? 114 PHE A CE2 1 
ATOM   916  C CZ  . PHE A 1 114 ? 6.664   -0.483  9.780   1.00 18.33 ? 114 PHE A CZ  1 
ATOM   917  N N   . THR A 1 115 ? 14.005  0.999   8.904   1.00 20.13 ? 115 THR A N   1 
ATOM   918  C CA  . THR A 1 115 ? 15.416  0.779   8.582   1.00 19.94 ? 115 THR A CA  1 
ATOM   919  C C   . THR A 1 115 ? 15.918  -0.610  8.962   1.00 18.97 ? 115 THR A C   1 
ATOM   920  O O   . THR A 1 115 ? 16.593  -1.272  8.171   1.00 16.98 ? 115 THR A O   1 
ATOM   921  C CB  . THR A 1 115 ? 16.303  1.857   9.252   1.00 21.01 ? 115 THR A CB  1 
ATOM   922  O OG1 . THR A 1 115 ? 15.845  3.151   8.850   1.00 24.21 ? 115 THR A OG1 1 
ATOM   923  C CG2 . THR A 1 115 ? 17.756  1.704   8.858   1.00 22.07 ? 115 THR A CG2 1 
ATOM   924  N N   . ASN A 1 116 ? 15.570  -1.058  10.168  1.00 17.04 ? 116 ASN A N   1 
ATOM   925  C CA  . ASN A 1 116 ? 16.055  -2.338  10.653  1.00 16.72 ? 116 ASN A CA  1 
ATOM   926  C C   . ASN A 1 116 ? 15.393  -3.482  9.893   1.00 15.04 ? 116 ASN A C   1 
ATOM   927  O O   . ASN A 1 116 ? 16.052  -4.458  9.544   1.00 13.73 ? 116 ASN A O   1 
ATOM   928  C CB  . ASN A 1 116 ? 15.883  -2.445  12.186  1.00 17.51 ? 116 ASN A CB  1 
ATOM   929  C CG  . ASN A 1 116 ? 16.620  -1.312  12.931  1.00 20.60 ? 116 ASN A CG  1 
ATOM   930  O OD1 . ASN A 1 116 ? 17.722  -0.918  12.536  1.00 24.39 ? 116 ASN A OD1 1 
ATOM   931  N ND2 . ASN A 1 116 ? 16.012  -0.783  13.988  1.00 19.32 ? 116 ASN A ND2 1 
ATOM   932  N N   . SER A 1 117 ? 14.091  -3.354  9.618   1.00 13.84 ? 117 SER A N   1 
ATOM   933  C CA  . SER A 1 117 ? 13.386  -4.376  8.817   1.00 13.43 ? 117 SER A CA  1 
ATOM   934  C C   . SER A 1 117 ? 13.978  -4.470  7.403   1.00 13.03 ? 117 SER A C   1 
ATOM   935  O O   . SER A 1 117 ? 14.168  -5.562  6.867   1.00 12.87 ? 117 SER A O   1 
ATOM   936  C CB  . SER A 1 117 ? 11.895  -4.052  8.667   1.00 13.47 ? 117 SER A CB  1 
ATOM   937  O OG  . SER A 1 117 ? 11.182  -4.242  9.869   1.00 18.33 ? 117 SER A OG  1 
ATOM   938  N N   . LEU A 1 118 ? 14.218  -3.311  6.795   1.00 13.66 ? 118 LEU A N   1 
ATOM   939  C CA  . LEU A 1 118 ? 14.805  -3.239  5.443   1.00 13.69 ? 118 LEU A CA  1 
ATOM   940  C C   . LEU A 1 118 ? 16.155  -3.941  5.372   1.00 13.47 ? 118 LEU A C   1 
ATOM   941  O O   . LEU A 1 118 ? 16.430  -4.696  4.424   1.00 13.53 ? 118 LEU A O   1 
ATOM   942  C CB  . LEU A 1 118 ? 14.960  -1.782  5.013   1.00 13.81 ? 118 LEU A CB  1 
ATOM   943  C CG  . LEU A 1 118 ? 13.661  -1.023  4.729   1.00 14.62 ? 118 LEU A CG  1 
ATOM   944  C CD1 . LEU A 1 118 ? 13.985  0.497   4.670   1.00 16.58 ? 118 LEU A CD1 1 
ATOM   945  C CD2 . LEU A 1 118 ? 12.995  -1.491  3.447   1.00 16.64 ? 118 LEU A CD2 1 
ATOM   946  N N   . ARG A 1 119 ? 16.999  -3.692  6.365   1.00 13.36 ? 119 ARG A N   1 
ATOM   947  C CA  . ARG A 1 119 ? 18.310  -4.350  6.426   1.00 14.29 ? 119 ARG A CA  1 
ATOM   948  C C   . ARG A 1 119 ? 18.137  -5.871  6.523   1.00 13.05 ? 119 ARG A C   1 
ATOM   949  O O   . ARG A 1 119 ? 18.787  -6.601  5.810   1.00 12.11 ? 119 ARG A O   1 
ATOM   950  C CB  . ARG A 1 119 ? 19.183  -3.795  7.566   1.00 14.14 ? 119 ARG A CB  1 
ATOM   951  C CG  . ARG A 1 119 ? 20.575  -4.453  7.665   1.00 15.69 ? 119 ARG A CG  1 
ATOM   952  C CD  . ARG A 1 119 ? 21.302  -4.089  8.955   1.00 18.85 ? 119 ARG A CD  1 
ATOM   953  N NE  . ARG A 1 119 ? 20.541  -4.531  10.128  0.50 25.43 ? 119 ARG A NE  1 
ATOM   954  C CZ  . ARG A 1 119 ? 19.854  -3.726  10.936  1.00 29.58 ? 119 ARG A CZ  1 
ATOM   955  N NH1 . ARG A 1 119 ? 19.180  -4.244  11.953  1.00 32.98 ? 119 ARG A NH1 1 
ATOM   956  N NH2 . ARG A 1 119 ? 19.836  -2.408  10.734  1.00 31.62 ? 119 ARG A NH2 1 
ATOM   957  N N   . MET A 1 120 ? 17.224  -6.346  7.378   1.00 11.61 ? 120 MET A N   1 
ATOM   958  C CA  . MET A 1 120 ? 16.984  -7.784  7.522   1.00 11.99 ? 120 MET A CA  1 
ATOM   959  C C   . MET A 1 120 ? 16.417  -8.404  6.240   1.00 10.93 ? 120 MET A C   1 
ATOM   960  O O   . MET A 1 120 ? 16.799  -9.497  5.845   1.00 10.29 ? 120 MET A O   1 
ATOM   961  C CB  . MET A 1 120 ? 16.061  -8.070  8.711   1.00 11.46 ? 120 MET A CB  1 
ATOM   962  C CG  . MET A 1 120 ? 16.683  -7.627  10.037  1.00 12.46 ? 120 MET A CG  1 
ATOM   963  S SD  . MET A 1 120 ? 15.428  -7.826  11.309  1.00 14.62 ? 120 MET A SD  1 
ATOM   964  C CE  . MET A 1 120 ? 16.175  -6.872  12.616  1.00 15.14 ? 120 MET A CE  1 
ATOM   965  N N   . LEU A 1 121 ? 15.535  -7.670  5.572   1.00 9.88  ? 121 LEU A N   1 
ATOM   966  C CA  . LEU A 1 121 ? 15.000  -8.116  4.297   1.00 10.49 ? 121 LEU A CA  1 
ATOM   967  C C   . LEU A 1 121 ? 16.101  -8.202  3.236   1.00 10.94 ? 121 LEU A C   1 
ATOM   968  O O   . LEU A 1 121 ? 16.150  -9.179  2.481   1.00 10.77 ? 121 LEU A O   1 
ATOM   969  C CB  . LEU A 1 121 ? 13.870  -7.210  3.824   1.00 10.46 ? 121 LEU A CB  1 
ATOM   970  C CG  . LEU A 1 121 ? 12.590  -7.319  4.658   1.00 10.13 ? 121 LEU A CG  1 
ATOM   971  C CD1 . LEU A 1 121 ? 11.671  -6.172  4.269   1.00 13.10 ? 121 LEU A CD1 1 
ATOM   972  C CD2 . LEU A 1 121 ? 11.869  -8.678  4.465   1.00 11.12 ? 121 LEU A CD2 1 
ATOM   973  N N   . GLN A 1 122 ? 16.973  -7.194  3.194   1.00 11.50 ? 122 GLN A N   1 
ATOM   974  C CA  . GLN A 1 122 ? 18.064  -7.209  2.202   1.00 13.74 ? 122 GLN A CA  1 
ATOM   975  C C   . GLN A 1 122 ? 19.000  -8.381  2.485   1.00 13.68 ? 122 GLN A C   1 
ATOM   976  O O   . GLN A 1 122 ? 19.540  -9.008  1.557   1.00 14.26 ? 122 GLN A O   1 
ATOM   977  C CB  . GLN A 1 122 ? 18.833  -5.882  2.098   1.00 13.55 ? 122 GLN A CB  1 
ATOM   978  C CG  . GLN A 1 122 ? 19.704  -5.891  0.812   1.00 16.79 ? 122 GLN A CG  1 
ATOM   979  C CD  . GLN A 1 122 ? 20.373  -4.578  0.466   1.00 17.41 ? 122 GLN A CD  1 
ATOM   980  O OE1 . GLN A 1 122 ? 20.210  -3.581  1.149   1.00 24.93 ? 122 GLN A OE1 1 
ATOM   981  N NE2 . GLN A 1 122 ? 21.154  -4.589  -0.621  1.00 24.52 ? 122 GLN A NE2 1 
ATOM   982  N N   . GLN A 1 123 ? 19.144  -8.685  3.771   1.00 12.96 ? 123 GLN A N   1 
ATOM   983  C CA  . GLN A 1 123 ? 19.946  -9.813  4.226   1.00 13.13 ? 123 GLN A CA  1 
ATOM   984  C C   . GLN A 1 123 ? 19.275  -11.153 4.019   1.00 11.83 ? 123 GLN A C   1 
ATOM   985  O O   . GLN A 1 123 ? 19.919  -12.178 4.199   1.00 12.10 ? 123 GLN A O   1 
ATOM   986  C CB  . GLN A 1 123 ? 20.289  -9.639  5.711   1.00 14.12 ? 123 GLN A CB  1 
ATOM   987  C CG  . GLN A 1 123 ? 21.281  -8.518  5.996   1.00 16.25 ? 123 GLN A CG  1 
ATOM   988  C CD  . GLN A 1 123 ? 21.471  -8.311  7.479   1.00 19.94 ? 123 GLN A CD  1 
ATOM   989  O OE1 . GLN A 1 123 ? 20.505  -8.300  8.241   1.00 23.16 ? 123 GLN A OE1 1 
ATOM   990  N NE2 . GLN A 1 123 ? 22.712  -8.143  7.899   1.00 23.37 ? 123 GLN A NE2 1 
ATOM   991  N N   . LYS A 1 124 ? 17.986  -11.154 3.650   1.00 10.38 ? 124 LYS A N   1 
ATOM   992  C CA  . LYS A 1 124 ? 17.192  -12.373 3.480   1.00 10.55 ? 124 LYS A CA  1 
ATOM   993  C C   . LYS A 1 124 ? 17.086  -13.171 4.782   1.00 10.15 ? 124 LYS A C   1 
ATOM   994  O O   . LYS A 1 124 ? 16.931  -14.406 4.786   1.00 10.64 ? 124 LYS A O   1 
ATOM   995  C CB  . LYS A 1 124 ? 17.738  -13.233 2.309   1.00 10.69 ? 124 LYS A CB  1 
ATOM   996  C CG  . LYS A 1 124 ? 17.824  -12.401 1.004   1.00 10.04 ? 124 LYS A CG  1 
ATOM   997  C CD  . LYS A 1 124 ? 17.860  -13.366 -0.212  1.00 11.36 ? 124 LYS A CD  1 
ATOM   998  C CE  . LYS A 1 124 ? 17.948  -12.552 -1.504  1.00 12.82 ? 124 LYS A CE  1 
ATOM   999  N NZ  . LYS A 1 124 ? 16.647  -11.906 -1.769  1.00 13.22 ? 124 LYS A NZ  1 
ATOM   1000 N N   . ARG A 1 125 ? 17.160  -12.446 5.899   1.00 10.80 ? 125 ARG A N   1 
ATOM   1001 C CA  . ARG A 1 125 ? 16.868  -13.024 7.215   1.00 10.40 ? 125 ARG A CA  1 
ATOM   1002 C C   . ARG A 1 125 ? 15.370  -12.918 7.430   1.00 10.72 ? 125 ARG A C   1 
ATOM   1003 O O   . ARG A 1 125 ? 14.890  -12.056 8.159   1.00 10.05 ? 125 ARG A O   1 
ATOM   1004 C CB  . ARG A 1 125 ? 17.629  -12.275 8.304   1.00 11.43 ? 125 ARG A CB  1 
ATOM   1005 C CG  . ARG A 1 125 ? 19.107  -12.409 8.108   1.00 13.86 ? 125 ARG A CG  1 
ATOM   1006 C CD  . ARG A 1 125 ? 19.894  -11.617 9.115   1.00 17.05 ? 125 ARG A CD  1 
ATOM   1007 N NE  . ARG A 1 125 ? 21.304  -11.789 8.786   1.00 21.54 ? 125 ARG A NE  1 
ATOM   1008 C CZ  . ARG A 1 125 ? 22.321  -11.524 9.599   1.00 24.42 ? 125 ARG A CZ  1 
ATOM   1009 N NH1 . ARG A 1 125 ? 22.096  -11.065 10.822  1.00 26.09 ? 125 ARG A NH1 1 
ATOM   1010 N NH2 . ARG A 1 125 ? 23.571  -11.737 9.179   1.00 24.64 ? 125 ARG A NH2 1 
ATOM   1011 N N   . TRP A 1 126 ? 14.633  -13.826 6.809   1.00 10.20 ? 126 TRP A N   1 
ATOM   1012 C CA  . TRP A 1 126 ? 13.198  -13.615 6.660   1.00 10.32 ? 126 TRP A CA  1 
ATOM   1013 C C   . TRP A 1 126 ? 12.436  -13.658 7.975   1.00 10.63 ? 126 TRP A C   1 
ATOM   1014 O O   . TRP A 1 126 ? 11.537  -12.846 8.205   1.00 10.06 ? 126 TRP A O   1 
ATOM   1015 C CB  . TRP A 1 126 ? 12.621  -14.657 5.726   1.00 10.49 ? 126 TRP A CB  1 
ATOM   1016 C CG  . TRP A 1 126 ? 13.275  -14.675 4.353   1.00 11.25 ? 126 TRP A CG  1 
ATOM   1017 C CD1 . TRP A 1 126 ? 13.786  -15.781 3.715   1.00 9.71  ? 126 TRP A CD1 1 
ATOM   1018 C CD2 . TRP A 1 126 ? 13.461  -13.571 3.447   1.00 10.30 ? 126 TRP A CD2 1 
ATOM   1019 N NE1 . TRP A 1 126 ? 14.267  -15.433 2.475   1.00 9.60  ? 126 TRP A NE1 1 
ATOM   1020 C CE2 . TRP A 1 126 ? 14.077  -14.089 2.279   1.00 11.06 ? 126 TRP A CE2 1 
ATOM   1021 C CE3 . TRP A 1 126 ? 13.157  -12.206 3.495   1.00 10.40 ? 126 TRP A CE3 1 
ATOM   1022 C CZ2 . TRP A 1 126 ? 14.394  -13.281 1.170   1.00 11.14 ? 126 TRP A CZ2 1 
ATOM   1023 C CZ3 . TRP A 1 126 ? 13.480  -11.404 2.405   1.00 9.98  ? 126 TRP A CZ3 1 
ATOM   1024 C CH2 . TRP A 1 126 ? 14.086  -11.946 1.252   1.00 11.37 ? 126 TRP A CH2 1 
ATOM   1025 N N   . ASP A 1 127 ? 12.769  -14.612 8.831   1.00 10.17 ? 127 ASP A N   1 
ATOM   1026 C CA  . ASP A 1 127 ? 12.029  -14.723 10.096  1.00 11.48 ? 127 ASP A CA  1 
ATOM   1027 C C   . ASP A 1 127 ? 12.315  -13.538 10.992  1.00 11.35 ? 127 ASP A C   1 
ATOM   1028 O O   . ASP A 1 127 ? 11.407  -12.992 11.621  1.00 10.59 ? 127 ASP A O   1 
ATOM   1029 C CB  . ASP A 1 127 ? 12.352  -16.045 10.806  1.00 11.72 ? 127 ASP A CB  1 
ATOM   1030 C CG  . ASP A 1 127 ? 11.592  -17.225 10.225  1.00 14.01 ? 127 ASP A CG  1 
ATOM   1031 O OD1 . ASP A 1 127 ? 11.172  -17.175 9.046   1.00 16.09 ? 127 ASP A OD1 1 
ATOM   1032 O OD2 . ASP A 1 127 ? 11.443  -18.246 10.938  1.00 14.69 ? 127 ASP A OD2 1 
ATOM   1033 N N   . GLU A 1 128 ? 13.579  -13.113 11.033  1.00 10.87 ? 128 GLU A N   1 
ATOM   1034 C CA  . GLU A 1 128 ? 13.952  -11.950 11.805  1.00 11.08 ? 128 GLU A CA  1 
ATOM   1035 C C   . GLU A 1 128 ? 13.275  -10.691 11.281  1.00 10.89 ? 128 GLU A C   1 
ATOM   1036 O O   . GLU A 1 128 ? 12.790  -9.869  12.073  1.00 10.05 ? 128 GLU A O   1 
ATOM   1037 C CB  . GLU A 1 128 ? 15.459  -11.781 11.788  1.00 11.98 ? 128 GLU A CB  1 
ATOM   1038 C CG  . GLU A 1 128 ? 16.167  -12.817 12.630  1.00 14.32 ? 128 GLU A CG  1 
ATOM   1039 C CD  . GLU A 1 128 ? 17.623  -12.915 12.265  1.00 19.30 ? 128 GLU A CD  1 
ATOM   1040 O OE1 . GLU A 1 128 ? 18.422  -12.156 12.836  1.00 21.54 ? 128 GLU A OE1 1 
ATOM   1041 O OE2 . GLU A 1 128 ? 17.969  -13.749 11.413  1.00 18.94 ? 128 GLU A OE2 1 
ATOM   1042 N N   . ALA A 1 129 ? 13.260  -10.555 9.947   1.00 10.09 ? 129 ALA A N   1 
ATOM   1043 C CA  . ALA A 1 129 ? 12.579  -9.445  9.287   1.00 9.47  ? 129 ALA A CA  1 
ATOM   1044 C C   . ALA A 1 129 ? 11.132  -9.416  9.734   1.00 9.31  ? 129 ALA A C   1 
ATOM   1045 O O   . ALA A 1 129 ? 10.603  -8.356  10.135  1.00 8.30  ? 129 ALA A O   1 
ATOM   1046 C CB  . ALA A 1 129 ? 12.658  -9.611  7.748   1.00 9.48  ? 129 ALA A CB  1 
ATOM   1047 N N   . ALA A 1 130 ? 10.485  -10.582 9.657   1.00 8.69  ? 130 ALA A N   1 
ATOM   1048 C CA  . ALA A 1 130 ? 9.049   -10.668 9.964   1.00 9.56  ? 130 ALA A CA  1 
ATOM   1049 C C   . ALA A 1 130 ? 8.786   -10.280 11.431  1.00 10.54 ? 130 ALA A C   1 
ATOM   1050 O O   . ALA A 1 130 ? 7.822   -9.553  11.743  1.00 10.14 ? 130 ALA A O   1 
ATOM   1051 C CB  . ALA A 1 130 ? 8.497   -12.052 9.650   1.00 9.15  ? 130 ALA A CB  1 
ATOM   1052 N N   . VAL A 1 131 ? 9.657   -10.735 12.333  1.00 10.02 ? 131 VAL A N   1 
ATOM   1053 C CA  . VAL A 1 131 ? 9.544   -10.325 13.741  1.00 10.50 ? 131 VAL A CA  1 
ATOM   1054 C C   . VAL A 1 131 ? 9.663   -8.806  13.889  1.00 10.83 ? 131 VAL A C   1 
ATOM   1055 O O   . VAL A 1 131 ? 8.854   -8.182  14.555  1.00 10.95 ? 131 VAL A O   1 
ATOM   1056 C CB  . VAL A 1 131 ? 10.576  -11.065 14.607  1.00 10.87 ? 131 VAL A CB  1 
ATOM   1057 C CG1 . VAL A 1 131 ? 10.727  -10.430 16.012  1.00 10.27 ? 131 VAL A CG1 1 
ATOM   1058 C CG2 . VAL A 1 131 ? 10.190  -12.538 14.672  1.00 10.26 ? 131 VAL A CG2 1 
ATOM   1059 N N   . ASN A 1 132 ? 10.660  -8.222  13.238  1.00 9.94  ? 132 ASN A N   1 
ATOM   1060 C CA  . ASN A 1 132 ? 10.882  -6.800  13.362  1.00 10.53 ? 132 ASN A CA  1 
ATOM   1061 C C   . ASN A 1 132 ? 9.705   -5.993  12.775  1.00 9.38  ? 132 ASN A C   1 
ATOM   1062 O O   . ASN A 1 132 ? 9.301   -4.973  13.330  1.00 10.25 ? 132 ASN A O   1 
ATOM   1063 C CB  . ASN A 1 132 ? 12.180  -6.421  12.679  1.00 11.10 ? 132 ASN A CB  1 
ATOM   1064 C CG  . ASN A 1 132 ? 12.555  -4.993  12.933  1.00 11.07 ? 132 ASN A CG  1 
ATOM   1065 O OD1 . ASN A 1 132 ? 12.267  -4.115  12.137  1.00 12.71 ? 132 ASN A OD1 1 
ATOM   1066 N ND2 . ASN A 1 132 ? 13.138  -4.747  14.086  1.00 12.20 ? 132 ASN A ND2 1 
ATOM   1067 N N   . LEU A 1 133 ? 9.163   -6.459  11.663  1.00 9.85  ? 133 LEU A N   1 
ATOM   1068 C CA  . LEU A 1 133 ? 8.076   -5.737  10.981  1.00 9.81  ? 133 LEU A CA  1 
ATOM   1069 C C   . LEU A 1 133 ? 6.848   -5.585  11.874  1.00 10.12 ? 133 LEU A C   1 
ATOM   1070 O O   . LEU A 1 133 ? 6.142   -4.575  11.784  1.00 10.13 ? 133 LEU A O   1 
ATOM   1071 C CB  . LEU A 1 133 ? 7.686   -6.470  9.693   1.00 10.23 ? 133 LEU A CB  1 
ATOM   1072 C CG  . LEU A 1 133 ? 8.665   -6.292  8.514   1.00 8.81  ? 133 LEU A CG  1 
ATOM   1073 C CD1 . LEU A 1 133 ? 8.417   -7.387  7.494   1.00 10.63 ? 133 LEU A CD1 1 
ATOM   1074 C CD2 . LEU A 1 133 ? 8.517   -4.901  7.923   1.00 10.87 ? 133 LEU A CD2 1 
ATOM   1075 N N   . ALA A 1 134 ? 6.595   -6.609  12.687  1.00 9.48  ? 134 ALA A N   1 
ATOM   1076 C CA  . ALA A 1 134 ? 5.408   -6.639  13.559  1.00 9.60  ? 134 ALA A CA  1 
ATOM   1077 C C   . ALA A 1 134 ? 5.513   -5.698  14.769  1.00 9.95  ? 134 ALA A C   1 
ATOM   1078 O O   . ALA A 1 134 ? 4.491   -5.394  15.405  1.00 11.32 ? 134 ALA A O   1 
ATOM   1079 C CB  . ALA A 1 134 ? 5.135   -8.022  14.011  1.00 8.43  ? 134 ALA A CB  1 
ATOM   1080 N N   . LYS A 1 135 ? 6.729   -5.269  15.094  1.00 10.03 ? 135 LYS A N   1 
ATOM   1081 C CA  . LYS A 1 135 ? 6.984   -4.290  16.163  1.00 10.76 ? 135 LYS A CA  1 
ATOM   1082 C C   . LYS A 1 135 ? 6.770   -2.868  15.649  1.00 9.99  ? 135 LYS A C   1 
ATOM   1083 O O   . LYS A 1 135 ? 7.720   -2.087  15.510  1.00 11.26 ? 135 LYS A O   1 
ATOM   1084 C CB  . LYS A 1 135 ? 8.398   -4.456  16.719  1.00 11.40 ? 135 LYS A CB  1 
ATOM   1085 C CG  . LYS A 1 135 ? 8.647   -5.799  17.367  1.00 12.91 ? 135 LYS A CG  1 
ATOM   1086 C CD  . LYS A 1 135 ? 10.125  -5.934  17.728  1.00 18.52 ? 135 LYS A CD  1 
ATOM   1087 C CE  . LYS A 1 135 ? 10.378  -7.262  18.426  1.00 22.50 ? 135 LYS A CE  1 
ATOM   1088 N NZ  . LYS A 1 135 ? 11.846  -7.513  18.726  1.00 22.27 ? 135 LYS A NZ  1 
ATOM   1089 N N   . SER A 1 136 ? 5.515   -2.529  15.345  1.00 9.26  ? 136 SER A N   1 
ATOM   1090 C CA  . SER A 1 136 ? 5.247   -1.296  14.630  1.00 8.97  ? 136 SER A CA  1 
ATOM   1091 C C   . SER A 1 136 ? 3.819   -0.838  14.902  1.00 9.17  ? 136 SER A C   1 
ATOM   1092 O O   . SER A 1 136 ? 2.920   -1.672  15.179  1.00 8.81  ? 136 SER A O   1 
ATOM   1093 C CB  . SER A 1 136 ? 5.430   -1.524  13.104  1.00 8.67  ? 136 SER A CB  1 
ATOM   1094 O OG  . SER A 1 136 ? 4.534   -2.538  12.631  1.00 8.46  ? 136 SER A OG  1 
ATOM   1095 N N   . ARG A 1 137 ? 3.629   0.475   14.823  1.00 8.98  ? 137 ARG A N   1 
ATOM   1096 C CA  . ARG A 1 137 ? 2.283   1.052   14.832  1.00 9.62  ? 137 ARG A CA  1 
ATOM   1097 C C   . ARG A 1 137 ? 1.493   0.402   13.700  1.00 10.22 ? 137 ARG A C   1 
ATOM   1098 O O   . ARG A 1 137 ? 0.371   -0.023  13.870  1.00 9.74  ? 137 ARG A O   1 
ATOM   1099 C CB  . ARG A 1 137 ? 2.357   2.569   14.600  1.00 10.25 ? 137 ARG A CB  1 
ATOM   1100 C CG  . ARG A 1 137 ? 0.969   3.186   14.604  1.00 12.09 ? 137 ARG A CG  1 
ATOM   1101 C CD  . ARG A 1 137 ? 0.899   4.613   14.144  1.00 17.60 ? 137 ARG A CD  1 
ATOM   1102 N NE  . ARG A 1 137 ? -0.463  5.108   14.356  1.00 19.59 ? 137 ARG A NE  1 
ATOM   1103 C CZ  . ARG A 1 137 ? -1.438  5.060   13.452  1.00 23.14 ? 137 ARG A CZ  1 
ATOM   1104 N NH1 . ARG A 1 137 ? -1.224  4.542   12.240  1.00 21.89 ? 137 ARG A NH1 1 
ATOM   1105 N NH2 . ARG A 1 137 ? -2.639  5.546   13.763  1.00 21.13 ? 137 ARG A NH2 1 
ATOM   1106 N N   . TRP A 1 138 ? 2.118   0.290   12.530  1.00 10.40 ? 138 TRP A N   1 
ATOM   1107 C CA  . TRP A 1 138 ? 1.493   -0.362  11.393  1.00 10.23 ? 138 TRP A CA  1 
ATOM   1108 C C   . TRP A 1 138 ? 0.809   -1.671  11.754  1.00 10.95 ? 138 TRP A C   1 
ATOM   1109 O O   . TRP A 1 138 ? -0.391  -1.881  11.490  1.00 10.37 ? 138 TRP A O   1 
ATOM   1110 C CB  . TRP A 1 138 ? 2.577   -0.634  10.350  1.00 10.72 ? 138 TRP A CB  1 
ATOM   1111 C CG  . TRP A 1 138 ? 2.095   -1.453  9.155   1.00 10.96 ? 138 TRP A CG  1 
ATOM   1112 C CD1 . TRP A 1 138 ? 1.009   -1.194  8.345   1.00 10.33 ? 138 TRP A CD1 1 
ATOM   1113 C CD2 . TRP A 1 138 ? 2.740   -2.616  8.604   1.00 11.12 ? 138 TRP A CD2 1 
ATOM   1114 N NE1 . TRP A 1 138 ? 0.928   -2.146  7.339   1.00 11.45 ? 138 TRP A NE1 1 
ATOM   1115 C CE2 . TRP A 1 138 ? 1.976   -3.026  7.477   1.00 11.35 ? 138 TRP A CE2 1 
ATOM   1116 C CE3 . TRP A 1 138 ? 3.873   -3.367  8.974   1.00 12.50 ? 138 TRP A CE3 1 
ATOM   1117 C CZ2 . TRP A 1 138 ? 2.326   -4.134  6.696   1.00 10.28 ? 138 TRP A CZ2 1 
ATOM   1118 C CZ3 . TRP A 1 138 ? 4.219   -4.470  8.199   1.00 10.23 ? 138 TRP A CZ3 1 
ATOM   1119 C CH2 . TRP A 1 138 ? 3.440   -4.847  7.075   1.00 10.94 ? 138 TRP A CH2 1 
ATOM   1120 N N   . TYR A 1 139 ? 1.576   -2.572  12.351  1.00 10.21 ? 139 TYR A N   1 
ATOM   1121 C CA  . TYR A 1 139 ? 1.047   -3.878  12.705  1.00 11.39 ? 139 TYR A CA  1 
ATOM   1122 C C   . TYR A 1 139 ? -0.091  -3.732  13.729  1.00 10.82 ? 139 TYR A C   1 
ATOM   1123 O O   . TYR A 1 139 ? -1.142  -4.364  13.617  1.00 11.17 ? 139 TYR A O   1 
ATOM   1124 C CB  . TYR A 1 139 ? 2.159   -4.747  13.308  1.00 12.10 ? 139 TYR A CB  1 
ATOM   1125 C CG  . TYR A 1 139 ? 1.642   -6.107  13.685  1.00 14.26 ? 139 TYR A CG  1 
ATOM   1126 C CD1 . TYR A 1 139 ? 1.583   -7.119  12.737  1.00 14.88 ? 139 TYR A CD1 1 
ATOM   1127 C CD2 . TYR A 1 139 ? 1.155   -6.365  14.974  1.00 16.94 ? 139 TYR A CD2 1 
ATOM   1128 C CE1 . TYR A 1 139 ? 1.077   -8.364  13.053  1.00 18.78 ? 139 TYR A CE1 1 
ATOM   1129 C CE2 . TYR A 1 139 ? 0.628   -7.628  15.305  1.00 21.37 ? 139 TYR A CE2 1 
ATOM   1130 C CZ  . TYR A 1 139 ? 0.592   -8.620  14.334  1.00 20.14 ? 139 TYR A CZ  1 
ATOM   1131 O OH  . TYR A 1 139 ? 0.089   -9.894  14.626  1.00 22.01 ? 139 TYR A OH  1 
ATOM   1132 N N   . ASN A 1 140 ? 0.130   -2.916  14.745  1.00 11.03 ? 140 ASN A N   1 
ATOM   1133 C CA  . ASN A 1 140 ? -0.850  -2.800  15.830  1.00 10.35 ? 140 ASN A CA  1 
ATOM   1134 C C   . ASN A 1 140 ? -2.159  -2.166  15.392  1.00 10.44 ? 140 ASN A C   1 
ATOM   1135 O O   . ASN A 1 140 ? -3.206  -2.518  15.899  1.00 11.01 ? 140 ASN A O   1 
ATOM   1136 C CB  . ASN A 1 140 ? -0.279  -2.011  16.985  1.00 11.77 ? 140 ASN A CB  1 
ATOM   1137 C CG  . ASN A 1 140 ? 0.674   -2.827  17.816  1.00 14.54 ? 140 ASN A CG  1 
ATOM   1138 O OD1 . ASN A 1 140 ? 1.896   -2.677  17.724  1.00 15.03 ? 140 ASN A OD1 1 
ATOM   1139 N ND2 . ASN A 1 140 ? 0.121   -3.690  18.651  1.00 14.60 ? 140 ASN A ND2 1 
ATOM   1140 N N   . GLN A 1 141 ? -2.086  -1.267  14.428  1.00 9.74  ? 141 GLN A N   1 
ATOM   1141 C CA  . GLN A 1 141 ? -3.269  -0.556  13.963  1.00 10.29 ? 141 GLN A CA  1 
ATOM   1142 C C   . GLN A 1 141 ? -4.014  -1.352  12.900  1.00 10.36 ? 141 GLN A C   1 
ATOM   1143 O O   . GLN A 1 141 ? -5.247  -1.325  12.853  1.00 10.24 ? 141 GLN A O   1 
ATOM   1144 C CB  . GLN A 1 141 ? -2.884  0.826   13.442  1.00 10.51 ? 141 GLN A CB  1 
ATOM   1145 C CG  . GLN A 1 141 ? -2.274  1.806   14.502  1.00 12.31 ? 141 GLN A CG  1 
ATOM   1146 C CD  . GLN A 1 141 ? -3.131  1.977   15.774  1.00 13.87 ? 141 GLN A CD  1 
ATOM   1147 O OE1 . GLN A 1 141 ? -2.631  1.843   16.887  1.00 14.55 ? 141 GLN A OE1 1 
ATOM   1148 N NE2 . GLN A 1 141 ? -4.425  2.244   15.596  1.00 13.61 ? 141 GLN A NE2 1 
ATOM   1149 N N   . THR A 1 142 ? -3.273  -2.063  12.043  1.00 8.67  ? 142 THR A N   1 
ATOM   1150 C CA  . THR A 1 142 ? -3.924  -2.930  11.050  1.00 8.12  ? 142 THR A CA  1 
ATOM   1151 C C   . THR A 1 142 ? -3.315  -4.320  11.093  1.00 8.93  ? 142 THR A C   1 
ATOM   1152 O O   . THR A 1 142 ? -2.612  -4.727  10.155  1.00 8.58  ? 142 THR A O   1 
ATOM   1153 C CB  . THR A 1 142 ? -3.849  -2.340  9.597   1.00 7.94  ? 142 THR A CB  1 
ATOM   1154 O OG1 . THR A 1 142 ? -2.485  -2.037  9.248   1.00 10.86 ? 142 THR A OG1 1 
ATOM   1155 C CG2 . THR A 1 142 ? -4.696  -1.058  9.500   1.00 6.75  ? 142 THR A CG2 1 
ATOM   1156 N N   . PRO A 1 143 ? -3.587  -5.070  12.175  1.00 9.90  ? 143 PRO A N   1 
ATOM   1157 C CA  . PRO A 1 143 ? -2.882  -6.347  12.314  1.00 9.57  ? 143 PRO A CA  1 
ATOM   1158 C C   . PRO A 1 143 ? -3.237  -7.409  11.289  1.00 9.54  ? 143 PRO A C   1 
ATOM   1159 O O   . PRO A 1 143 ? -2.362  -8.184  10.885  1.00 9.47  ? 143 PRO A O   1 
ATOM   1160 C CB  . PRO A 1 143 ? -3.260  -6.814  13.745  1.00 10.04 ? 143 PRO A CB  1 
ATOM   1161 C CG  . PRO A 1 143 ? -4.529  -6.086  14.073  1.00 11.12 ? 143 PRO A CG  1 
ATOM   1162 C CD  . PRO A 1 143 ? -4.480  -4.775  13.333  1.00 9.43  ? 143 PRO A CD  1 
ATOM   1163 N N   . ASP A 1 144 ? -4.495  -7.480  10.876  1.00 9.40  ? 144 ASP A N   1 
ATOM   1164 C CA  . ASP A 1 144 ? -4.862  -8.567  9.995   1.00 11.11 ? 144 ASP A CA  1 
ATOM   1165 C C   . ASP A 1 144 ? -4.198  -8.387  8.636   1.00 10.74 ? 144 ASP A C   1 
ATOM   1166 O O   . ASP A 1 144 ? -3.659  -9.339  8.076   1.00 9.66  ? 144 ASP A O   1 
ATOM   1167 C CB  . ASP A 1 144 ? -6.367  -8.742  9.943   1.00 12.03 ? 144 ASP A CB  1 
ATOM   1168 C CG  . ASP A 1 144 ? -6.904  -9.347  11.274  1.00 14.26 ? 144 ASP A CG  1 
ATOM   1169 O OD1 . ASP A 1 144 ? -6.133  -10.022 11.981  1.00 20.74 ? 144 ASP A OD1 1 
ATOM   1170 O OD2 . ASP A 1 144 ? -8.069  -9.160  11.592  1.00 19.82 ? 144 ASP A OD2 1 
ATOM   1171 N N   . ARG A 1 145 ? -4.188  -7.142  8.174   1.00 10.16 ? 145 ARG A N   1 
ATOM   1172 C CA  . ARG A 1 145 ? -3.528  -6.811  6.940   1.00 10.32 ? 145 ARG A CA  1 
ATOM   1173 C C   . ARG A 1 145 ? -2.014  -6.940  7.094   1.00 10.18 ? 145 ARG A C   1 
ATOM   1174 O O   . ARG A 1 145 ? -1.377  -7.554  6.261   1.00 9.62  ? 145 ARG A O   1 
ATOM   1175 C CB  . ARG A 1 145 ? -3.891  -5.405  6.477   1.00 11.18 ? 145 ARG A CB  1 
ATOM   1176 C CG  . ARG A 1 145 ? -3.317  -5.171  5.072   1.00 13.09 ? 145 ARG A CG  1 
ATOM   1177 C CD  . ARG A 1 145 ? -3.102  -3.767  4.865   1.00 14.14 ? 145 ARG A CD  1 
ATOM   1178 N NE  . ARG A 1 145 ? -2.558  -3.457  3.552   1.00 11.98 ? 145 ARG A NE  1 
ATOM   1179 C CZ  . ARG A 1 145 ? -2.992  -2.412  2.861   1.00 12.92 ? 145 ARG A CZ  1 
ATOM   1180 N NH1 . ARG A 1 145 ? -3.967  -1.671  3.380   1.00 10.91 ? 145 ARG A NH1 1 
ATOM   1181 N NH2 . ARG A 1 145 ? -2.499  -2.131  1.660   1.00 11.43 ? 145 ARG A NH2 1 
ATOM   1182 N N   . ALA A 1 146 ? -1.448  -6.402  8.177   1.00 9.88  ? 146 ALA A N   1 
ATOM   1183 C CA  . ALA A 1 146 ? 0.013   -6.436  8.360   1.00 10.27 ? 146 ALA A CA  1 
ATOM   1184 C C   . ALA A 1 146 ? 0.469   -7.903  8.427   1.00 11.26 ? 146 ALA A C   1 
ATOM   1185 O O   . ALA A 1 146 ? 1.495   -8.264  7.852   1.00 11.33 ? 146 ALA A O   1 
ATOM   1186 C CB  . ALA A 1 146 ? 0.433   -5.623  9.596   1.00 11.64 ? 146 ALA A CB  1 
ATOM   1187 N N   . LYS A 1 147 ? -0.315  -8.759  9.087   1.00 10.75 ? 147 LYS A N   1 
ATOM   1188 C CA  . LYS A 1 147 ? 0.012   -10.196 9.159   1.00 11.53 ? 147 LYS A CA  1 
ATOM   1189 C C   . LYS A 1 147 ? 0.144   -10.819 7.770   1.00 10.49 ? 147 LYS A C   1 
ATOM   1190 O O   . LYS A 1 147 ? 1.052   -11.629 7.516   1.00 10.32 ? 147 LYS A O   1 
ATOM   1191 C CB  . LYS A 1 147 ? -1.059  -10.956 9.923   1.00 12.27 ? 147 LYS A CB  1 
ATOM   1192 C CG  . LYS A 1 147 ? -0.933  -10.921 11.427  1.00 16.48 ? 147 LYS A CG  1 
ATOM   1193 C CD  . LYS A 1 147 ? -1.978  -11.901 11.999  1.00 23.08 ? 147 LYS A CD  1 
ATOM   1194 C CE  . LYS A 1 147 ? -1.970  -11.946 13.506  1.00 27.76 ? 147 LYS A CE  1 
ATOM   1195 N NZ  . LYS A 1 147 ? -2.594  -10.723 14.085  1.00 30.78 ? 147 LYS A NZ  1 
ATOM   1196 N N   . ARG A 1 148 ? -0.773  -10.450 6.874   1.00 9.82  ? 148 ARG A N   1 
ATOM   1197 C CA  . ARG A 1 148 ? -0.744  -10.951 5.499   1.00 9.63  ? 148 ARG A CA  1 
ATOM   1198 C C   . ARG A 1 148 ? 0.512   -10.482 4.783   1.00 9.43  ? 148 ARG A C   1 
ATOM   1199 O O   . ARG A 1 148 ? 1.225   -11.285 4.191   1.00 10.51 ? 148 ARG A O   1 
ATOM   1200 C CB  . ARG A 1 148 ? -1.984  -10.509 4.734   1.00 9.21  ? 148 ARG A CB  1 
ATOM   1201 C CG  . ARG A 1 148 ? -3.235  -11.301 5.109   1.00 9.33  ? 148 ARG A CG  1 
ATOM   1202 C CD  . ARG A 1 148 ? -4.345  -11.032 4.098   1.00 8.88  ? 148 ARG A CD  1 
ATOM   1203 N NE  . ARG A 1 148 ? -4.814  -9.635  4.100   1.00 10.66 ? 148 ARG A NE  1 
ATOM   1204 C CZ  . ARG A 1 148 ? -5.768  -9.142  4.907   1.00 12.40 ? 148 ARG A CZ  1 
ATOM   1205 N NH1 . ARG A 1 148 ? -6.346  -9.910  5.824   1.00 11.10 ? 148 ARG A NH1 1 
ATOM   1206 N NH2 . ARG A 1 148 ? -6.129  -7.867  4.803   1.00 9.29  ? 148 ARG A NH2 1 
ATOM   1207 N N   . VAL A 1 149 ? 0.806   -9.188  4.894   1.00 9.76  ? 149 VAL A N   1 
ATOM   1208 C CA  . VAL A 1 149 ? 1.946   -8.592  4.188   1.00 8.96  ? 149 VAL A CA  1 
ATOM   1209 C C   . VAL A 1 149 ? 3.250   -9.188  4.757   1.00 9.88  ? 149 VAL A C   1 
ATOM   1210 O O   . VAL A 1 149 ? 4.164   -9.551  4.011   1.00 9.68  ? 149 VAL A O   1 
ATOM   1211 C CB  . VAL A 1 149 ? 1.935   -7.069  4.349   1.00 9.38  ? 149 VAL A CB  1 
ATOM   1212 C CG1 . VAL A 1 149 ? 3.225   -6.443  3.774   1.00 8.53  ? 149 VAL A CG1 1 
ATOM   1213 C CG2 . VAL A 1 149 ? 0.667   -6.475  3.651   1.00 8.99  ? 149 VAL A CG2 1 
ATOM   1214 N N   . ILE A 1 150 ? 3.311   -9.284  6.082   1.00 9.17  ? 150 ILE A N   1 
ATOM   1215 C CA  . ILE A 1 150 ? 4.472   -9.905  6.761   1.00 9.92  ? 150 ILE A CA  1 
ATOM   1216 C C   . ILE A 1 150 ? 4.690   -11.368 6.353   1.00 10.60 ? 150 ILE A C   1 
ATOM   1217 O O   . ILE A 1 150 ? 5.827   -11.778 6.110   1.00 11.32 ? 150 ILE A O   1 
ATOM   1218 C CB  . ILE A 1 150 ? 4.364   -9.778  8.310   1.00 8.74  ? 150 ILE A CB  1 
ATOM   1219 C CG1 . ILE A 1 150 ? 4.519   -8.292  8.699   1.00 9.00  ? 150 ILE A CG1 1 
ATOM   1220 C CG2 . ILE A 1 150 ? 5.474   -10.569 8.967   1.00 10.01 ? 150 ILE A CG2 1 
ATOM   1221 C CD1 . ILE A 1 150 ? 4.227   -7.916  10.212  1.00 9.20  ? 150 ILE A CD1 1 
ATOM   1222 N N   . THR A 1 151 ? 3.614   -12.152 6.281   1.00 11.14 ? 151 THR A N   1 
ATOM   1223 C CA  . THR A 1 151 ? 3.723   -13.544 5.821   1.00 12.10 ? 151 THR A CA  1 
ATOM   1224 C C   . THR A 1 151 ? 4.286   -13.603 4.402   1.00 12.35 ? 151 THR A C   1 
ATOM   1225 O O   . THR A 1 151 ? 5.097   -14.495 4.053   1.00 11.72 ? 151 THR A O   1 
ATOM   1226 C CB  . THR A 1 151 ? 2.353   -14.207 5.867   1.00 12.09 ? 151 THR A CB  1 
ATOM   1227 O OG1 . THR A 1 151 ? 2.034   -14.440 7.243   1.00 13.96 ? 151 THR A OG1 1 
ATOM   1228 C CG2 . THR A 1 151 ? 2.354   -15.520 5.096   1.00 14.01 ? 151 THR A CG2 1 
ATOM   1229 N N   . THR A 1 152 ? 3.868   -12.636 3.590   1.00 10.56 ? 152 THR A N   1 
ATOM   1230 C CA  . THR A 1 152 ? 4.369   -12.534 2.216   1.00 11.11 ? 152 THR A CA  1 
ATOM   1231 C C   . THR A 1 152 ? 5.866   -12.223 2.221   1.00 10.71 ? 152 THR A C   1 
ATOM   1232 O O   . THR A 1 152 ? 6.625   -12.885 1.507   1.00 11.00 ? 152 THR A O   1 
ATOM   1233 C CB  . THR A 1 152 ? 3.554   -11.522 1.366   1.00 9.77  ? 152 THR A CB  1 
ATOM   1234 O OG1 . THR A 1 152 ? 2.169   -11.757 1.604   1.00 11.29 ? 152 THR A OG1 1 
ATOM   1235 C CG2 . THR A 1 152 ? 3.837   -11.718 -0.143  1.00 11.12 ? 152 THR A CG2 1 
ATOM   1236 N N   . PHE A 1 153 ? 6.293   -11.246 3.023   1.00 10.58 ? 153 PHE A N   1 
ATOM   1237 C CA  . PHE A 1 153 ? 7.732   -10.991 3.226   1.00 11.12 ? 153 PHE A CA  1 
ATOM   1238 C C   . PHE A 1 153 ? 8.511   -12.188 3.786   1.00 11.77 ? 153 PHE A C   1 
ATOM   1239 O O   . PHE A 1 153 ? 9.659   -12.437 3.385   1.00 12.10 ? 153 PHE A O   1 
ATOM   1240 C CB  . PHE A 1 153 ? 7.975   -9.820  4.187   1.00 10.07 ? 153 PHE A CB  1 
ATOM   1241 C CG  . PHE A 1 153 ? 7.906   -8.454  3.571   1.00 10.81 ? 153 PHE A CG  1 
ATOM   1242 C CD1 . PHE A 1 153 ? 7.031   -7.501  4.108   1.00 9.86  ? 153 PHE A CD1 1 
ATOM   1243 C CD2 . PHE A 1 153 ? 8.776   -8.070  2.536   1.00 12.49 ? 153 PHE A CD2 1 
ATOM   1244 C CE1 . PHE A 1 153 ? 6.984   -6.191  3.584   1.00 10.88 ? 153 PHE A CE1 1 
ATOM   1245 C CE2 . PHE A 1 153 ? 8.745   -6.784  2.025   1.00 10.68 ? 153 PHE A CE2 1 
ATOM   1246 C CZ  . PHE A 1 153 ? 7.853   -5.847  2.539   1.00 11.25 ? 153 PHE A CZ  1 
ATOM   1247 N N   . ARG A 1 154 ? 7.911   -12.907 4.729   1.00 12.14 ? 154 ARG A N   1 
ATOM   1248 C CA  A ARG A 1 154 ? 8.578   -14.024 5.396   0.50 12.01 ? 154 ARG A CA  1 
ATOM   1249 C CA  B ARG A 1 154 ? 8.601   -14.022 5.385   0.50 12.31 ? 154 ARG A CA  1 
ATOM   1250 C C   . ARG A 1 154 ? 8.794   -15.215 4.457   1.00 12.22 ? 154 ARG A C   1 
ATOM   1251 O O   . ARG A 1 154 ? 9.812   -15.886 4.521   1.00 11.64 ? 154 ARG A O   1 
ATOM   1252 C CB  A ARG A 1 154 ? 7.752   -14.451 6.616   0.50 12.08 ? 154 ARG A CB  1 
ATOM   1253 C CB  B ARG A 1 154 ? 7.870   -14.470 6.659   0.50 12.45 ? 154 ARG A CB  1 
ATOM   1254 C CG  A ARG A 1 154 ? 8.522   -15.223 7.702   0.50 12.31 ? 154 ARG A CG  1 
ATOM   1255 C CG  B ARG A 1 154 ? 8.618   -15.590 7.419   0.50 12.97 ? 154 ARG A CG  1 
ATOM   1256 C CD  A ARG A 1 154 ? 7.591   -15.601 8.878   0.50 12.44 ? 154 ARG A CD  1 
ATOM   1257 C CD  B ARG A 1 154 ? 7.892   -16.117 8.668   0.50 13.62 ? 154 ARG A CD  1 
ATOM   1258 N NE  A ARG A 1 154 ? 6.412   -16.362 8.449   0.50 15.45 ? 154 ARG A NE  1 
ATOM   1259 N NE  B ARG A 1 154 ? 6.537   -16.596 8.409   0.50 17.33 ? 154 ARG A NE  1 
ATOM   1260 C CZ  A ARG A 1 154 ? 5.151   -15.918 8.499   0.50 15.10 ? 154 ARG A CZ  1 
ATOM   1261 C CZ  B ARG A 1 154 ? 6.203   -17.836 8.046   0.50 17.89 ? 154 ARG A CZ  1 
ATOM   1262 N NH1 A ARG A 1 154 ? 4.152   -16.688 8.073   0.50 15.36 ? 154 ARG A NH1 1 
ATOM   1263 N NH1 B ARG A 1 154 ? 4.926   -18.138 7.848   0.50 20.13 ? 154 ARG A NH1 1 
ATOM   1264 N NH2 A ARG A 1 154 ? 4.880   -14.713 8.981   0.50 14.47 ? 154 ARG A NH2 1 
ATOM   1265 N NH2 B ARG A 1 154 ? 7.123   -18.770 7.876   0.50 17.52 ? 154 ARG A NH2 1 
ATOM   1266 N N   . THR A 1 155 ? 7.825   -15.467 3.588   1.00 12.04 ? 155 THR A N   1 
ATOM   1267 C CA  . THR A 1 155 ? 7.777   -16.736 2.826   1.00 13.06 ? 155 THR A CA  1 
ATOM   1268 C C   . THR A 1 155 ? 8.035   -16.606 1.332   1.00 13.37 ? 155 THR A C   1 
ATOM   1269 O O   . THR A 1 155 ? 8.392   -17.596 0.684   1.00 13.94 ? 155 THR A O   1 
ATOM   1270 C CB  . THR A 1 155 ? 6.407   -17.430 2.987   1.00 12.97 ? 155 THR A CB  1 
ATOM   1271 O OG1 . THR A 1 155 ? 5.398   -16.605 2.396   1.00 13.17 ? 155 THR A OG1 1 
ATOM   1272 C CG2 . THR A 1 155 ? 6.052   -17.663 4.456   1.00 13.09 ? 155 THR A CG2 1 
ATOM   1273 N N   . GLY A 1 156 ? 7.824   -15.408 0.787   1.00 13.26 ? 156 GLY A N   1 
ATOM   1274 C CA  . GLY A 1 156 ? 7.844   -15.180 -0.646  1.00 13.08 ? 156 GLY A CA  1 
ATOM   1275 C C   . GLY A 1 156 ? 6.831   -16.044 -1.368  1.00 13.14 ? 156 GLY A C   1 
ATOM   1276 O O   . GLY A 1 156 ? 7.056   -16.425 -2.517  1.00 14.07 ? 156 GLY A O   1 
ATOM   1277 N N   . THR A 1 157 ? 5.747   -16.392 -0.669  1.00 12.05 ? 157 THR A N   1 
ATOM   1278 C CA  . THR A 1 157 ? 4.615   -17.095 -1.262  1.00 12.43 ? 157 THR A CA  1 
ATOM   1279 C C   . THR A 1 157 ? 3.359   -16.273 -1.060  1.00 12.21 ? 157 THR A C   1 
ATOM   1280 O O   . THR A 1 157 ? 3.351   -15.283 -0.323  1.00 12.12 ? 157 THR A O   1 
ATOM   1281 C CB  . THR A 1 157 ? 4.317   -18.461 -0.608  1.00 12.70 ? 157 THR A CB  1 
ATOM   1282 O OG1 . THR A 1 157 ? 3.685   -18.270 0.675   1.00 13.37 ? 157 THR A OG1 1 
ATOM   1283 C CG2 . THR A 1 157 ? 5.559   -19.339 -0.491  1.00 12.96 ? 157 THR A CG2 1 
ATOM   1284 N N   . TRP A 1 158 ? 2.288   -16.705 -1.705  1.00 12.52 ? 158 TRP A N   1 
ATOM   1285 C CA  . TRP A 1 158 ? 1.020   -15.997 -1.607  1.00 13.20 ? 158 TRP A CA  1 
ATOM   1286 C C   . TRP A 1 158 ? 0.085   -16.671 -0.615  1.00 13.84 ? 158 TRP A C   1 
ATOM   1287 O O   . TRP A 1 158 ? -1.122  -16.473 -0.679  1.00 14.48 ? 158 TRP A O   1 
ATOM   1288 C CB  . TRP A 1 158 ? 0.370   -15.968 -2.974  1.00 13.09 ? 158 TRP A CB  1 
ATOM   1289 C CG  . TRP A 1 158 ? 1.047   -15.060 -3.934  1.00 13.33 ? 158 TRP A CG  1 
ATOM   1290 C CD1 . TRP A 1 158 ? 1.719   -15.423 -5.070  1.00 13.37 ? 158 TRP A CD1 1 
ATOM   1291 C CD2 . TRP A 1 158 ? 1.097   -13.635 -3.864  1.00 13.15 ? 158 TRP A CD2 1 
ATOM   1292 N NE1 . TRP A 1 158 ? 2.184   -14.297 -5.718  1.00 13.97 ? 158 TRP A NE1 1 
ATOM   1293 C CE2 . TRP A 1 158 ? 1.820   -13.186 -4.992  1.00 12.78 ? 158 TRP A CE2 1 
ATOM   1294 C CE3 . TRP A 1 158 ? 0.592   -12.682 -2.953  1.00 13.00 ? 158 TRP A CE3 1 
ATOM   1295 C CZ2 . TRP A 1 158 ? 2.052   -11.830 -5.244  1.00 11.73 ? 158 TRP A CZ2 1 
ATOM   1296 C CZ3 . TRP A 1 158 ? 0.830   -11.327 -3.207  1.00 12.62 ? 158 TRP A CZ3 1 
ATOM   1297 C CH2 . TRP A 1 158 ? 1.550   -10.918 -4.346  1.00 13.82 ? 158 TRP A CH2 1 
ATOM   1298 N N   . ASP A 1 159 ? 0.644   -17.479 0.283   1.00 14.14 ? 159 ASP A N   1 
ATOM   1299 C CA  . ASP A 1 159 ? -0.152  -18.254 1.243   1.00 15.50 ? 159 ASP A CA  1 
ATOM   1300 C C   . ASP A 1 159 ? -1.174  -17.411 2.020   1.00 15.61 ? 159 ASP A C   1 
ATOM   1301 O O   . ASP A 1 159 ? -2.304  -17.849 2.264   1.00 14.87 ? 159 ASP A O   1 
ATOM   1302 C CB  . ASP A 1 159 ? 0.764   -18.999 2.216   1.00 16.18 ? 159 ASP A CB  1 
ATOM   1303 C CG  . ASP A 1 159 ? 1.475   -20.163 1.558   1.00 19.88 ? 159 ASP A CG  1 
ATOM   1304 O OD1 . ASP A 1 159 ? 1.223   -20.419 0.357   1.00 20.06 ? 159 ASP A OD1 1 
ATOM   1305 O OD2 . ASP A 1 159 ? 2.297   -20.797 2.240   1.00 25.35 ? 159 ASP A OD2 1 
ATOM   1306 N N   . ALA A 1 160 ? -0.796  -16.187 2.374   1.00 14.57 ? 160 ALA A N   1 
ATOM   1307 C CA  . ALA A 1 160 ? -1.694  -15.358 3.168   1.00 14.86 ? 160 ALA A CA  1 
ATOM   1308 C C   . ALA A 1 160 ? -2.873  -14.803 2.363   1.00 15.16 ? 160 ALA A C   1 
ATOM   1309 O O   . ALA A 1 160 ? -3.808  -14.246 2.945   1.00 14.77 ? 160 ALA A O   1 
ATOM   1310 C CB  . ALA A 1 160 ? -0.926  -14.232 3.858   1.00 13.86 ? 160 ALA A CB  1 
ATOM   1311 N N   . TYR A 1 161 ? -2.820  -14.953 1.039   1.00 15.01 ? 161 TYR A N   1 
ATOM   1312 C CA  . TYR A 1 161 ? -3.845  -14.373 0.167   1.00 16.29 ? 161 TYR A CA  1 
ATOM   1313 C C   . TYR A 1 161 ? -4.703  -15.396 -0.607  1.00 17.69 ? 161 TYR A C   1 
ATOM   1314 O O   . TYR A 1 161 ? -5.634  -15.002 -1.299  1.00 18.04 ? 161 TYR A O   1 
ATOM   1315 C CB  . TYR A 1 161 ? -3.230  -13.340 -0.785  1.00 15.32 ? 161 TYR A CB  1 
ATOM   1316 C CG  . TYR A 1 161 ? -2.779  -12.077 -0.099  1.00 15.15 ? 161 TYR A CG  1 
ATOM   1317 C CD1 . TYR A 1 161 ? -1.490  -11.968 0.414   1.00 12.03 ? 161 TYR A CD1 1 
ATOM   1318 C CD2 . TYR A 1 161 ? -3.647  -11.000 0.065   1.00 13.38 ? 161 TYR A CD2 1 
ATOM   1319 C CE1 . TYR A 1 161 ? -1.071  -10.828 1.061   1.00 12.00 ? 161 TYR A CE1 1 
ATOM   1320 C CE2 . TYR A 1 161 ? -3.241  -9.844  0.693   1.00 12.15 ? 161 TYR A CE2 1 
ATOM   1321 C CZ  . TYR A 1 161 ? -1.950  -9.761  1.196   1.00 11.93 ? 161 TYR A CZ  1 
ATOM   1322 O OH  . TYR A 1 161 ? -1.511  -8.646  1.847   1.00 13.79 ? 161 TYR A OH  1 
ATOM   1323 N N   . LYS A 1 162 ? -4.367  -16.685 -0.518  0.50 18.78 ? 162 LYS A N   1 
ATOM   1324 C CA  . LYS A 1 162 ? -5.276  -17.778 -0.924  0.50 19.74 ? 162 LYS A CA  1 
ATOM   1325 C C   . LYS A 1 162 ? -5.899  -17.564 -2.312  0.50 19.75 ? 162 LYS A C   1 
ATOM   1326 O O   . LYS A 1 162 ? -6.325  -18.512 -2.976  0.50 19.60 ? 162 LYS A O   1 
ATOM   1327 C CB  . LYS A 1 162 ? -6.365  -17.957 0.147   0.50 19.74 ? 162 LYS A CB  1 
ATOM   1328 C CG  . LYS A 1 162 ? -7.624  -18.701 -0.287  0.50 20.29 ? 162 LYS A CG  1 
ATOM   1329 C CD  . LYS A 1 162 ? -8.817  -18.414 0.626   0.50 21.09 ? 162 LYS A CD  1 
ATOM   1330 C CE  . LYS A 1 162 ? -9.640  -17.205 0.148   0.50 22.05 ? 162 LYS A CE  1 
ATOM   1331 N NZ  . LYS A 1 162 ? -8.914  -15.903 0.257   0.50 22.72 ? 162 LYS A NZ  1 
HETATM 1332 P P   . PO4 B 2 .   ? 16.221  -16.094 9.568   1.00 17.87 ? 165 PO4 A P   1 
HETATM 1333 O O1  . PO4 B 2 .   ? 15.969  -14.711 10.103  1.00 14.24 ? 165 PO4 A O1  1 
HETATM 1334 O O2  . PO4 B 2 .   ? 15.001  -16.548 8.830   1.00 16.05 ? 165 PO4 A O2  1 
HETATM 1335 O O3  . PO4 B 2 .   ? 17.460  -16.009 8.654   1.00 16.30 ? 165 PO4 A O3  1 
HETATM 1336 O O4  . PO4 B 2 .   ? 16.597  -17.098 10.666  1.00 16.65 ? 165 PO4 A O4  1 
HETATM 1337 P P   . PO4 C 2 .   ? -19.707 1.811   -1.411  1.00 47.07 ? 166 PO4 A P   1 
HETATM 1338 O O1  . PO4 C 2 .   ? -21.209 1.922   -1.230  1.00 47.73 ? 166 PO4 A O1  1 
HETATM 1339 O O2  . PO4 C 2 .   ? -19.416 1.340   -2.839  1.00 44.06 ? 166 PO4 A O2  1 
HETATM 1340 O O3  . PO4 C 2 .   ? -19.080 3.165   -1.159  1.00 44.67 ? 166 PO4 A O3  1 
HETATM 1341 O O4  . PO4 C 2 .   ? -19.171 0.811   -0.394  1.00 45.48 ? 166 PO4 A O4  1 
HETATM 1342 C CAA . 261 D 3 .   ? 9.986   -2.917  5.273   1.00 26.55 ? 167 261 A CAA 1 
HETATM 1343 C CAG . 261 D 3 .   ? 9.402   -2.420  3.955   1.00 28.21 ? 167 261 A CAG 1 
HETATM 1344 O OAH . 261 D 3 .   ? 9.848   -3.303  2.895   1.00 27.48 ? 167 261 A OAH 1 
HETATM 1345 C CAJ . 261 D 3 .   ? 10.183  -2.660  1.746   1.00 26.47 ? 167 261 A CAJ 1 
HETATM 1346 C CAF . 261 D 3 .   ? 9.488   -1.527  1.324   1.00 25.51 ? 167 261 A CAF 1 
HETATM 1347 C CAD . 261 D 3 .   ? 9.869   -0.887  0.140   1.00 25.90 ? 167 261 A CAD 1 
HETATM 1348 C CAC . 261 D 3 .   ? 10.921  -1.389  -0.623  1.00 25.88 ? 167 261 A CAC 1 
HETATM 1349 C CAE . 261 D 3 .   ? 11.610  -2.533  -0.207  1.00 27.51 ? 167 261 A CAE 1 
HETATM 1350 C CAI . 261 D 3 .   ? 11.237  -3.169  0.979   1.00 27.40 ? 167 261 A CAI 1 
HETATM 1351 O OAB . 261 D 3 .   ? 11.905  -4.286  1.390   1.00 27.35 ? 167 261 A OAB 1 
HETATM 1352 O O   . HOH E 4 .   ? -6.582  12.394  -5.405  1.00 22.05 ? 168 HOH A O   1 
HETATM 1353 O O   . HOH E 4 .   ? 11.505  -12.737 -8.651  1.00 33.61 ? 169 HOH A O   1 
HETATM 1354 O O   . HOH E 4 .   ? -5.614  14.025  -3.606  1.00 24.50 ? 170 HOH A O   1 
HETATM 1355 O O   . HOH E 4 .   ? -7.057  1.914   -15.861 1.00 31.32 ? 171 HOH A O   1 
HETATM 1356 O O   . HOH E 4 .   ? 10.710  -14.517 -7.792  1.00 25.92 ? 172 HOH A O   1 
HETATM 1357 O O   . HOH E 4 .   ? -6.549  1.323   11.898  1.00 25.56 ? 173 HOH A O   1 
HETATM 1358 O O   . HOH E 4 .   ? 1.092   -5.553  20.144  1.00 25.99 ? 174 HOH A O   1 
HETATM 1359 O O   . HOH E 4 .   ? 20.521  -3.574  -6.834  1.00 24.57 ? 175 HOH A O   1 
HETATM 1360 O O   . HOH E 4 .   ? 0.235   2.127   9.148   1.00 27.47 ? 176 HOH A O   1 
HETATM 1361 O O   . HOH E 4 .   ? 15.793  3.526   6.036   0.50 19.99 ? 177 HOH A O   1 
HETATM 1362 O O   . HOH E 4 .   ? -6.273  -14.247 -11.763 1.00 33.31 ? 178 HOH A O   1 
HETATM 1363 O O   . HOH E 4 .   ? 5.437   4.635   -14.231 1.00 34.35 ? 179 HOH A O   1 
HETATM 1364 O O   . HOH E 4 .   ? 12.593  -18.458 13.306  1.00 28.92 ? 180 HOH A O   1 
HETATM 1365 O O   . HOH E 4 .   ? 16.061  8.909   -2.149  1.00 37.80 ? 181 HOH A O   1 
HETATM 1366 O O   . HOH E 4 .   ? 5.302   -13.951 9.261   0.50 11.79 ? 182 HOH A O   1 
HETATM 1367 O O   . HOH E 4 .   ? -22.408 6.310   -10.190 1.00 28.04 ? 183 HOH A O   1 
HETATM 1368 O O   . HOH E 4 .   ? -8.713  -8.428  6.829   1.00 35.61 ? 184 HOH A O   1 
HETATM 1369 O O   . HOH E 4 .   ? -4.376  -16.928 -6.485  1.00 61.01 ? 185 HOH A O   1 
HETATM 1370 O O   . HOH E 4 .   ? -9.327  -10.887 -9.594  1.00 29.61 ? 186 HOH A O   1 
HETATM 1371 O O   . HOH E 4 .   ? -2.208  4.569   -2.522  1.00 32.40 ? 187 HOH A O   1 
HETATM 1372 O O   . HOH E 4 .   ? 22.672  -7.106  2.566   1.00 35.13 ? 188 HOH A O   1 
HETATM 1373 O O   . HOH E 4 .   ? 5.982   8.030   -7.127  1.00 42.78 ? 189 HOH A O   1 
HETATM 1374 O O   . HOH E 4 .   ? 0.825   -14.309 13.780  1.00 30.49 ? 190 HOH A O   1 
HETATM 1375 O O   . HOH E 4 .   ? 0.285   4.798   -3.838  1.00 32.95 ? 191 HOH A O   1 
HETATM 1376 O O   . HOH E 4 .   ? 9.407   -15.942 13.896  1.00 29.63 ? 192 HOH A O   1 
HETATM 1377 O O   . HOH E 4 .   ? 21.438  -1.197  0.777   1.00 37.28 ? 193 HOH A O   1 
HETATM 1378 O O   . HOH E 4 .   ? 4.921   -13.369 18.768  1.00 40.03 ? 194 HOH A O   1 
HETATM 1379 O O   . HOH E 4 .   ? -2.467  -3.828  19.592  1.00 24.94 ? 195 HOH A O   1 
HETATM 1380 O O   . HOH E 4 .   ? 0.935   -7.518  18.493  1.00 51.98 ? 196 HOH A O   1 
HETATM 1381 O O   . HOH E 4 .   ? -5.004  3.874   -14.986 1.00 27.29 ? 197 HOH A O   1 
HETATM 1382 O O   . HOH E 4 .   ? 14.972  -18.484 12.184  1.00 26.47 ? 198 HOH A O   1 
HETATM 1383 O O   . HOH E 4 .   ? -18.152 4.204   0.482   0.50 23.95 ? 199 HOH A O   1 
HETATM 1384 O O   . HOH E 4 .   ? -9.252  -10.121 8.097   1.00 38.86 ? 200 HOH A O   1 
HETATM 1385 O O   . HOH E 4 .   ? -8.941  13.700  8.720   1.00 35.23 ? 201 HOH A O   1 
HETATM 1386 O O   . HOH E 4 .   ? 20.090  -3.114  15.041  1.00 34.86 ? 202 HOH A O   1 
HETATM 1387 O O   . HOH E 4 .   ? -12.189 -1.824  -17.956 1.00 26.61 ? 203 HOH A O   1 
HETATM 1388 O O   . HOH E 4 .   ? -1.306  10.731  -1.245  1.00 32.42 ? 204 HOH A O   1 
HETATM 1389 O O   . HOH E 4 .   ? 18.681  1.659   12.147  1.00 38.87 ? 205 HOH A O   1 
HETATM 1390 O O   . HOH E 4 .   ? 8.340   -18.226 11.484  1.00 31.02 ? 206 HOH A O   1 
HETATM 1391 O O   . HOH E 4 .   ? -16.422 18.130  6.320   1.00 31.81 ? 207 HOH A O   1 
HETATM 1392 O O   . HOH E 4 .   ? -11.292 15.856  -17.527 1.00 30.87 ? 208 HOH A O   1 
HETATM 1393 O O   . HOH E 4 .   ? -22.005 3.653   -6.473  1.00 33.70 ? 209 HOH A O   1 
HETATM 1394 O O   . HOH E 4 .   ? -21.563 13.617  0.639   1.00 29.98 ? 210 HOH A O   1 
HETATM 1395 O O   . HOH E 4 .   ? -17.836 13.025  6.473   1.00 32.08 ? 211 HOH A O   1 
HETATM 1396 O O   . HOH E 4 .   ? -9.284  0.860   2.282   1.00 10.58 ? 212 HOH A O   1 
HETATM 1397 O O   . HOH E 4 .   ? -6.058  -5.006  9.315   1.00 7.87  ? 213 HOH A O   1 
HETATM 1398 O O   . HOH E 4 .   ? -1.951  5.442   0.703   1.00 18.19 ? 214 HOH A O   1 
HETATM 1399 O O   . HOH E 4 .   ? 7.320   -9.301  16.675  1.00 13.88 ? 215 HOH A O   1 
HETATM 1400 O O   . HOH E 4 .   ? 1.376   -14.564 1.443   1.00 10.18 ? 216 HOH A O   1 
HETATM 1401 O O   . HOH E 4 .   ? -4.256  -11.899 8.637   1.00 12.37 ? 217 HOH A O   1 
HETATM 1402 O O   . HOH E 4 .   ? 3.578   -0.033  18.226  1.00 11.91 ? 218 HOH A O   1 
HETATM 1403 O O   . HOH E 4 .   ? -1.694  0.760   10.037  1.00 11.70 ? 219 HOH A O   1 
HETATM 1404 O O   . HOH E 4 .   ? 14.439  -13.460 -2.290  1.00 17.06 ? 220 HOH A O   1 
HETATM 1405 O O   . HOH E 4 .   ? 0.797   -3.095  3.921   1.00 11.08 ? 221 HOH A O   1 
HETATM 1406 O O   . HOH E 4 .   ? -6.266  3.492   -5.697  1.00 13.46 ? 222 HOH A O   1 
HETATM 1407 O O   . HOH E 4 .   ? 16.494  -9.532  -0.085  1.00 11.40 ? 223 HOH A O   1 
HETATM 1408 O O   . HOH E 4 .   ? -8.120  9.963   -13.810 1.00 14.42 ? 224 HOH A O   1 
HETATM 1409 O O   . HOH E 4 .   ? -8.835  3.470   -6.578  1.00 10.02 ? 225 HOH A O   1 
HETATM 1410 O O   . HOH E 4 .   ? 2.577   -12.779 9.685   1.00 10.80 ? 226 HOH A O   1 
HETATM 1411 O O   . HOH E 4 .   ? -6.002  -12.679 6.537   1.00 13.75 ? 227 HOH A O   1 
HETATM 1412 O O   . HOH E 4 .   ? -7.161  -4.996  4.862   1.00 14.33 ? 228 HOH A O   1 
HETATM 1413 O O   . HOH E 4 .   ? 0.090   1.372   17.567  1.00 13.02 ? 229 HOH A O   1 
HETATM 1414 O O   . HOH E 4 .   ? 2.431   -8.524  -9.090  1.00 12.97 ? 230 HOH A O   1 
HETATM 1415 O O   . HOH E 4 .   ? -3.675  -4.696  17.386  1.00 13.02 ? 231 HOH A O   1 
HETATM 1416 O O   . HOH E 4 .   ? 4.721   1.719   11.967  1.00 10.33 ? 232 HOH A O   1 
HETATM 1417 O O   . HOH E 4 .   ? -5.168  -10.310 -12.085 1.00 13.95 ? 233 HOH A O   1 
HETATM 1418 O O   . HOH E 4 .   ? 3.199   -11.137 11.749  1.00 14.98 ? 234 HOH A O   1 
HETATM 1419 O O   . HOH E 4 .   ? -16.507 14.880  -5.631  1.00 15.24 ? 235 HOH A O   1 
HETATM 1420 O O   . HOH E 4 .   ? 5.785   -11.245 12.635  1.00 11.87 ? 236 HOH A O   1 
HETATM 1421 O O   . HOH E 4 .   ? -14.005 9.039   -16.086 1.00 19.93 ? 237 HOH A O   1 
HETATM 1422 O O   . HOH E 4 .   ? 20.008  -4.730  -4.553  1.00 20.52 ? 238 HOH A O   1 
HETATM 1423 O O   . HOH E 4 .   ? -6.567  5.694   2.364   1.00 10.21 ? 239 HOH A O   1 
HETATM 1424 O O   . HOH E 4 .   ? 6.438   -13.847 11.689  1.00 17.40 ? 240 HOH A O   1 
HETATM 1425 O O   . HOH E 4 .   ? -7.221  -3.316  7.299   1.00 13.50 ? 241 HOH A O   1 
HETATM 1426 O O   . HOH E 4 .   ? 8.603   -20.198 1.550   1.00 19.49 ? 242 HOH A O   1 
HETATM 1427 O O   . HOH E 4 .   ? -11.306 12.903  7.666   1.00 23.99 ? 243 HOH A O   1 
HETATM 1428 O O   . HOH E 4 .   ? 6.688   -17.949 -4.755  1.00 15.43 ? 244 HOH A O   1 
HETATM 1429 O O   . HOH E 4 .   ? 14.760  5.013   10.845  1.00 24.05 ? 245 HOH A O   1 
HETATM 1430 O O   . HOH E 4 .   ? 14.078  -9.617  14.473  1.00 13.29 ? 246 HOH A O   1 
HETATM 1431 O O   . HOH E 4 .   ? 14.982  -17.105 6.314   1.00 16.65 ? 247 HOH A O   1 
HETATM 1432 O O   . HOH E 4 .   ? 4.220   -18.215 -6.041  1.00 20.41 ? 248 HOH A O   1 
HETATM 1433 O O   . HOH E 4 .   ? -12.197 2.164   6.530   1.00 12.85 ? 249 HOH A O   1 
HETATM 1434 O O   . HOH E 4 .   ? -8.879  5.793   12.952  1.00 11.48 ? 250 HOH A O   1 
HETATM 1435 O O   . HOH E 4 .   ? -4.106  8.238   -8.891  1.00 14.58 ? 251 HOH A O   1 
HETATM 1436 O O   . HOH E 4 .   ? 1.730   -11.729 14.041  1.00 18.05 ? 252 HOH A O   1 
HETATM 1437 O O   . HOH E 4 .   ? 11.206  5.340   -10.809 1.00 21.93 ? 253 HOH A O   1 
HETATM 1438 O O   . HOH E 4 .   ? 5.832   -2.006  19.154  1.00 19.57 ? 254 HOH A O   1 
HETATM 1439 O O   . HOH E 4 .   ? 11.071  -18.236 4.479   1.00 15.25 ? 255 HOH A O   1 
HETATM 1440 O O   . HOH E 4 .   ? -13.140 12.039  -16.233 1.00 18.56 ? 256 HOH A O   1 
HETATM 1441 O O   . HOH E 4 .   ? 12.490  -18.200 6.781   1.00 17.20 ? 257 HOH A O   1 
HETATM 1442 O O   . HOH E 4 .   ? -9.440  13.071  5.350   1.00 18.57 ? 258 HOH A O   1 
HETATM 1443 O O   . HOH E 4 .   ? -1.536  -12.899 -12.234 1.00 17.35 ? 259 HOH A O   1 
HETATM 1444 O O   . HOH E 4 .   ? 9.119   -14.737 11.869  1.00 14.91 ? 260 HOH A O   1 
HETATM 1445 O O   . HOH E 4 .   ? -3.225  -14.038 -10.464 1.00 24.23 ? 261 HOH A O   1 
HETATM 1446 O O   . HOH E 4 .   ? 20.271  -9.657  -0.949  1.00 15.61 ? 262 HOH A O   1 
HETATM 1447 O O   . HOH E 4 .   ? 9.366   -15.863 -3.937  1.00 14.72 ? 263 HOH A O   1 
HETATM 1448 O O   . HOH E 4 .   ? 17.685  -16.245 13.098  1.00 23.87 ? 264 HOH A O   1 
HETATM 1449 O O   . HOH E 4 .   ? 5.829   -11.310 15.341  1.00 15.97 ? 265 HOH A O   1 
HETATM 1450 O O   . HOH E 4 .   ? 3.065   -10.709 16.132  1.00 25.50 ? 266 HOH A O   1 
HETATM 1451 O O   . HOH E 4 .   ? -0.393  -15.176 7.554   1.00 18.17 ? 267 HOH A O   1 
HETATM 1452 O O   . HOH E 4 .   ? -16.666 5.162   -15.788 1.00 22.63 ? 268 HOH A O   1 
HETATM 1453 O O   . HOH E 4 .   ? 13.358  -7.265  16.004  1.00 12.66 ? 269 HOH A O   1 
HETATM 1454 O O   . HOH E 4 .   ? 7.962   -4.426  20.704  1.00 20.75 ? 270 HOH A O   1 
HETATM 1455 O O   . HOH E 4 .   ? -11.606 7.820   -16.258 1.00 26.38 ? 271 HOH A O   1 
HETATM 1456 O O   . HOH E 4 .   ? -14.680 -3.565  -0.465  1.00 22.63 ? 272 HOH A O   1 
HETATM 1457 O O   . HOH E 4 .   ? -5.604  8.476   12.286  1.00 28.33 ? 273 HOH A O   1 
HETATM 1458 O O   . HOH E 4 .   ? -20.439 10.689  -10.091 1.00 21.80 ? 274 HOH A O   1 
HETATM 1459 O O   . HOH E 4 .   ? 2.620   -18.730 -3.638  1.00 14.56 ? 275 HOH A O   1 
HETATM 1460 O O   . HOH E 4 .   ? -4.154  6.312   5.206   1.00 22.26 ? 276 HOH A O   1 
HETATM 1461 O O   . HOH E 4 .   ? -12.695 -0.235  2.086   1.00 21.91 ? 277 HOH A O   1 
HETATM 1462 O O   . HOH E 4 .   ? 13.476  -0.012  11.931  1.00 25.40 ? 278 HOH A O   1 
HETATM 1463 O O   . HOH E 4 .   ? 18.500  -1.711  3.876   1.00 23.71 ? 279 HOH A O   1 
HETATM 1464 O O   . HOH E 4 .   ? -10.702 -0.932  -15.602 1.00 21.59 ? 280 HOH A O   1 
HETATM 1465 O O   . HOH E 4 .   ? -9.991  1.668   -15.601 1.00 18.40 ? 281 HOH A O   1 
HETATM 1466 O O   . HOH E 4 .   ? 18.400  -0.380  6.317   1.00 19.43 ? 282 HOH A O   1 
HETATM 1467 O O   . HOH E 4 .   ? -10.006 0.927   5.033   1.00 25.30 ? 283 HOH A O   1 
HETATM 1468 O O   . HOH E 4 .   ? -4.608  -14.730 5.446   1.00 17.75 ? 284 HOH A O   1 
HETATM 1469 O O   . HOH E 4 .   ? 13.882  -12.215 15.820  1.00 17.16 ? 285 HOH A O   1 
HETATM 1470 O O   . HOH E 4 .   ? -6.315  -1.276  -11.790 1.00 18.23 ? 286 HOH A O   1 
HETATM 1471 O O   . HOH E 4 .   ? 2.058   5.231   -1.114  1.00 24.94 ? 287 HOH A O   1 
HETATM 1472 O O   . HOH E 4 .   ? 3.505   -6.559  17.509  1.00 25.95 ? 288 HOH A O   1 
HETATM 1473 O O   . HOH E 4 .   ? -18.453 17.224  -7.644  1.00 27.59 ? 289 HOH A O   1 
HETATM 1474 O O   . HOH E 4 .   ? -7.231  -7.136  -8.857  1.00 19.89 ? 290 HOH A O   1 
HETATM 1475 O O   . HOH E 4 .   ? -3.986  2.403   2.244   1.00 19.36 ? 291 HOH A O   1 
HETATM 1476 O O   . HOH E 4 .   ? -13.953 0.871   4.260   1.00 25.30 ? 292 HOH A O   1 
HETATM 1477 O O   . HOH E 4 .   ? -12.803 -5.634  -7.897  1.00 31.72 ? 293 HOH A O   1 
HETATM 1478 O O   . HOH E 4 .   ? 5.611   -7.834  18.116  1.00 29.00 ? 294 HOH A O   1 
HETATM 1479 O O   . HOH E 4 .   ? -18.989 5.931   2.177   1.00 25.55 ? 295 HOH A O   1 
HETATM 1480 O O   . HOH E 4 .   ? -3.565  6.818   -2.439  1.00 20.93 ? 296 HOH A O   1 
HETATM 1481 O O   . HOH E 4 .   ? 18.289  0.573   2.386   1.00 25.26 ? 297 HOH A O   1 
HETATM 1482 O O   . HOH E 4 .   ? 3.968   -4.346  18.908  1.00 20.58 ? 298 HOH A O   1 
HETATM 1483 O O   . HOH E 4 .   ? -5.548  -1.491  5.657   1.00 29.58 ? 299 HOH A O   1 
HETATM 1484 O O   . HOH E 4 .   ? -0.866  -17.256 6.153   1.00 22.71 ? 300 HOH A O   1 
HETATM 1485 O O   . HOH E 4 .   ? -8.302  -9.799  -5.425  1.00 14.64 ? 301 HOH A O   1 
HETATM 1486 O O   . HOH E 4 .   ? -20.861 4.504   -8.688  1.00 23.87 ? 302 HOH A O   1 
HETATM 1487 O O   . HOH E 4 .   ? -5.284  -12.511 10.949  1.00 19.53 ? 303 HOH A O   1 
HETATM 1488 O O   . HOH E 4 .   ? 9.359   -18.718 -1.690  1.00 20.56 ? 304 HOH A O   1 
HETATM 1489 O O   . HOH E 4 .   ? -17.755 8.123   -15.268 1.00 22.63 ? 305 HOH A O   1 
HETATM 1490 O O   . HOH E 4 .   ? 6.604   4.966   -3.368  1.00 22.25 ? 306 HOH A O   1 
HETATM 1491 O O   . HOH E 4 .   ? -2.727  -13.902 7.666   1.00 23.62 ? 307 HOH A O   1 
HETATM 1492 O O   . HOH E 4 .   ? -6.390  3.170   13.731  1.00 32.01 ? 308 HOH A O   1 
HETATM 1493 O O   . HOH E 4 .   ? 21.870  -12.966 5.832   1.00 19.41 ? 309 HOH A O   1 
HETATM 1494 O O   . HOH E 4 .   ? 7.023   -6.865  20.549  1.00 28.10 ? 310 HOH A O   1 
HETATM 1495 O O   . HOH E 4 .   ? -12.243 18.155  -12.401 1.00 22.32 ? 311 HOH A O   1 
HETATM 1496 O O   . HOH E 4 .   ? -19.283 1.042   -11.727 1.00 20.47 ? 312 HOH A O   1 
HETATM 1497 O O   . HOH E 4 .   ? -14.508 5.168   -17.331 1.00 30.97 ? 313 HOH A O   1 
HETATM 1498 O O   . HOH E 4 .   ? -15.665 20.494  -3.010  1.00 20.62 ? 314 HOH A O   1 
HETATM 1499 O O   . HOH E 4 .   ? 8.434   -10.431 18.686  1.00 25.01 ? 315 HOH A O   1 
HETATM 1500 O O   . HOH E 4 .   ? -11.174 -4.312  -9.242  1.00 30.16 ? 316 HOH A O   1 
HETATM 1501 O O   . HOH E 4 .   ? -4.193  3.248   4.689   1.00 16.96 ? 317 HOH A O   1 
HETATM 1502 O O   . HOH E 4 .   ? -19.647 14.019  -13.792 1.00 30.21 ? 318 HOH A O   1 
HETATM 1503 O O   . HOH E 4 .   ? -16.775 13.592  9.717   1.00 25.11 ? 319 HOH A O   1 
HETATM 1504 O O   . HOH E 4 .   ? 4.833   7.764   -0.560  1.00 28.13 ? 320 HOH A O   1 
HETATM 1505 O O   . HOH E 4 .   ? 19.054  -1.603  -7.289  1.00 32.35 ? 321 HOH A O   1 
HETATM 1506 O O   . HOH E 4 .   ? -9.094  -8.951  -7.895  1.00 17.05 ? 322 HOH A O   1 
HETATM 1507 O O   . HOH E 4 .   ? 13.350  -14.462 14.356  1.00 21.86 ? 323 HOH A O   1 
HETATM 1508 O O   . HOH E 4 .   ? -8.269  -4.515  -8.927  1.00 18.49 ? 324 HOH A O   1 
HETATM 1509 O O   . HOH E 4 .   ? -20.363 8.323   -13.811 1.00 29.16 ? 325 HOH A O   1 
HETATM 1510 O O   . HOH E 4 .   ? -19.703 -1.583  -10.464 1.00 32.95 ? 326 HOH A O   1 
HETATM 1511 O O   . HOH E 4 .   ? -6.994  -5.896  11.576  1.00 15.07 ? 327 HOH A O   1 
HETATM 1512 O O   . HOH E 4 .   ? -4.545  4.677   0.776   1.00 18.30 ? 328 HOH A O   1 
HETATM 1513 O O   . HOH E 4 .   ? -7.330  2.927   2.192   1.00 19.22 ? 329 HOH A O   1 
HETATM 1514 O O   . HOH E 4 .   ? -17.197 1.139   -14.275 1.00 21.34 ? 330 HOH A O   1 
HETATM 1515 O O   . HOH E 4 .   ? -12.016 5.126   -16.174 1.00 20.73 ? 331 HOH A O   1 
HETATM 1516 O O   . HOH E 4 .   ? 11.080  8.155   -3.942  1.00 26.21 ? 332 HOH A O   1 
HETATM 1517 O O   . HOH E 4 .   ? -8.363  10.937  11.058  1.00 26.00 ? 333 HOH A O   1 
HETATM 1518 O O   . HOH E 4 .   ? -13.415 13.990  9.174   1.00 25.05 ? 334 HOH A O   1 
HETATM 1519 O O   . HOH E 4 .   ? -15.384 15.527  8.406   1.00 21.86 ? 335 HOH A O   1 
HETATM 1520 O O   . HOH E 4 .   ? -10.705 -9.445  -4.224  1.00 23.42 ? 336 HOH A O   1 
HETATM 1521 O O   . HOH E 4 .   ? -21.535 16.181  -3.600  0.50 17.66 ? 337 HOH A O   1 
HETATM 1522 O O   . HOH E 4 .   ? -4.052  2.264   10.005  1.00 25.62 ? 338 HOH A O   1 
HETATM 1523 O O   . HOH E 4 .   ? -15.918 19.532  -5.615  1.00 32.85 ? 339 HOH A O   1 
HETATM 1524 O O   . HOH E 4 .   ? 4.315   6.199   -2.660  1.00 26.76 ? 340 HOH A O   1 
HETATM 1525 O O   . HOH E 4 .   ? -12.345 11.167  10.798  1.00 30.03 ? 341 HOH A O   1 
HETATM 1526 O O   . HOH E 4 .   ? -18.227 17.201  -5.202  1.00 35.54 ? 342 HOH A O   1 
HETATM 1527 O O   . HOH E 4 .   ? -0.899  8.255   -8.515  1.00 24.50 ? 343 HOH A O   1 
HETATM 1528 O O   . HOH E 4 .   ? -11.357 -6.677  0.219   1.00 25.13 ? 344 HOH A O   1 
HETATM 1529 O O   . HOH E 4 .   ? 3.898   6.224   -11.843 1.00 24.73 ? 345 HOH A O   1 
HETATM 1530 O O   . HOH E 4 .   ? 21.326  -14.032 2.153   1.00 29.91 ? 346 HOH A O   1 
HETATM 1531 O O   . HOH E 4 .   ? 12.897  8.068   -13.281 1.00 41.77 ? 347 HOH A O   1 
HETATM 1532 O O   . HOH E 4 .   ? -14.906 20.227  -8.509  1.00 23.67 ? 348 HOH A O   1 
HETATM 1533 O O   . HOH E 4 .   ? 6.187   2.065   -14.423 1.00 30.72 ? 349 HOH A O   1 
HETATM 1534 O O   . HOH E 4 .   ? 1.189   6.492   -11.966 1.00 34.28 ? 350 HOH A O   1 
HETATM 1535 O O   . HOH E 4 .   ? -5.127  -9.856  14.186  1.00 25.57 ? 351 HOH A O   1 
HETATM 1536 O O   . HOH E 4 .   ? 6.388   -7.913  -8.268  1.00 28.51 ? 352 HOH A O   1 
HETATM 1537 O O   . HOH E 4 .   ? -10.899 1.033   -0.960  1.00 30.68 ? 353 HOH A O   1 
HETATM 1538 O O   . HOH E 4 .   ? 19.847  0.351   -5.785  1.00 30.76 ? 354 HOH A O   1 
HETATM 1539 O O   . HOH E 4 .   ? 6.261   -13.660 16.167  1.00 27.74 ? 355 HOH A O   1 
HETATM 1540 O O   . HOH E 4 .   ? 13.276  9.861   -3.021  1.00 31.69 ? 356 HOH A O   1 
HETATM 1541 O O   . HOH E 4 .   ? -9.938  -8.692  9.938   1.00 41.63 ? 357 HOH A O   1 
HETATM 1542 O O   . HOH E 4 .   ? -7.418  -14.645 -3.798  1.00 33.29 ? 358 HOH A O   1 
HETATM 1543 O O   . HOH E 4 .   ? 20.363  -7.132  10.513  1.00 38.26 ? 359 HOH A O   1 
HETATM 1544 O O   . HOH E 4 .   ? 11.416  -16.189 14.958  1.00 29.05 ? 360 HOH A O   1 
HETATM 1545 O O   . HOH E 4 .   ? -3.245  2.515   7.116   1.00 30.77 ? 361 HOH A O   1 
HETATM 1546 O O   . HOH E 4 .   ? 15.137  -16.155 14.410  1.00 29.98 ? 362 HOH A O   1 
HETATM 1547 O O   . HOH E 4 .   ? -11.869 -8.558  -7.595  1.00 33.11 ? 363 HOH A O   1 
HETATM 1548 O O   . HOH E 4 .   ? 10.096  9.738   -0.160  1.00 34.72 ? 364 HOH A O   1 
HETATM 1549 O O   . HOH E 4 .   ? -7.566  -12.630 -5.823  1.00 29.74 ? 365 HOH A O   1 
HETATM 1550 O O   . HOH E 4 .   ? 9.384   9.682   -5.596  0.50 14.74 ? 366 HOH A O   1 
HETATM 1551 O O   . HOH E 4 .   ? 17.802  1.922   5.125   1.00 25.81 ? 367 HOH A O   1 
HETATM 1552 O O   . HOH E 4 .   ? 3.704   -21.234 -2.760  1.00 31.68 ? 368 HOH A O   1 
HETATM 1553 O O   . HOH E 4 .   ? -8.488  -12.785 7.638   1.00 30.08 ? 369 HOH A O   1 
HETATM 1554 O O   . HOH E 4 .   ? -18.248 21.438  -6.542  1.00 35.70 ? 370 HOH A O   1 
# 
loop_
_pdbx_poly_seq_scheme.asym_id 
_pdbx_poly_seq_scheme.entity_id 
_pdbx_poly_seq_scheme.seq_id 
_pdbx_poly_seq_scheme.mon_id 
_pdbx_poly_seq_scheme.ndb_seq_num 
_pdbx_poly_seq_scheme.pdb_seq_num 
_pdbx_poly_seq_scheme.auth_seq_num 
_pdbx_poly_seq_scheme.pdb_mon_id 
_pdbx_poly_seq_scheme.auth_mon_id 
_pdbx_poly_seq_scheme.pdb_strand_id 
_pdbx_poly_seq_scheme.pdb_ins_code 
_pdbx_poly_seq_scheme.hetero 
A 1 1   MET 1   1   1   MET MET A . n 
A 1 2   ASN 2   2   2   ASN ASN A . n 
A 1 3   ILE 3   3   3   ILE ILE A . n 
A 1 4   PHE 4   4   4   PHE PHE A . n 
A 1 5   GLU 5   5   5   GLU GLU A . n 
A 1 6   MET 6   6   6   MET MET A . n 
A 1 7   LEU 7   7   7   LEU LEU A . n 
A 1 8   ARG 8   8   8   ARG ARG A . n 
A 1 9   ILE 9   9   9   ILE ILE A . n 
A 1 10  ASP 10  10  10  ASP ASP A . n 
A 1 11  GLU 11  11  11  GLU GLU A . n 
A 1 12  GLY 12  12  12  GLY GLY A . n 
A 1 13  LEU 13  13  13  LEU LEU A . n 
A 1 14  ARG 14  14  14  ARG ARG A . n 
A 1 15  LEU 15  15  15  LEU LEU A . n 
A 1 16  LYS 16  16  16  LYS LYS A . n 
A 1 17  ILE 17  17  17  ILE ILE A . n 
A 1 18  TYR 18  18  18  TYR TYR A . n 
A 1 19  LYS 19  19  19  LYS LYS A . n 
A 1 20  ASP 20  20  20  ASP ASP A . n 
A 1 21  THR 21  21  21  THR THR A . n 
A 1 22  GLU 22  22  22  GLU GLU A . n 
A 1 23  GLY 23  23  23  GLY GLY A . n 
A 1 24  TYR 24  24  24  TYR TYR A . n 
A 1 25  TYR 25  25  25  TYR TYR A . n 
A 1 26  THR 26  26  26  THR THR A . n 
A 1 27  ILE 27  27  27  ILE ILE A . n 
A 1 28  GLY 28  28  28  GLY GLY A . n 
A 1 29  ILE 29  29  29  ILE ILE A . n 
A 1 30  GLY 30  30  30  GLY GLY A . n 
A 1 31  HIS 31  31  31  HIS HIS A . n 
A 1 32  LEU 32  32  32  LEU LEU A . n 
A 1 33  LEU 33  33  33  LEU LEU A . n 
A 1 34  THR 34  34  34  THR THR A . n 
A 1 35  LYS 35  35  35  LYS LYS A . n 
A 1 36  SER 36  36  36  SER SER A . n 
A 1 37  PRO 37  37  37  PRO PRO A . n 
A 1 38  ASP 38  38  38  ASP ASP A . n 
A 1 39  LEU 39  39  39  LEU LEU A . n 
A 1 40  ASN 40  40  40  ASN ASN A . n 
A 1 41  ALA 41  41  41  ALA ALA A . n 
A 1 42  ALA 42  42  42  ALA ALA A . n 
A 1 43  LYS 43  43  43  LYS LYS A . n 
A 1 44  SER 44  44  44  SER SER A . n 
A 1 45  GLU 45  45  45  GLU GLU A . n 
A 1 46  LEU 46  46  46  LEU LEU A . n 
A 1 47  ASP 47  47  47  ASP ASP A . n 
A 1 48  LYS 48  48  48  LYS LYS A . n 
A 1 49  ALA 49  49  49  ALA ALA A . n 
A 1 50  ILE 50  50  50  ILE ILE A . n 
A 1 51  GLY 51  51  51  GLY GLY A . n 
A 1 52  ARG 52  52  52  ARG ARG A . n 
A 1 53  ASN 53  53  53  ASN ASN A . n 
A 1 54  CYS 54  54  54  CYS CYS A . n 
A 1 55  ASN 55  55  55  ASN ASN A . n 
A 1 56  GLY 56  56  56  GLY GLY A . n 
A 1 57  VAL 57  57  57  VAL VAL A . n 
A 1 58  ILE 58  58  58  ILE ILE A . n 
A 1 59  THR 59  59  59  THR THR A . n 
A 1 60  LYS 60  60  60  LYS LYS A . n 
A 1 61  ASP 61  61  61  ASP ASP A . n 
A 1 62  GLU 62  62  62  GLU GLU A . n 
A 1 63  ALA 63  63  63  ALA ALA A . n 
A 1 64  GLU 64  64  64  GLU GLU A . n 
A 1 65  LYS 65  65  65  LYS LYS A . n 
A 1 66  LEU 66  66  66  LEU LEU A . n 
A 1 67  PHE 67  67  67  PHE PHE A . n 
A 1 68  ASN 68  68  68  ASN ASN A . n 
A 1 69  GLN 69  69  69  GLN GLN A . n 
A 1 70  ASP 70  70  70  ASP ASP A . n 
A 1 71  VAL 71  71  71  VAL VAL A . n 
A 1 72  ASP 72  72  72  ASP ASP A . n 
A 1 73  ALA 73  73  73  ALA ALA A . n 
A 1 74  ALA 74  74  74  ALA ALA A . n 
A 1 75  VAL 75  75  75  VAL VAL A . n 
A 1 76  ARG 76  76  76  ARG ARG A . n 
A 1 77  GLY 77  77  77  GLY GLY A . n 
A 1 78  ILE 78  78  78  ILE ILE A . n 
A 1 79  LEU 79  79  79  LEU LEU A . n 
A 1 80  ARG 80  80  80  ARG ARG A . n 
A 1 81  ASN 81  81  81  ASN ASN A . n 
A 1 82  ALA 82  82  82  ALA ALA A . n 
A 1 83  LYS 83  83  83  LYS LYS A . n 
A 1 84  LEU 84  84  84  LEU LEU A . n 
A 1 85  LYS 85  85  85  LYS LYS A . n 
A 1 86  PRO 86  86  86  PRO PRO A . n 
A 1 87  VAL 87  87  87  VAL VAL A . n 
A 1 88  TYR 88  88  88  TYR TYR A . n 
A 1 89  ASP 89  89  89  ASP ASP A . n 
A 1 90  SER 90  90  90  SER SER A . n 
A 1 91  LEU 91  91  91  LEU LEU A . n 
A 1 92  ASP 92  92  92  ASP ASP A . n 
A 1 93  ALA 93  93  93  ALA ALA A . n 
A 1 94  VAL 94  94  94  VAL VAL A . n 
A 1 95  ARG 95  95  95  ARG ARG A . n 
A 1 96  ARG 96  96  96  ARG ARG A . n 
A 1 97  CYS 97  97  97  CYS CYS A . n 
A 1 98  ALA 98  98  98  ALA ALA A . n 
A 1 99  ALA 99  99  99  ALA ALA A . n 
A 1 100 ILE 100 100 100 ILE ILE A . n 
A 1 101 ASN 101 101 101 ASN ASN A . n 
A 1 102 GLN 102 102 102 GLN GLN A . n 
A 1 103 VAL 103 103 103 VAL VAL A . n 
A 1 104 PHE 104 104 104 PHE PHE A . n 
A 1 105 GLN 105 105 105 GLN GLN A . n 
A 1 106 MET 106 106 106 MET MET A . n 
A 1 107 GLY 107 107 107 GLY GLY A . n 
A 1 108 GLU 108 108 108 GLU GLU A . n 
A 1 109 THR 109 109 109 THR THR A . n 
A 1 110 GLY 110 110 110 GLY GLY A . n 
A 1 111 VAL 111 111 111 VAL VAL A . n 
A 1 112 ALA 112 112 112 ALA ALA A . n 
A 1 113 GLY 113 113 113 GLY GLY A . n 
A 1 114 PHE 114 114 114 PHE PHE A . n 
A 1 115 THR 115 115 115 THR THR A . n 
A 1 116 ASN 116 116 116 ASN ASN A . n 
A 1 117 SER 117 117 117 SER SER A . n 
A 1 118 LEU 118 118 118 LEU LEU A . n 
A 1 119 ARG 119 119 119 ARG ARG A . n 
A 1 120 MET 120 120 120 MET MET A . n 
A 1 121 LEU 121 121 121 LEU LEU A . n 
A 1 122 GLN 122 122 122 GLN GLN A . n 
A 1 123 GLN 123 123 123 GLN GLN A . n 
A 1 124 LYS 124 124 124 LYS LYS A . n 
A 1 125 ARG 125 125 125 ARG ARG A . n 
A 1 126 TRP 126 126 126 TRP TRP A . n 
A 1 127 ASP 127 127 127 ASP ASP A . n 
A 1 128 GLU 128 128 128 GLU GLU A . n 
A 1 129 ALA 129 129 129 ALA ALA A . n 
A 1 130 ALA 130 130 130 ALA ALA A . n 
A 1 131 VAL 131 131 131 VAL VAL A . n 
A 1 132 ASN 132 132 132 ASN ASN A . n 
A 1 133 LEU 133 133 133 LEU LEU A . n 
A 1 134 ALA 134 134 134 ALA ALA A . n 
A 1 135 LYS 135 135 135 LYS LYS A . n 
A 1 136 SER 136 136 136 SER SER A . n 
A 1 137 ARG 137 137 137 ARG ARG A . n 
A 1 138 TRP 138 138 138 TRP TRP A . n 
A 1 139 TYR 139 139 139 TYR TYR A . n 
A 1 140 ASN 140 140 140 ASN ASN A . n 
A 1 141 GLN 141 141 141 GLN GLN A . n 
A 1 142 THR 142 142 142 THR THR A . n 
A 1 143 PRO 143 143 143 PRO PRO A . n 
A 1 144 ASP 144 144 144 ASP ASP A . n 
A 1 145 ARG 145 145 145 ARG ARG A . n 
A 1 146 ALA 146 146 146 ALA ALA A . n 
A 1 147 LYS 147 147 147 LYS LYS A . n 
A 1 148 ARG 148 148 148 ARG ARG A . n 
A 1 149 VAL 149 149 149 VAL VAL A . n 
A 1 150 ILE 150 150 150 ILE ILE A . n 
A 1 151 THR 151 151 151 THR THR A . n 
A 1 152 THR 152 152 152 THR THR A . n 
A 1 153 PHE 153 153 153 PHE PHE A . n 
A 1 154 ARG 154 154 154 ARG ARG A . n 
A 1 155 THR 155 155 155 THR THR A . n 
A 1 156 GLY 156 156 156 GLY GLY A . n 
A 1 157 THR 157 157 157 THR THR A . n 
A 1 158 TRP 158 158 158 TRP TRP A . n 
A 1 159 ASP 159 159 159 ASP ASP A . n 
A 1 160 ALA 160 160 160 ALA ALA A . n 
A 1 161 TYR 161 161 161 TYR TYR A . n 
A 1 162 LYS 162 162 162 LYS LYS A . n 
A 1 163 ASN 163 163 ?   ?   ?   A . n 
A 1 164 LEU 164 164 ?   ?   ?   A . n 
# 
loop_
_pdbx_nonpoly_scheme.asym_id 
_pdbx_nonpoly_scheme.entity_id 
_pdbx_nonpoly_scheme.mon_id 
_pdbx_nonpoly_scheme.ndb_seq_num 
_pdbx_nonpoly_scheme.pdb_seq_num 
_pdbx_nonpoly_scheme.auth_seq_num 
_pdbx_nonpoly_scheme.pdb_mon_id 
_pdbx_nonpoly_scheme.auth_mon_id 
_pdbx_nonpoly_scheme.pdb_strand_id 
_pdbx_nonpoly_scheme.pdb_ins_code 
B 2 PO4 1   165 1   PO4 PO4 A . 
C 2 PO4 1   166 2   PO4 PO4 A . 
D 3 261 1   167 1   261 261 A . 
E 4 HOH 1   168 168 HOH HOH A . 
E 4 HOH 2   169 169 HOH HOH A . 
E 4 HOH 3   170 170 HOH HOH A . 
E 4 HOH 4   171 171 HOH HOH A . 
E 4 HOH 5   172 172 HOH HOH A . 
E 4 HOH 6   173 173 HOH HOH A . 
E 4 HOH 7   174 174 HOH HOH A . 
E 4 HOH 8   175 175 HOH HOH A . 
E 4 HOH 9   176 176 HOH HOH A . 
E 4 HOH 10  177 177 HOH HOH A . 
E 4 HOH 11  178 178 HOH HOH A . 
E 4 HOH 12  179 179 HOH HOH A . 
E 4 HOH 13  180 180 HOH HOH A . 
E 4 HOH 14  181 181 HOH HOH A . 
E 4 HOH 15  182 182 HOH HOH A . 
E 4 HOH 16  183 183 HOH HOH A . 
E 4 HOH 17  184 184 HOH HOH A . 
E 4 HOH 18  185 185 HOH HOH A . 
E 4 HOH 19  186 186 HOH HOH A . 
E 4 HOH 20  187 187 HOH HOH A . 
E 4 HOH 21  188 188 HOH HOH A . 
E 4 HOH 22  189 189 HOH HOH A . 
E 4 HOH 23  190 190 HOH HOH A . 
E 4 HOH 24  191 191 HOH HOH A . 
E 4 HOH 25  192 192 HOH HOH A . 
E 4 HOH 26  193 193 HOH HOH A . 
E 4 HOH 27  194 194 HOH HOH A . 
E 4 HOH 28  195 195 HOH HOH A . 
E 4 HOH 29  196 196 HOH HOH A . 
E 4 HOH 30  197 197 HOH HOH A . 
E 4 HOH 31  198 198 HOH HOH A . 
E 4 HOH 32  199 199 HOH HOH A . 
E 4 HOH 33  200 200 HOH HOH A . 
E 4 HOH 34  201 201 HOH HOH A . 
E 4 HOH 35  202 202 HOH HOH A . 
E 4 HOH 36  203 203 HOH HOH A . 
E 4 HOH 37  204 204 HOH HOH A . 
E 4 HOH 38  205 205 HOH HOH A . 
E 4 HOH 39  206 206 HOH HOH A . 
E 4 HOH 40  207 207 HOH HOH A . 
E 4 HOH 41  208 208 HOH HOH A . 
E 4 HOH 42  209 209 HOH HOH A . 
E 4 HOH 43  210 210 HOH HOH A . 
E 4 HOH 44  211 211 HOH HOH A . 
E 4 HOH 45  212 1   HOH HOH A . 
E 4 HOH 46  213 2   HOH HOH A . 
E 4 HOH 47  214 3   HOH HOH A . 
E 4 HOH 48  215 4   HOH HOH A . 
E 4 HOH 49  216 5   HOH HOH A . 
E 4 HOH 50  217 6   HOH HOH A . 
E 4 HOH 51  218 7   HOH HOH A . 
E 4 HOH 52  219 8   HOH HOH A . 
E 4 HOH 53  220 9   HOH HOH A . 
E 4 HOH 54  221 10  HOH HOH A . 
E 4 HOH 55  222 11  HOH HOH A . 
E 4 HOH 56  223 12  HOH HOH A . 
E 4 HOH 57  224 13  HOH HOH A . 
E 4 HOH 58  225 14  HOH HOH A . 
E 4 HOH 59  226 15  HOH HOH A . 
E 4 HOH 60  227 16  HOH HOH A . 
E 4 HOH 61  228 17  HOH HOH A . 
E 4 HOH 62  229 18  HOH HOH A . 
E 4 HOH 63  230 19  HOH HOH A . 
E 4 HOH 64  231 20  HOH HOH A . 
E 4 HOH 65  232 21  HOH HOH A . 
E 4 HOH 66  233 22  HOH HOH A . 
E 4 HOH 67  234 23  HOH HOH A . 
E 4 HOH 68  235 24  HOH HOH A . 
E 4 HOH 69  236 25  HOH HOH A . 
E 4 HOH 70  237 26  HOH HOH A . 
E 4 HOH 71  238 27  HOH HOH A . 
E 4 HOH 72  239 28  HOH HOH A . 
E 4 HOH 73  240 30  HOH HOH A . 
E 4 HOH 74  241 31  HOH HOH A . 
E 4 HOH 75  242 32  HOH HOH A . 
E 4 HOH 76  243 33  HOH HOH A . 
E 4 HOH 77  244 34  HOH HOH A . 
E 4 HOH 78  245 35  HOH HOH A . 
E 4 HOH 79  246 36  HOH HOH A . 
E 4 HOH 80  247 37  HOH HOH A . 
E 4 HOH 81  248 38  HOH HOH A . 
E 4 HOH 82  249 39  HOH HOH A . 
E 4 HOH 83  250 40  HOH HOH A . 
E 4 HOH 84  251 41  HOH HOH A . 
E 4 HOH 85  252 42  HOH HOH A . 
E 4 HOH 86  253 43  HOH HOH A . 
E 4 HOH 87  254 44  HOH HOH A . 
E 4 HOH 88  255 45  HOH HOH A . 
E 4 HOH 89  256 46  HOH HOH A . 
E 4 HOH 90  257 47  HOH HOH A . 
E 4 HOH 91  258 48  HOH HOH A . 
E 4 HOH 92  259 49  HOH HOH A . 
E 4 HOH 93  260 50  HOH HOH A . 
E 4 HOH 94  261 51  HOH HOH A . 
E 4 HOH 95  262 52  HOH HOH A . 
E 4 HOH 96  263 53  HOH HOH A . 
E 4 HOH 97  264 54  HOH HOH A . 
E 4 HOH 98  265 55  HOH HOH A . 
E 4 HOH 99  266 56  HOH HOH A . 
E 4 HOH 100 267 57  HOH HOH A . 
E 4 HOH 101 268 58  HOH HOH A . 
E 4 HOH 102 269 59  HOH HOH A . 
E 4 HOH 103 270 61  HOH HOH A . 
E 4 HOH 104 271 62  HOH HOH A . 
E 4 HOH 105 272 63  HOH HOH A . 
E 4 HOH 106 273 64  HOH HOH A . 
E 4 HOH 107 274 65  HOH HOH A . 
E 4 HOH 108 275 66  HOH HOH A . 
E 4 HOH 109 276 67  HOH HOH A . 
E 4 HOH 110 277 69  HOH HOH A . 
E 4 HOH 111 278 70  HOH HOH A . 
E 4 HOH 112 279 71  HOH HOH A . 
E 4 HOH 113 280 72  HOH HOH A . 
E 4 HOH 114 281 73  HOH HOH A . 
E 4 HOH 115 282 74  HOH HOH A . 
E 4 HOH 116 283 75  HOH HOH A . 
E 4 HOH 117 284 76  HOH HOH A . 
E 4 HOH 118 285 77  HOH HOH A . 
E 4 HOH 119 286 78  HOH HOH A . 
E 4 HOH 120 287 79  HOH HOH A . 
E 4 HOH 121 288 80  HOH HOH A . 
E 4 HOH 122 289 81  HOH HOH A . 
E 4 HOH 123 290 82  HOH HOH A . 
E 4 HOH 124 291 83  HOH HOH A . 
E 4 HOH 125 292 84  HOH HOH A . 
E 4 HOH 126 293 85  HOH HOH A . 
E 4 HOH 127 294 86  HOH HOH A . 
E 4 HOH 128 295 87  HOH HOH A . 
E 4 HOH 129 296 88  HOH HOH A . 
E 4 HOH 130 297 89  HOH HOH A . 
E 4 HOH 131 298 90  HOH HOH A . 
E 4 HOH 132 299 91  HOH HOH A . 
E 4 HOH 133 300 92  HOH HOH A . 
E 4 HOH 134 301 93  HOH HOH A . 
E 4 HOH 135 302 94  HOH HOH A . 
E 4 HOH 136 303 95  HOH HOH A . 
E 4 HOH 137 304 96  HOH HOH A . 
E 4 HOH 138 305 97  HOH HOH A . 
E 4 HOH 139 306 98  HOH HOH A . 
E 4 HOH 140 307 99  HOH HOH A . 
E 4 HOH 141 308 100 HOH HOH A . 
E 4 HOH 142 309 102 HOH HOH A . 
E 4 HOH 143 310 103 HOH HOH A . 
E 4 HOH 144 311 104 HOH HOH A . 
E 4 HOH 145 312 105 HOH HOH A . 
E 4 HOH 146 313 106 HOH HOH A . 
E 4 HOH 147 314 107 HOH HOH A . 
E 4 HOH 148 315 108 HOH HOH A . 
E 4 HOH 149 316 109 HOH HOH A . 
E 4 HOH 150 317 110 HOH HOH A . 
E 4 HOH 151 318 111 HOH HOH A . 
E 4 HOH 152 319 113 HOH HOH A . 
E 4 HOH 153 320 114 HOH HOH A . 
E 4 HOH 154 321 115 HOH HOH A . 
E 4 HOH 155 322 119 HOH HOH A . 
E 4 HOH 156 323 120 HOH HOH A . 
E 4 HOH 157 324 121 HOH HOH A . 
E 4 HOH 158 325 122 HOH HOH A . 
E 4 HOH 159 326 123 HOH HOH A . 
E 4 HOH 160 327 124 HOH HOH A . 
E 4 HOH 161 328 125 HOH HOH A . 
E 4 HOH 162 329 126 HOH HOH A . 
E 4 HOH 163 330 127 HOH HOH A . 
E 4 HOH 164 331 128 HOH HOH A . 
E 4 HOH 165 332 129 HOH HOH A . 
E 4 HOH 166 333 130 HOH HOH A . 
E 4 HOH 167 334 131 HOH HOH A . 
E 4 HOH 168 335 132 HOH HOH A . 
E 4 HOH 169 336 133 HOH HOH A . 
E 4 HOH 170 337 134 HOH HOH A . 
E 4 HOH 171 338 135 HOH HOH A . 
E 4 HOH 172 339 136 HOH HOH A . 
E 4 HOH 173 340 137 HOH HOH A . 
E 4 HOH 174 341 138 HOH HOH A . 
E 4 HOH 175 342 139 HOH HOH A . 
E 4 HOH 176 343 140 HOH HOH A . 
E 4 HOH 177 344 141 HOH HOH A . 
E 4 HOH 178 345 142 HOH HOH A . 
E 4 HOH 179 346 143 HOH HOH A . 
E 4 HOH 180 347 144 HOH HOH A . 
E 4 HOH 181 348 145 HOH HOH A . 
E 4 HOH 182 349 146 HOH HOH A . 
E 4 HOH 183 350 147 HOH HOH A . 
E 4 HOH 184 351 148 HOH HOH A . 
E 4 HOH 185 352 149 HOH HOH A . 
E 4 HOH 186 353 150 HOH HOH A . 
E 4 HOH 187 354 151 HOH HOH A . 
E 4 HOH 188 355 152 HOH HOH A . 
E 4 HOH 189 356 153 HOH HOH A . 
E 4 HOH 190 357 154 HOH HOH A . 
E 4 HOH 191 358 155 HOH HOH A . 
E 4 HOH 192 359 156 HOH HOH A . 
E 4 HOH 193 360 157 HOH HOH A . 
E 4 HOH 194 361 158 HOH HOH A . 
E 4 HOH 195 362 159 HOH HOH A . 
E 4 HOH 196 363 160 HOH HOH A . 
E 4 HOH 197 364 161 HOH HOH A . 
E 4 HOH 198 365 162 HOH HOH A . 
E 4 HOH 199 366 163 HOH HOH A . 
E 4 HOH 200 367 164 HOH HOH A . 
E 4 HOH 201 368 165 HOH HOH A . 
E 4 HOH 202 369 166 HOH HOH A . 
E 4 HOH 203 370 167 HOH HOH A . 
# 
_pdbx_struct_assembly.id                   1 
_pdbx_struct_assembly.details              author_and_software_defined_assembly 
_pdbx_struct_assembly.method_details       PISA 
_pdbx_struct_assembly.oligomeric_details   monomeric 
_pdbx_struct_assembly.oligomeric_count     1 
# 
_pdbx_struct_assembly_gen.assembly_id       1 
_pdbx_struct_assembly_gen.oper_expression   1 
_pdbx_struct_assembly_gen.asym_id_list      A,B,C,D,E 
# 
_pdbx_struct_oper_list.id                   1 
_pdbx_struct_oper_list.type                 'identity operation' 
_pdbx_struct_oper_list.name                 1_555 
_pdbx_struct_oper_list.symmetry_operation   x,y,z 
_pdbx_struct_oper_list.matrix[1][1]         1.0000000000 
_pdbx_struct_oper_list.matrix[1][2]         0.0000000000 
_pdbx_struct_oper_list.matrix[1][3]         0.0000000000 
_pdbx_struct_oper_list.vector[1]            0.0000000000 
_pdbx_struct_oper_list.matrix[2][1]         0.0000000000 
_pdbx_struct_oper_list.matrix[2][2]         1.0000000000 
_pdbx_struct_oper_list.matrix[2][3]         0.0000000000 
_pdbx_struct_oper_list.vector[2]            0.0000000000 
_pdbx_struct_oper_list.matrix[3][1]         0.0000000000 
_pdbx_struct_oper_list.matrix[3][2]         0.0000000000 
_pdbx_struct_oper_list.matrix[3][3]         1.0000000000 
_pdbx_struct_oper_list.vector[3]            0.0000000000 
# 
loop_
_pdbx_audit_revision_history.ordinal 
_pdbx_audit_revision_history.data_content_type 
_pdbx_audit_revision_history.major_revision 
_pdbx_audit_revision_history.minor_revision 
_pdbx_audit_revision_history.revision_date 
1 'Structure model' 1 0 2009-11-03 
2 'Structure model' 1 1 2011-07-13 
3 'Structure model' 1 2 2021-10-13 
4 'Structure model' 1 3 2023-09-06 
# 
_pdbx_audit_revision_details.ordinal             1 
_pdbx_audit_revision_details.revision_ordinal    1 
_pdbx_audit_revision_details.data_content_type   'Structure model' 
_pdbx_audit_revision_details.provider            repository 
_pdbx_audit_revision_details.type                'Initial release' 
_pdbx_audit_revision_details.description         ? 
_pdbx_audit_revision_details.details             ? 
# 
loop_
_pdbx_audit_revision_group.ordinal 
_pdbx_audit_revision_group.revision_ordinal 
_pdbx_audit_revision_group.data_content_type 
_pdbx_audit_revision_group.group 
1 2 'Structure model' 'Version format compliance' 
2 3 'Structure model' 'Database references'       
3 3 'Structure model' 'Derived calculations'      
4 4 'Structure model' 'Data collection'           
5 4 'Structure model' 'Refinement description'    
# 
loop_
_pdbx_audit_revision_category.ordinal 
_pdbx_audit_revision_category.revision_ordinal 
_pdbx_audit_revision_category.data_content_type 
_pdbx_audit_revision_category.category 
1 3 'Structure model' database_2                    
2 3 'Structure model' struct_ref_seq_dif            
3 3 'Structure model' struct_site                   
4 4 'Structure model' chem_comp_atom                
5 4 'Structure model' chem_comp_bond                
6 4 'Structure model' pdbx_initial_refinement_model 
# 
loop_
_pdbx_audit_revision_item.ordinal 
_pdbx_audit_revision_item.revision_ordinal 
_pdbx_audit_revision_item.data_content_type 
_pdbx_audit_revision_item.item 
1 3 'Structure model' '_database_2.pdbx_DOI'                
2 3 'Structure model' '_database_2.pdbx_database_accession' 
3 3 'Structure model' '_struct_ref_seq_dif.details'         
4 3 'Structure model' '_struct_site.pdbx_auth_asym_id'      
5 3 'Structure model' '_struct_site.pdbx_auth_comp_id'      
6 3 'Structure model' '_struct_site.pdbx_auth_seq_id'       
# 
loop_
_software.pdbx_ordinal 
_software.name 
_software.version 
_software.date 
_software.type 
_software.contact_author 
_software.contact_author_email 
_software.classification 
_software.location 
_software.language 
_software.citation_id 
1 XSCALE      .        ?               package 'Wolfgang Kabsch'    ?                     'data scaling'    
http://www.mpimf-heidelberg.mpg.de/~kabsch/xds/html_doc/xscale_program.html ?          ? 
2 REFMAC      5.2.0019 ?               program 'Garib N. Murshudov' garib@ysbl.york.ac.uk refinement        
http://www.ccp4.ac.uk/dist/html/refmac5.html                                Fortran_77 ? 
3 PDB_EXTRACT 3.005    'June 11, 2008' package PDB                  help@deposit.rcsb.org 'data extraction' 
http://sw-tools.pdb.org/apps/PDB_EXTRACT/                                   C++        ? 
4 ADSC        Quantum  ?               ?       ?                    ?                     'data collection' ? ?          ? 
5 XDS         .        ?               ?       ?                    ?                     'data reduction'  ? ?          ? 
6 XDS         .        ?               ?       ?                    ?                     'data scaling'    ? ?          ? 
7 REFMAC      .        ?               ?       ?                    ?                     phasing           ? ?          ? 
# 
loop_
_pdbx_validate_close_contact.id 
_pdbx_validate_close_contact.PDB_model_num 
_pdbx_validate_close_contact.auth_atom_id_1 
_pdbx_validate_close_contact.auth_asym_id_1 
_pdbx_validate_close_contact.auth_comp_id_1 
_pdbx_validate_close_contact.auth_seq_id_1 
_pdbx_validate_close_contact.PDB_ins_code_1 
_pdbx_validate_close_contact.label_alt_id_1 
_pdbx_validate_close_contact.auth_atom_id_2 
_pdbx_validate_close_contact.auth_asym_id_2 
_pdbx_validate_close_contact.auth_comp_id_2 
_pdbx_validate_close_contact.auth_seq_id_2 
_pdbx_validate_close_contact.PDB_ins_code_2 
_pdbx_validate_close_contact.label_alt_id_2 
_pdbx_validate_close_contact.dist 
1 1 O   A HOH 169 ? ? O A HOH 172 ? ? 2.13 
2 1 O   A HOH 184 ? ? O A HOH 200 ? ? 2.18 
3 1 OD2 A ASP 72  ? ? O A HOH 345 ? ? 2.19 
# 
_pdbx_validate_symm_contact.id                1 
_pdbx_validate_symm_contact.PDB_model_num     1 
_pdbx_validate_symm_contact.auth_atom_id_1    O 
_pdbx_validate_symm_contact.auth_asym_id_1    A 
_pdbx_validate_symm_contact.auth_comp_id_1    HOH 
_pdbx_validate_symm_contact.auth_seq_id_1     169 
_pdbx_validate_symm_contact.PDB_ins_code_1    ? 
_pdbx_validate_symm_contact.label_alt_id_1    ? 
_pdbx_validate_symm_contact.site_symmetry_1   1_555 
_pdbx_validate_symm_contact.auth_atom_id_2    O 
_pdbx_validate_symm_contact.auth_asym_id_2    A 
_pdbx_validate_symm_contact.auth_comp_id_2    HOH 
_pdbx_validate_symm_contact.auth_seq_id_2     195 
_pdbx_validate_symm_contact.PDB_ins_code_2    ? 
_pdbx_validate_symm_contact.label_alt_id_2    ? 
_pdbx_validate_symm_contact.site_symmetry_2   4_545 
_pdbx_validate_symm_contact.dist              1.80 
# 
loop_
_pdbx_validate_torsion.id 
_pdbx_validate_torsion.PDB_model_num 
_pdbx_validate_torsion.auth_comp_id 
_pdbx_validate_torsion.auth_asym_id 
_pdbx_validate_torsion.auth_seq_id 
_pdbx_validate_torsion.PDB_ins_code 
_pdbx_validate_torsion.label_alt_id 
_pdbx_validate_torsion.phi 
_pdbx_validate_torsion.psi 
1 1 ASP A 20  ? ? -75.94  -169.45 
2 1 ILE A 29  ? ? -106.00 75.50   
3 1 VAL A 111 ? ? -68.66  -170.43 
4 1 ALA A 112 ? ? 87.38   -39.80  
# 
loop_
_pdbx_unobs_or_zero_occ_residues.id 
_pdbx_unobs_or_zero_occ_residues.PDB_model_num 
_pdbx_unobs_or_zero_occ_residues.polymer_flag 
_pdbx_unobs_or_zero_occ_residues.occupancy_flag 
_pdbx_unobs_or_zero_occ_residues.auth_asym_id 
_pdbx_unobs_or_zero_occ_residues.auth_comp_id 
_pdbx_unobs_or_zero_occ_residues.auth_seq_id 
_pdbx_unobs_or_zero_occ_residues.PDB_ins_code 
_pdbx_unobs_or_zero_occ_residues.label_asym_id 
_pdbx_unobs_or_zero_occ_residues.label_comp_id 
_pdbx_unobs_or_zero_occ_residues.label_seq_id 
1 1 Y 1 A ASN 163 ? A ASN 163 
2 1 Y 1 A LEU 164 ? A LEU 164 
# 
loop_
_chem_comp_atom.comp_id 
_chem_comp_atom.atom_id 
_chem_comp_atom.type_symbol 
_chem_comp_atom.pdbx_aromatic_flag 
_chem_comp_atom.pdbx_stereo_config 
_chem_comp_atom.pdbx_ordinal 
261 CAA  C N N 1   
261 CAG  C N N 2   
261 OAH  O N N 3   
261 CAJ  C Y N 4   
261 CAF  C Y N 5   
261 CAD  C Y N 6   
261 CAC  C Y N 7   
261 CAE  C Y N 8   
261 CAI  C Y N 9   
261 OAB  O N N 10  
261 HAA1 H N N 11  
261 HAA2 H N N 12  
261 HAA3 H N N 13  
261 HAG1 H N N 14  
261 HAG2 H N N 15  
261 HAF  H N N 16  
261 HAD  H N N 17  
261 HAC  H N N 18  
261 HAE  H N N 19  
261 HAB  H N N 20  
ALA N    N N N 21  
ALA CA   C N S 22  
ALA C    C N N 23  
ALA O    O N N 24  
ALA CB   C N N 25  
ALA OXT  O N N 26  
ALA H    H N N 27  
ALA H2   H N N 28  
ALA HA   H N N 29  
ALA HB1  H N N 30  
ALA HB2  H N N 31  
ALA HB3  H N N 32  
ALA HXT  H N N 33  
ARG N    N N N 34  
ARG CA   C N S 35  
ARG C    C N N 36  
ARG O    O N N 37  
ARG CB   C N N 38  
ARG CG   C N N 39  
ARG CD   C N N 40  
ARG NE   N N N 41  
ARG CZ   C N N 42  
ARG NH1  N N N 43  
ARG NH2  N N N 44  
ARG OXT  O N N 45  
ARG H    H N N 46  
ARG H2   H N N 47  
ARG HA   H N N 48  
ARG HB2  H N N 49  
ARG HB3  H N N 50  
ARG HG2  H N N 51  
ARG HG3  H N N 52  
ARG HD2  H N N 53  
ARG HD3  H N N 54  
ARG HE   H N N 55  
ARG HH11 H N N 56  
ARG HH12 H N N 57  
ARG HH21 H N N 58  
ARG HH22 H N N 59  
ARG HXT  H N N 60  
ASN N    N N N 61  
ASN CA   C N S 62  
ASN C    C N N 63  
ASN O    O N N 64  
ASN CB   C N N 65  
ASN CG   C N N 66  
ASN OD1  O N N 67  
ASN ND2  N N N 68  
ASN OXT  O N N 69  
ASN H    H N N 70  
ASN H2   H N N 71  
ASN HA   H N N 72  
ASN HB2  H N N 73  
ASN HB3  H N N 74  
ASN HD21 H N N 75  
ASN HD22 H N N 76  
ASN HXT  H N N 77  
ASP N    N N N 78  
ASP CA   C N S 79  
ASP C    C N N 80  
ASP O    O N N 81  
ASP CB   C N N 82  
ASP CG   C N N 83  
ASP OD1  O N N 84  
ASP OD2  O N N 85  
ASP OXT  O N N 86  
ASP H    H N N 87  
ASP H2   H N N 88  
ASP HA   H N N 89  
ASP HB2  H N N 90  
ASP HB3  H N N 91  
ASP HD2  H N N 92  
ASP HXT  H N N 93  
CYS N    N N N 94  
CYS CA   C N R 95  
CYS C    C N N 96  
CYS O    O N N 97  
CYS CB   C N N 98  
CYS SG   S N N 99  
CYS OXT  O N N 100 
CYS H    H N N 101 
CYS H2   H N N 102 
CYS HA   H N N 103 
CYS HB2  H N N 104 
CYS HB3  H N N 105 
CYS HG   H N N 106 
CYS HXT  H N N 107 
GLN N    N N N 108 
GLN CA   C N S 109 
GLN C    C N N 110 
GLN O    O N N 111 
GLN CB   C N N 112 
GLN CG   C N N 113 
GLN CD   C N N 114 
GLN OE1  O N N 115 
GLN NE2  N N N 116 
GLN OXT  O N N 117 
GLN H    H N N 118 
GLN H2   H N N 119 
GLN HA   H N N 120 
GLN HB2  H N N 121 
GLN HB3  H N N 122 
GLN HG2  H N N 123 
GLN HG3  H N N 124 
GLN HE21 H N N 125 
GLN HE22 H N N 126 
GLN HXT  H N N 127 
GLU N    N N N 128 
GLU CA   C N S 129 
GLU C    C N N 130 
GLU O    O N N 131 
GLU CB   C N N 132 
GLU CG   C N N 133 
GLU CD   C N N 134 
GLU OE1  O N N 135 
GLU OE2  O N N 136 
GLU OXT  O N N 137 
GLU H    H N N 138 
GLU H2   H N N 139 
GLU HA   H N N 140 
GLU HB2  H N N 141 
GLU HB3  H N N 142 
GLU HG2  H N N 143 
GLU HG3  H N N 144 
GLU HE2  H N N 145 
GLU HXT  H N N 146 
GLY N    N N N 147 
GLY CA   C N N 148 
GLY C    C N N 149 
GLY O    O N N 150 
GLY OXT  O N N 151 
GLY H    H N N 152 
GLY H2   H N N 153 
GLY HA2  H N N 154 
GLY HA3  H N N 155 
GLY HXT  H N N 156 
HIS N    N N N 157 
HIS CA   C N S 158 
HIS C    C N N 159 
HIS O    O N N 160 
HIS CB   C N N 161 
HIS CG   C Y N 162 
HIS ND1  N Y N 163 
HIS CD2  C Y N 164 
HIS CE1  C Y N 165 
HIS NE2  N Y N 166 
HIS OXT  O N N 167 
HIS H    H N N 168 
HIS H2   H N N 169 
HIS HA   H N N 170 
HIS HB2  H N N 171 
HIS HB3  H N N 172 
HIS HD1  H N N 173 
HIS HD2  H N N 174 
HIS HE1  H N N 175 
HIS HE2  H N N 176 
HIS HXT  H N N 177 
HOH O    O N N 178 
HOH H1   H N N 179 
HOH H2   H N N 180 
ILE N    N N N 181 
ILE CA   C N S 182 
ILE C    C N N 183 
ILE O    O N N 184 
ILE CB   C N S 185 
ILE CG1  C N N 186 
ILE CG2  C N N 187 
ILE CD1  C N N 188 
ILE OXT  O N N 189 
ILE H    H N N 190 
ILE H2   H N N 191 
ILE HA   H N N 192 
ILE HB   H N N 193 
ILE HG12 H N N 194 
ILE HG13 H N N 195 
ILE HG21 H N N 196 
ILE HG22 H N N 197 
ILE HG23 H N N 198 
ILE HD11 H N N 199 
ILE HD12 H N N 200 
ILE HD13 H N N 201 
ILE HXT  H N N 202 
LEU N    N N N 203 
LEU CA   C N S 204 
LEU C    C N N 205 
LEU O    O N N 206 
LEU CB   C N N 207 
LEU CG   C N N 208 
LEU CD1  C N N 209 
LEU CD2  C N N 210 
LEU OXT  O N N 211 
LEU H    H N N 212 
LEU H2   H N N 213 
LEU HA   H N N 214 
LEU HB2  H N N 215 
LEU HB3  H N N 216 
LEU HG   H N N 217 
LEU HD11 H N N 218 
LEU HD12 H N N 219 
LEU HD13 H N N 220 
LEU HD21 H N N 221 
LEU HD22 H N N 222 
LEU HD23 H N N 223 
LEU HXT  H N N 224 
LYS N    N N N 225 
LYS CA   C N S 226 
LYS C    C N N 227 
LYS O    O N N 228 
LYS CB   C N N 229 
LYS CG   C N N 230 
LYS CD   C N N 231 
LYS CE   C N N 232 
LYS NZ   N N N 233 
LYS OXT  O N N 234 
LYS H    H N N 235 
LYS H2   H N N 236 
LYS HA   H N N 237 
LYS HB2  H N N 238 
LYS HB3  H N N 239 
LYS HG2  H N N 240 
LYS HG3  H N N 241 
LYS HD2  H N N 242 
LYS HD3  H N N 243 
LYS HE2  H N N 244 
LYS HE3  H N N 245 
LYS HZ1  H N N 246 
LYS HZ2  H N N 247 
LYS HZ3  H N N 248 
LYS HXT  H N N 249 
MET N    N N N 250 
MET CA   C N S 251 
MET C    C N N 252 
MET O    O N N 253 
MET CB   C N N 254 
MET CG   C N N 255 
MET SD   S N N 256 
MET CE   C N N 257 
MET OXT  O N N 258 
MET H    H N N 259 
MET H2   H N N 260 
MET HA   H N N 261 
MET HB2  H N N 262 
MET HB3  H N N 263 
MET HG2  H N N 264 
MET HG3  H N N 265 
MET HE1  H N N 266 
MET HE2  H N N 267 
MET HE3  H N N 268 
MET HXT  H N N 269 
PHE N    N N N 270 
PHE CA   C N S 271 
PHE C    C N N 272 
PHE O    O N N 273 
PHE CB   C N N 274 
PHE CG   C Y N 275 
PHE CD1  C Y N 276 
PHE CD2  C Y N 277 
PHE CE1  C Y N 278 
PHE CE2  C Y N 279 
PHE CZ   C Y N 280 
PHE OXT  O N N 281 
PHE H    H N N 282 
PHE H2   H N N 283 
PHE HA   H N N 284 
PHE HB2  H N N 285 
PHE HB3  H N N 286 
PHE HD1  H N N 287 
PHE HD2  H N N 288 
PHE HE1  H N N 289 
PHE HE2  H N N 290 
PHE HZ   H N N 291 
PHE HXT  H N N 292 
PO4 P    P N N 293 
PO4 O1   O N N 294 
PO4 O2   O N N 295 
PO4 O3   O N N 296 
PO4 O4   O N N 297 
PRO N    N N N 298 
PRO CA   C N S 299 
PRO C    C N N 300 
PRO O    O N N 301 
PRO CB   C N N 302 
PRO CG   C N N 303 
PRO CD   C N N 304 
PRO OXT  O N N 305 
PRO H    H N N 306 
PRO HA   H N N 307 
PRO HB2  H N N 308 
PRO HB3  H N N 309 
PRO HG2  H N N 310 
PRO HG3  H N N 311 
PRO HD2  H N N 312 
PRO HD3  H N N 313 
PRO HXT  H N N 314 
SER N    N N N 315 
SER CA   C N S 316 
SER C    C N N 317 
SER O    O N N 318 
SER CB   C N N 319 
SER OG   O N N 320 
SER OXT  O N N 321 
SER H    H N N 322 
SER H2   H N N 323 
SER HA   H N N 324 
SER HB2  H N N 325 
SER HB3  H N N 326 
SER HG   H N N 327 
SER HXT  H N N 328 
THR N    N N N 329 
THR CA   C N S 330 
THR C    C N N 331 
THR O    O N N 332 
THR CB   C N R 333 
THR OG1  O N N 334 
THR CG2  C N N 335 
THR OXT  O N N 336 
THR H    H N N 337 
THR H2   H N N 338 
THR HA   H N N 339 
THR HB   H N N 340 
THR HG1  H N N 341 
THR HG21 H N N 342 
THR HG22 H N N 343 
THR HG23 H N N 344 
THR HXT  H N N 345 
TRP N    N N N 346 
TRP CA   C N S 347 
TRP C    C N N 348 
TRP O    O N N 349 
TRP CB   C N N 350 
TRP CG   C Y N 351 
TRP CD1  C Y N 352 
TRP CD2  C Y N 353 
TRP NE1  N Y N 354 
TRP CE2  C Y N 355 
TRP CE3  C Y N 356 
TRP CZ2  C Y N 357 
TRP CZ3  C Y N 358 
TRP CH2  C Y N 359 
TRP OXT  O N N 360 
TRP H    H N N 361 
TRP H2   H N N 362 
TRP HA   H N N 363 
TRP HB2  H N N 364 
TRP HB3  H N N 365 
TRP HD1  H N N 366 
TRP HE1  H N N 367 
TRP HE3  H N N 368 
TRP HZ2  H N N 369 
TRP HZ3  H N N 370 
TRP HH2  H N N 371 
TRP HXT  H N N 372 
TYR N    N N N 373 
TYR CA   C N S 374 
TYR C    C N N 375 
TYR O    O N N 376 
TYR CB   C N N 377 
TYR CG   C Y N 378 
TYR CD1  C Y N 379 
TYR CD2  C Y N 380 
TYR CE1  C Y N 381 
TYR CE2  C Y N 382 
TYR CZ   C Y N 383 
TYR OH   O N N 384 
TYR OXT  O N N 385 
TYR H    H N N 386 
TYR H2   H N N 387 
TYR HA   H N N 388 
TYR HB2  H N N 389 
TYR HB3  H N N 390 
TYR HD1  H N N 391 
TYR HD2  H N N 392 
TYR HE1  H N N 393 
TYR HE2  H N N 394 
TYR HH   H N N 395 
TYR HXT  H N N 396 
VAL N    N N N 397 
VAL CA   C N S 398 
VAL C    C N N 399 
VAL O    O N N 400 
VAL CB   C N N 401 
VAL CG1  C N N 402 
VAL CG2  C N N 403 
VAL OXT  O N N 404 
VAL H    H N N 405 
VAL H2   H N N 406 
VAL HA   H N N 407 
VAL HB   H N N 408 
VAL HG11 H N N 409 
VAL HG12 H N N 410 
VAL HG13 H N N 411 
VAL HG21 H N N 412 
VAL HG22 H N N 413 
VAL HG23 H N N 414 
VAL HXT  H N N 415 
# 
loop_
_chem_comp_bond.comp_id 
_chem_comp_bond.atom_id_1 
_chem_comp_bond.atom_id_2 
_chem_comp_bond.value_order 
_chem_comp_bond.pdbx_aromatic_flag 
_chem_comp_bond.pdbx_stereo_config 
_chem_comp_bond.pdbx_ordinal 
261 CAA CAG  sing N N 1   
261 CAG OAH  sing N N 2   
261 OAH CAJ  sing N N 3   
261 CAJ CAF  doub Y N 4   
261 CAJ CAI  sing Y N 5   
261 CAF CAD  sing Y N 6   
261 CAD CAC  doub Y N 7   
261 CAC CAE  sing Y N 8   
261 CAE CAI  doub Y N 9   
261 CAI OAB  sing N N 10  
261 CAA HAA1 sing N N 11  
261 CAA HAA2 sing N N 12  
261 CAA HAA3 sing N N 13  
261 CAG HAG1 sing N N 14  
261 CAG HAG2 sing N N 15  
261 CAF HAF  sing N N 16  
261 CAD HAD  sing N N 17  
261 CAC HAC  sing N N 18  
261 CAE HAE  sing N N 19  
261 OAB HAB  sing N N 20  
ALA N   CA   sing N N 21  
ALA N   H    sing N N 22  
ALA N   H2   sing N N 23  
ALA CA  C    sing N N 24  
ALA CA  CB   sing N N 25  
ALA CA  HA   sing N N 26  
ALA C   O    doub N N 27  
ALA C   OXT  sing N N 28  
ALA CB  HB1  sing N N 29  
ALA CB  HB2  sing N N 30  
ALA CB  HB3  sing N N 31  
ALA OXT HXT  sing N N 32  
ARG N   CA   sing N N 33  
ARG N   H    sing N N 34  
ARG N   H2   sing N N 35  
ARG CA  C    sing N N 36  
ARG CA  CB   sing N N 37  
ARG CA  HA   sing N N 38  
ARG C   O    doub N N 39  
ARG C   OXT  sing N N 40  
ARG CB  CG   sing N N 41  
ARG CB  HB2  sing N N 42  
ARG CB  HB3  sing N N 43  
ARG CG  CD   sing N N 44  
ARG CG  HG2  sing N N 45  
ARG CG  HG3  sing N N 46  
ARG CD  NE   sing N N 47  
ARG CD  HD2  sing N N 48  
ARG CD  HD3  sing N N 49  
ARG NE  CZ   sing N N 50  
ARG NE  HE   sing N N 51  
ARG CZ  NH1  sing N N 52  
ARG CZ  NH2  doub N N 53  
ARG NH1 HH11 sing N N 54  
ARG NH1 HH12 sing N N 55  
ARG NH2 HH21 sing N N 56  
ARG NH2 HH22 sing N N 57  
ARG OXT HXT  sing N N 58  
ASN N   CA   sing N N 59  
ASN N   H    sing N N 60  
ASN N   H2   sing N N 61  
ASN CA  C    sing N N 62  
ASN CA  CB   sing N N 63  
ASN CA  HA   sing N N 64  
ASN C   O    doub N N 65  
ASN C   OXT  sing N N 66  
ASN CB  CG   sing N N 67  
ASN CB  HB2  sing N N 68  
ASN CB  HB3  sing N N 69  
ASN CG  OD1  doub N N 70  
ASN CG  ND2  sing N N 71  
ASN ND2 HD21 sing N N 72  
ASN ND2 HD22 sing N N 73  
ASN OXT HXT  sing N N 74  
ASP N   CA   sing N N 75  
ASP N   H    sing N N 76  
ASP N   H2   sing N N 77  
ASP CA  C    sing N N 78  
ASP CA  CB   sing N N 79  
ASP CA  HA   sing N N 80  
ASP C   O    doub N N 81  
ASP C   OXT  sing N N 82  
ASP CB  CG   sing N N 83  
ASP CB  HB2  sing N N 84  
ASP CB  HB3  sing N N 85  
ASP CG  OD1  doub N N 86  
ASP CG  OD2  sing N N 87  
ASP OD2 HD2  sing N N 88  
ASP OXT HXT  sing N N 89  
CYS N   CA   sing N N 90  
CYS N   H    sing N N 91  
CYS N   H2   sing N N 92  
CYS CA  C    sing N N 93  
CYS CA  CB   sing N N 94  
CYS CA  HA   sing N N 95  
CYS C   O    doub N N 96  
CYS C   OXT  sing N N 97  
CYS CB  SG   sing N N 98  
CYS CB  HB2  sing N N 99  
CYS CB  HB3  sing N N 100 
CYS SG  HG   sing N N 101 
CYS OXT HXT  sing N N 102 
GLN N   CA   sing N N 103 
GLN N   H    sing N N 104 
GLN N   H2   sing N N 105 
GLN CA  C    sing N N 106 
GLN CA  CB   sing N N 107 
GLN CA  HA   sing N N 108 
GLN C   O    doub N N 109 
GLN C   OXT  sing N N 110 
GLN CB  CG   sing N N 111 
GLN CB  HB2  sing N N 112 
GLN CB  HB3  sing N N 113 
GLN CG  CD   sing N N 114 
GLN CG  HG2  sing N N 115 
GLN CG  HG3  sing N N 116 
GLN CD  OE1  doub N N 117 
GLN CD  NE2  sing N N 118 
GLN NE2 HE21 sing N N 119 
GLN NE2 HE22 sing N N 120 
GLN OXT HXT  sing N N 121 
GLU N   CA   sing N N 122 
GLU N   H    sing N N 123 
GLU N   H2   sing N N 124 
GLU CA  C    sing N N 125 
GLU CA  CB   sing N N 126 
GLU CA  HA   sing N N 127 
GLU C   O    doub N N 128 
GLU C   OXT  sing N N 129 
GLU CB  CG   sing N N 130 
GLU CB  HB2  sing N N 131 
GLU CB  HB3  sing N N 132 
GLU CG  CD   sing N N 133 
GLU CG  HG2  sing N N 134 
GLU CG  HG3  sing N N 135 
GLU CD  OE1  doub N N 136 
GLU CD  OE2  sing N N 137 
GLU OE2 HE2  sing N N 138 
GLU OXT HXT  sing N N 139 
GLY N   CA   sing N N 140 
GLY N   H    sing N N 141 
GLY N   H2   sing N N 142 
GLY CA  C    sing N N 143 
GLY CA  HA2  sing N N 144 
GLY CA  HA3  sing N N 145 
GLY C   O    doub N N 146 
GLY C   OXT  sing N N 147 
GLY OXT HXT  sing N N 148 
HIS N   CA   sing N N 149 
HIS N   H    sing N N 150 
HIS N   H2   sing N N 151 
HIS CA  C    sing N N 152 
HIS CA  CB   sing N N 153 
HIS CA  HA   sing N N 154 
HIS C   O    doub N N 155 
HIS C   OXT  sing N N 156 
HIS CB  CG   sing N N 157 
HIS CB  HB2  sing N N 158 
HIS CB  HB3  sing N N 159 
HIS CG  ND1  sing Y N 160 
HIS CG  CD2  doub Y N 161 
HIS ND1 CE1  doub Y N 162 
HIS ND1 HD1  sing N N 163 
HIS CD2 NE2  sing Y N 164 
HIS CD2 HD2  sing N N 165 
HIS CE1 NE2  sing Y N 166 
HIS CE1 HE1  sing N N 167 
HIS NE2 HE2  sing N N 168 
HIS OXT HXT  sing N N 169 
HOH O   H1   sing N N 170 
HOH O   H2   sing N N 171 
ILE N   CA   sing N N 172 
ILE N   H    sing N N 173 
ILE N   H2   sing N N 174 
ILE CA  C    sing N N 175 
ILE CA  CB   sing N N 176 
ILE CA  HA   sing N N 177 
ILE C   O    doub N N 178 
ILE C   OXT  sing N N 179 
ILE CB  CG1  sing N N 180 
ILE CB  CG2  sing N N 181 
ILE CB  HB   sing N N 182 
ILE CG1 CD1  sing N N 183 
ILE CG1 HG12 sing N N 184 
ILE CG1 HG13 sing N N 185 
ILE CG2 HG21 sing N N 186 
ILE CG2 HG22 sing N N 187 
ILE CG2 HG23 sing N N 188 
ILE CD1 HD11 sing N N 189 
ILE CD1 HD12 sing N N 190 
ILE CD1 HD13 sing N N 191 
ILE OXT HXT  sing N N 192 
LEU N   CA   sing N N 193 
LEU N   H    sing N N 194 
LEU N   H2   sing N N 195 
LEU CA  C    sing N N 196 
LEU CA  CB   sing N N 197 
LEU CA  HA   sing N N 198 
LEU C   O    doub N N 199 
LEU C   OXT  sing N N 200 
LEU CB  CG   sing N N 201 
LEU CB  HB2  sing N N 202 
LEU CB  HB3  sing N N 203 
LEU CG  CD1  sing N N 204 
LEU CG  CD2  sing N N 205 
LEU CG  HG   sing N N 206 
LEU CD1 HD11 sing N N 207 
LEU CD1 HD12 sing N N 208 
LEU CD1 HD13 sing N N 209 
LEU CD2 HD21 sing N N 210 
LEU CD2 HD22 sing N N 211 
LEU CD2 HD23 sing N N 212 
LEU OXT HXT  sing N N 213 
LYS N   CA   sing N N 214 
LYS N   H    sing N N 215 
LYS N   H2   sing N N 216 
LYS CA  C    sing N N 217 
LYS CA  CB   sing N N 218 
LYS CA  HA   sing N N 219 
LYS C   O    doub N N 220 
LYS C   OXT  sing N N 221 
LYS CB  CG   sing N N 222 
LYS CB  HB2  sing N N 223 
LYS CB  HB3  sing N N 224 
LYS CG  CD   sing N N 225 
LYS CG  HG2  sing N N 226 
LYS CG  HG3  sing N N 227 
LYS CD  CE   sing N N 228 
LYS CD  HD2  sing N N 229 
LYS CD  HD3  sing N N 230 
LYS CE  NZ   sing N N 231 
LYS CE  HE2  sing N N 232 
LYS CE  HE3  sing N N 233 
LYS NZ  HZ1  sing N N 234 
LYS NZ  HZ2  sing N N 235 
LYS NZ  HZ3  sing N N 236 
LYS OXT HXT  sing N N 237 
MET N   CA   sing N N 238 
MET N   H    sing N N 239 
MET N   H2   sing N N 240 
MET CA  C    sing N N 241 
MET CA  CB   sing N N 242 
MET CA  HA   sing N N 243 
MET C   O    doub N N 244 
MET C   OXT  sing N N 245 
MET CB  CG   sing N N 246 
MET CB  HB2  sing N N 247 
MET CB  HB3  sing N N 248 
MET CG  SD   sing N N 249 
MET CG  HG2  sing N N 250 
MET CG  HG3  sing N N 251 
MET SD  CE   sing N N 252 
MET CE  HE1  sing N N 253 
MET CE  HE2  sing N N 254 
MET CE  HE3  sing N N 255 
MET OXT HXT  sing N N 256 
PHE N   CA   sing N N 257 
PHE N   H    sing N N 258 
PHE N   H2   sing N N 259 
PHE CA  C    sing N N 260 
PHE CA  CB   sing N N 261 
PHE CA  HA   sing N N 262 
PHE C   O    doub N N 263 
PHE C   OXT  sing N N 264 
PHE CB  CG   sing N N 265 
PHE CB  HB2  sing N N 266 
PHE CB  HB3  sing N N 267 
PHE CG  CD1  doub Y N 268 
PHE CG  CD2  sing Y N 269 
PHE CD1 CE1  sing Y N 270 
PHE CD1 HD1  sing N N 271 
PHE CD2 CE2  doub Y N 272 
PHE CD2 HD2  sing N N 273 
PHE CE1 CZ   doub Y N 274 
PHE CE1 HE1  sing N N 275 
PHE CE2 CZ   sing Y N 276 
PHE CE2 HE2  sing N N 277 
PHE CZ  HZ   sing N N 278 
PHE OXT HXT  sing N N 279 
PO4 P   O1   doub N N 280 
PO4 P   O2   sing N N 281 
PO4 P   O3   sing N N 282 
PO4 P   O4   sing N N 283 
PRO N   CA   sing N N 284 
PRO N   CD   sing N N 285 
PRO N   H    sing N N 286 
PRO CA  C    sing N N 287 
PRO CA  CB   sing N N 288 
PRO CA  HA   sing N N 289 
PRO C   O    doub N N 290 
PRO C   OXT  sing N N 291 
PRO CB  CG   sing N N 292 
PRO CB  HB2  sing N N 293 
PRO CB  HB3  sing N N 294 
PRO CG  CD   sing N N 295 
PRO CG  HG2  sing N N 296 
PRO CG  HG3  sing N N 297 
PRO CD  HD2  sing N N 298 
PRO CD  HD3  sing N N 299 
PRO OXT HXT  sing N N 300 
SER N   CA   sing N N 301 
SER N   H    sing N N 302 
SER N   H2   sing N N 303 
SER CA  C    sing N N 304 
SER CA  CB   sing N N 305 
SER CA  HA   sing N N 306 
SER C   O    doub N N 307 
SER C   OXT  sing N N 308 
SER CB  OG   sing N N 309 
SER CB  HB2  sing N N 310 
SER CB  HB3  sing N N 311 
SER OG  HG   sing N N 312 
SER OXT HXT  sing N N 313 
THR N   CA   sing N N 314 
THR N   H    sing N N 315 
THR N   H2   sing N N 316 
THR CA  C    sing N N 317 
THR CA  CB   sing N N 318 
THR CA  HA   sing N N 319 
THR C   O    doub N N 320 
THR C   OXT  sing N N 321 
THR CB  OG1  sing N N 322 
THR CB  CG2  sing N N 323 
THR CB  HB   sing N N 324 
THR OG1 HG1  sing N N 325 
THR CG2 HG21 sing N N 326 
THR CG2 HG22 sing N N 327 
THR CG2 HG23 sing N N 328 
THR OXT HXT  sing N N 329 
TRP N   CA   sing N N 330 
TRP N   H    sing N N 331 
TRP N   H2   sing N N 332 
TRP CA  C    sing N N 333 
TRP CA  CB   sing N N 334 
TRP CA  HA   sing N N 335 
TRP C   O    doub N N 336 
TRP C   OXT  sing N N 337 
TRP CB  CG   sing N N 338 
TRP CB  HB2  sing N N 339 
TRP CB  HB3  sing N N 340 
TRP CG  CD1  doub Y N 341 
TRP CG  CD2  sing Y N 342 
TRP CD1 NE1  sing Y N 343 
TRP CD1 HD1  sing N N 344 
TRP CD2 CE2  doub Y N 345 
TRP CD2 CE3  sing Y N 346 
TRP NE1 CE2  sing Y N 347 
TRP NE1 HE1  sing N N 348 
TRP CE2 CZ2  sing Y N 349 
TRP CE3 CZ3  doub Y N 350 
TRP CE3 HE3  sing N N 351 
TRP CZ2 CH2  doub Y N 352 
TRP CZ2 HZ2  sing N N 353 
TRP CZ3 CH2  sing Y N 354 
TRP CZ3 HZ3  sing N N 355 
TRP CH2 HH2  sing N N 356 
TRP OXT HXT  sing N N 357 
TYR N   CA   sing N N 358 
TYR N   H    sing N N 359 
TYR N   H2   sing N N 360 
TYR CA  C    sing N N 361 
TYR CA  CB   sing N N 362 
TYR CA  HA   sing N N 363 
TYR C   O    doub N N 364 
TYR C   OXT  sing N N 365 
TYR CB  CG   sing N N 366 
TYR CB  HB2  sing N N 367 
TYR CB  HB3  sing N N 368 
TYR CG  CD1  doub Y N 369 
TYR CG  CD2  sing Y N 370 
TYR CD1 CE1  sing Y N 371 
TYR CD1 HD1  sing N N 372 
TYR CD2 CE2  doub Y N 373 
TYR CD2 HD2  sing N N 374 
TYR CE1 CZ   doub Y N 375 
TYR CE1 HE1  sing N N 376 
TYR CE2 CZ   sing Y N 377 
TYR CE2 HE2  sing N N 378 
TYR CZ  OH   sing N N 379 
TYR OH  HH   sing N N 380 
TYR OXT HXT  sing N N 381 
VAL N   CA   sing N N 382 
VAL N   H    sing N N 383 
VAL N   H2   sing N N 384 
VAL CA  C    sing N N 385 
VAL CA  CB   sing N N 386 
VAL CA  HA   sing N N 387 
VAL C   O    doub N N 388 
VAL C   OXT  sing N N 389 
VAL CB  CG1  sing N N 390 
VAL CB  CG2  sing N N 391 
VAL CB  HB   sing N N 392 
VAL CG1 HG11 sing N N 393 
VAL CG1 HG12 sing N N 394 
VAL CG1 HG13 sing N N 395 
VAL CG2 HG21 sing N N 396 
VAL CG2 HG22 sing N N 397 
VAL CG2 HG23 sing N N 398 
VAL OXT HXT  sing N N 399 
# 
loop_
_pdbx_entity_nonpoly.entity_id 
_pdbx_entity_nonpoly.name 
_pdbx_entity_nonpoly.comp_id 
2 'PHOSPHATE ION' PO4 
3 2-ethoxyphenol  261 
4 water           HOH 
# 
_pdbx_initial_refinement_model.id               1 
_pdbx_initial_refinement_model.entity_id_list   ? 
_pdbx_initial_refinement_model.type             'experimental model' 
_pdbx_initial_refinement_model.source_name      PDB 
_pdbx_initial_refinement_model.accession_code   1LGU 
_pdbx_initial_refinement_model.details          'PDB ENTRY 1LGU' 
# 
